data_3T8R
# 
_entry.id   3T8R 
# 
_audit_conform.dict_name       mmcif_pdbx.dic 
_audit_conform.dict_version    5.387 
_audit_conform.dict_location   http://mmcif.pdb.org/dictionaries/ascii/mmcif_pdbx.dic 
# 
loop_
_database_2.database_id 
_database_2.database_code 
_database_2.pdbx_database_accession 
_database_2.pdbx_DOI 
PDB   3T8R         pdb_00003t8r 10.2210/pdb3t8r/pdb 
RCSB  RCSB067179   ?            ?                   
WWPDB D_1000067179 ?            ?                   
# 
loop_
_pdbx_audit_revision_history.ordinal 
_pdbx_audit_revision_history.data_content_type 
_pdbx_audit_revision_history.major_revision 
_pdbx_audit_revision_history.minor_revision 
_pdbx_audit_revision_history.revision_date 
1 'Structure model' 1 0 2012-05-16 
2 'Structure model' 1 1 2012-07-18 
3 'Structure model' 1 2 2024-02-28 
# 
_pdbx_audit_revision_details.ordinal             1 
_pdbx_audit_revision_details.revision_ordinal    1 
_pdbx_audit_revision_details.data_content_type   'Structure model' 
_pdbx_audit_revision_details.provider            repository 
_pdbx_audit_revision_details.type                'Initial release' 
_pdbx_audit_revision_details.description         ? 
_pdbx_audit_revision_details.details             ? 
# 
loop_
_pdbx_audit_revision_group.ordinal 
_pdbx_audit_revision_group.revision_ordinal 
_pdbx_audit_revision_group.data_content_type 
_pdbx_audit_revision_group.group 
1 2 'Structure model' 'Database references' 
2 3 'Structure model' 'Data collection'     
3 3 'Structure model' 'Database references' 
# 
loop_
_pdbx_audit_revision_category.ordinal 
_pdbx_audit_revision_category.revision_ordinal 
_pdbx_audit_revision_category.data_content_type 
_pdbx_audit_revision_category.category 
1 3 'Structure model' chem_comp_atom     
2 3 'Structure model' chem_comp_bond     
3 3 'Structure model' database_2         
4 3 'Structure model' struct_ref_seq_dif 
# 
loop_
_pdbx_audit_revision_item.ordinal 
_pdbx_audit_revision_item.revision_ordinal 
_pdbx_audit_revision_item.data_content_type 
_pdbx_audit_revision_item.item 
1 3 'Structure model' '_database_2.pdbx_DOI'                
2 3 'Structure model' '_database_2.pdbx_database_accession' 
3 3 'Structure model' '_struct_ref_seq_dif.details'         
# 
_pdbx_database_status.status_code                     REL 
_pdbx_database_status.entry_id                        3T8R 
_pdbx_database_status.recvd_initial_deposition_date   2011-08-01 
_pdbx_database_status.deposit_site                    RCSB 
_pdbx_database_status.process_site                    RCSB 
_pdbx_database_status.status_code_sf                  REL 
_pdbx_database_status.status_code_mr                  ? 
_pdbx_database_status.SG_entry                        ? 
_pdbx_database_status.status_code_cs                  ? 
_pdbx_database_status.pdb_format_compatible           Y 
_pdbx_database_status.status_code_nmr_data            ? 
_pdbx_database_status.methods_development_category    ? 
# 
_pdbx_database_related.db_name        PDB 
_pdbx_database_related.db_id          3T8T 
_pdbx_database_related.details        . 
_pdbx_database_related.content_type   unspecified 
# 
loop_
_audit_author.name 
_audit_author.pdbx_ordinal 
'He, C.' 1 
'Ji, Q.' 2 
# 
_citation.id                        primary 
_citation.title                     
'Staphylococcus aureus CymR Is a New Thiol-based Oxidation-sensing Regulator of Stress Resistance and Oxidative Response.' 
_citation.journal_abbrev            J.Biol.Chem. 
_citation.journal_volume            287 
_citation.page_first                21102 
_citation.page_last                 21109 
_citation.year                      2012 
_citation.journal_id_ASTM           JBCHA3 
_citation.country                   US 
_citation.journal_id_ISSN           0021-9258 
_citation.journal_id_CSD            0071 
_citation.book_publisher            ? 
_citation.pdbx_database_id_PubMed   22553203 
_citation.pdbx_database_id_DOI      10.1074/jbc.M112.359737 
# 
loop_
_citation_author.citation_id 
_citation_author.name 
_citation_author.ordinal 
_citation_author.identifier_ORCID 
primary 'Ji, Q.'    1 ? 
primary 'Zhang, L.' 2 ? 
primary 'Sun, F.'   3 ? 
primary 'Deng, X.'  4 ? 
primary 'Liang, H.' 5 ? 
primary 'Bae, T.'   6 ? 
primary 'He, C.'    7 ? 
# 
loop_
_entity.id 
_entity.type 
_entity.src_method 
_entity.pdbx_description 
_entity.formula_weight 
_entity.pdbx_number_of_molecules 
_entity.pdbx_ec 
_entity.pdbx_mutation 
_entity.pdbx_fragment 
_entity.details 
1 polymer man 'Staphylococcus aureus CymR' 15932.227 1  ? ? ? ? 
2 water   nat water                        18.015    65 ? ? ? ? 
# 
_entity_poly.entity_id                      1 
_entity_poly.type                           'polypeptide(L)' 
_entity_poly.nstd_linkage                   no 
_entity_poly.nstd_monomer                   no 
_entity_poly.pdbx_seq_one_letter_code       
;SNAMKISTKGRYGLTLMISLAKKEGQGCISLKSIAEENNLSDLYLEQLVGPLRNAGLIRSVRGAKGGYQLRVPAEEISAG
DIIRLLEGPITFVESIESEPPAQKQLWIRMRDAVRDVLDNTTLKYLAEYVDTSEDLDGYMFYI
;
_entity_poly.pdbx_seq_one_letter_code_can   
;SNAMKISTKGRYGLTLMISLAKKEGQGCISLKSIAEENNLSDLYLEQLVGPLRNAGLIRSVRGAKGGYQLRVPAEEISAG
DIIRLLEGPITFVESIESEPPAQKQLWIRMRDAVRDVLDNTTLKYLAEYVDTSEDLDGYMFYI
;
_entity_poly.pdbx_strand_id                 A 
_entity_poly.pdbx_target_identifier         ? 
# 
_pdbx_entity_nonpoly.entity_id   2 
_pdbx_entity_nonpoly.name        water 
_pdbx_entity_nonpoly.comp_id     HOH 
# 
loop_
_entity_poly_seq.entity_id 
_entity_poly_seq.num 
_entity_poly_seq.mon_id 
_entity_poly_seq.hetero 
1 1   SER n 
1 2   ASN n 
1 3   ALA n 
1 4   MET n 
1 5   LYS n 
1 6   ILE n 
1 7   SER n 
1 8   THR n 
1 9   LYS n 
1 10  GLY n 
1 11  ARG n 
1 12  TYR n 
1 13  GLY n 
1 14  LEU n 
1 15  THR n 
1 16  LEU n 
1 17  MET n 
1 18  ILE n 
1 19  SER n 
1 20  LEU n 
1 21  ALA n 
1 22  LYS n 
1 23  LYS n 
1 24  GLU n 
1 25  GLY n 
1 26  GLN n 
1 27  GLY n 
1 28  CYS n 
1 29  ILE n 
1 30  SER n 
1 31  LEU n 
1 32  LYS n 
1 33  SER n 
1 34  ILE n 
1 35  ALA n 
1 36  GLU n 
1 37  GLU n 
1 38  ASN n 
1 39  ASN n 
1 40  LEU n 
1 41  SER n 
1 42  ASP n 
1 43  LEU n 
1 44  TYR n 
1 45  LEU n 
1 46  GLU n 
1 47  GLN n 
1 48  LEU n 
1 49  VAL n 
1 50  GLY n 
1 51  PRO n 
1 52  LEU n 
1 53  ARG n 
1 54  ASN n 
1 55  ALA n 
1 56  GLY n 
1 57  LEU n 
1 58  ILE n 
1 59  ARG n 
1 60  SER n 
1 61  VAL n 
1 62  ARG n 
1 63  GLY n 
1 64  ALA n 
1 65  LYS n 
1 66  GLY n 
1 67  GLY n 
1 68  TYR n 
1 69  GLN n 
1 70  LEU n 
1 71  ARG n 
1 72  VAL n 
1 73  PRO n 
1 74  ALA n 
1 75  GLU n 
1 76  GLU n 
1 77  ILE n 
1 78  SER n 
1 79  ALA n 
1 80  GLY n 
1 81  ASP n 
1 82  ILE n 
1 83  ILE n 
1 84  ARG n 
1 85  LEU n 
1 86  LEU n 
1 87  GLU n 
1 88  GLY n 
1 89  PRO n 
1 90  ILE n 
1 91  THR n 
1 92  PHE n 
1 93  VAL n 
1 94  GLU n 
1 95  SER n 
1 96  ILE n 
1 97  GLU n 
1 98  SER n 
1 99  GLU n 
1 100 PRO n 
1 101 PRO n 
1 102 ALA n 
1 103 GLN n 
1 104 LYS n 
1 105 GLN n 
1 106 LEU n 
1 107 TRP n 
1 108 ILE n 
1 109 ARG n 
1 110 MET n 
1 111 ARG n 
1 112 ASP n 
1 113 ALA n 
1 114 VAL n 
1 115 ARG n 
1 116 ASP n 
1 117 VAL n 
1 118 LEU n 
1 119 ASP n 
1 120 ASN n 
1 121 THR n 
1 122 THR n 
1 123 LEU n 
1 124 LYS n 
1 125 TYR n 
1 126 LEU n 
1 127 ALA n 
1 128 GLU n 
1 129 TYR n 
1 130 VAL n 
1 131 ASP n 
1 132 THR n 
1 133 SER n 
1 134 GLU n 
1 135 ASP n 
1 136 LEU n 
1 137 ASP n 
1 138 GLY n 
1 139 TYR n 
1 140 MET n 
1 141 PHE n 
1 142 TYR n 
1 143 ILE n 
# 
_entity_src_gen.entity_id                          1 
_entity_src_gen.pdbx_src_id                        1 
_entity_src_gen.pdbx_alt_source_flag               sample 
_entity_src_gen.pdbx_seq_type                      ? 
_entity_src_gen.pdbx_beg_seq_num                   ? 
_entity_src_gen.pdbx_end_seq_num                   ? 
_entity_src_gen.gene_src_common_name               ? 
_entity_src_gen.gene_src_genus                     ? 
_entity_src_gen.pdbx_gene_src_gene                 SAV1626 
_entity_src_gen.gene_src_species                   ? 
_entity_src_gen.gene_src_strain                    Mu50 
_entity_src_gen.gene_src_tissue                    ? 
_entity_src_gen.gene_src_tissue_fraction           ? 
_entity_src_gen.gene_src_details                   ? 
_entity_src_gen.pdbx_gene_src_fragment             ? 
_entity_src_gen.pdbx_gene_src_scientific_name      'Staphylococcus aureus' 
_entity_src_gen.pdbx_gene_src_ncbi_taxonomy_id     158878 
_entity_src_gen.pdbx_gene_src_variant              ? 
_entity_src_gen.pdbx_gene_src_cell_line            ? 
_entity_src_gen.pdbx_gene_src_atcc                 700699 
_entity_src_gen.pdbx_gene_src_organ                ? 
_entity_src_gen.pdbx_gene_src_organelle            ? 
_entity_src_gen.pdbx_gene_src_cell                 ? 
_entity_src_gen.pdbx_gene_src_cellular_location    ? 
_entity_src_gen.host_org_common_name               ? 
_entity_src_gen.pdbx_host_org_scientific_name      'Escherichia coli' 
_entity_src_gen.pdbx_host_org_ncbi_taxonomy_id     562 
_entity_src_gen.host_org_genus                     ? 
_entity_src_gen.pdbx_host_org_gene                 ? 
_entity_src_gen.pdbx_host_org_organ                ? 
_entity_src_gen.host_org_species                   ? 
_entity_src_gen.pdbx_host_org_tissue               ? 
_entity_src_gen.pdbx_host_org_tissue_fraction      ? 
_entity_src_gen.pdbx_host_org_strain               ? 
_entity_src_gen.pdbx_host_org_variant              ? 
_entity_src_gen.pdbx_host_org_cell_line            ? 
_entity_src_gen.pdbx_host_org_atcc                 ? 
_entity_src_gen.pdbx_host_org_culture_collection   ? 
_entity_src_gen.pdbx_host_org_cell                 ? 
_entity_src_gen.pdbx_host_org_organelle            ? 
_entity_src_gen.pdbx_host_org_cellular_location    ? 
_entity_src_gen.pdbx_host_org_vector_type          ? 
_entity_src_gen.pdbx_host_org_vector               ? 
_entity_src_gen.host_org_details                   ? 
_entity_src_gen.expression_system_id               ? 
_entity_src_gen.plasmid_name                       ? 
_entity_src_gen.plasmid_details                    ? 
_entity_src_gen.pdbx_description                   ? 
# 
loop_
_chem_comp.id 
_chem_comp.type 
_chem_comp.mon_nstd_flag 
_chem_comp.name 
_chem_comp.pdbx_synonyms 
_chem_comp.formula 
_chem_comp.formula_weight 
ALA 'L-peptide linking' y ALANINE         ? 'C3 H7 N O2'     89.093  
ARG 'L-peptide linking' y ARGININE        ? 'C6 H15 N4 O2 1' 175.209 
ASN 'L-peptide linking' y ASPARAGINE      ? 'C4 H8 N2 O3'    132.118 
ASP 'L-peptide linking' y 'ASPARTIC ACID' ? 'C4 H7 N O4'     133.103 
CYS 'L-peptide linking' y CYSTEINE        ? 'C3 H7 N O2 S'   121.158 
GLN 'L-peptide linking' y GLUTAMINE       ? 'C5 H10 N2 O3'   146.144 
GLU 'L-peptide linking' y 'GLUTAMIC ACID' ? 'C5 H9 N O4'     147.129 
GLY 'peptide linking'   y GLYCINE         ? 'C2 H5 N O2'     75.067  
HOH non-polymer         . WATER           ? 'H2 O'           18.015  
ILE 'L-peptide linking' y ISOLEUCINE      ? 'C6 H13 N O2'    131.173 
LEU 'L-peptide linking' y LEUCINE         ? 'C6 H13 N O2'    131.173 
LYS 'L-peptide linking' y LYSINE          ? 'C6 H15 N2 O2 1' 147.195 
MET 'L-peptide linking' y METHIONINE      ? 'C5 H11 N O2 S'  149.211 
PHE 'L-peptide linking' y PHENYLALANINE   ? 'C9 H11 N O2'    165.189 
PRO 'L-peptide linking' y PROLINE         ? 'C5 H9 N O2'     115.130 
SER 'L-peptide linking' y SERINE          ? 'C3 H7 N O3'     105.093 
THR 'L-peptide linking' y THREONINE       ? 'C4 H9 N O3'     119.119 
TRP 'L-peptide linking' y TRYPTOPHAN      ? 'C11 H12 N2 O2'  204.225 
TYR 'L-peptide linking' y TYROSINE        ? 'C9 H11 N O3'    181.189 
VAL 'L-peptide linking' y VALINE          ? 'C5 H11 N O2'    117.146 
# 
loop_
_pdbx_poly_seq_scheme.asym_id 
_pdbx_poly_seq_scheme.entity_id 
_pdbx_poly_seq_scheme.seq_id 
_pdbx_poly_seq_scheme.mon_id 
_pdbx_poly_seq_scheme.ndb_seq_num 
_pdbx_poly_seq_scheme.pdb_seq_num 
_pdbx_poly_seq_scheme.auth_seq_num 
_pdbx_poly_seq_scheme.pdb_mon_id 
_pdbx_poly_seq_scheme.auth_mon_id 
_pdbx_poly_seq_scheme.pdb_strand_id 
_pdbx_poly_seq_scheme.pdb_ins_code 
_pdbx_poly_seq_scheme.hetero 
A 1 1   SER 1   -2  ?   ?   ?   A . n 
A 1 2   ASN 2   -1  ?   ?   ?   A . n 
A 1 3   ALA 3   0   ?   ?   ?   A . n 
A 1 4   MET 4   1   ?   ?   ?   A . n 
A 1 5   LYS 5   2   ?   ?   ?   A . n 
A 1 6   ILE 6   3   ?   ?   ?   A . n 
A 1 7   SER 7   4   4   SER SER A . n 
A 1 8   THR 8   5   5   THR THR A . n 
A 1 9   LYS 9   6   6   LYS LYS A . n 
A 1 10  GLY 10  7   7   GLY GLY A . n 
A 1 11  ARG 11  8   8   ARG ARG A . n 
A 1 12  TYR 12  9   9   TYR TYR A . n 
A 1 13  GLY 13  10  10  GLY GLY A . n 
A 1 14  LEU 14  11  11  LEU LEU A . n 
A 1 15  THR 15  12  12  THR THR A . n 
A 1 16  LEU 16  13  13  LEU LEU A . n 
A 1 17  MET 17  14  14  MET MET A . n 
A 1 18  ILE 18  15  15  ILE ILE A . n 
A 1 19  SER 19  16  16  SER SER A . n 
A 1 20  LEU 20  17  17  LEU LEU A . n 
A 1 21  ALA 21  18  18  ALA ALA A . n 
A 1 22  LYS 22  19  19  LYS LYS A . n 
A 1 23  LYS 23  20  20  LYS LYS A . n 
A 1 24  GLU 24  21  21  GLU GLU A . n 
A 1 25  GLY 25  22  22  GLY GLY A . n 
A 1 26  GLN 26  23  23  GLN GLN A . n 
A 1 27  GLY 27  24  24  GLY GLY A . n 
A 1 28  CYS 28  25  25  CYS CYS A . n 
A 1 29  ILE 29  26  26  ILE ILE A . n 
A 1 30  SER 30  27  27  SER SER A . n 
A 1 31  LEU 31  28  28  LEU LEU A . n 
A 1 32  LYS 32  29  29  LYS LYS A . n 
A 1 33  SER 33  30  30  SER SER A . n 
A 1 34  ILE 34  31  31  ILE ILE A . n 
A 1 35  ALA 35  32  32  ALA ALA A . n 
A 1 36  GLU 36  33  33  GLU GLU A . n 
A 1 37  GLU 37  34  34  GLU GLU A . n 
A 1 38  ASN 38  35  35  ASN ASN A . n 
A 1 39  ASN 39  36  36  ASN ASN A . n 
A 1 40  LEU 40  37  37  LEU LEU A . n 
A 1 41  SER 41  38  38  SER SER A . n 
A 1 42  ASP 42  39  39  ASP ASP A . n 
A 1 43  LEU 43  40  40  LEU LEU A . n 
A 1 44  TYR 44  41  41  TYR TYR A . n 
A 1 45  LEU 45  42  42  LEU LEU A . n 
A 1 46  GLU 46  43  43  GLU GLU A . n 
A 1 47  GLN 47  44  44  GLN GLN A . n 
A 1 48  LEU 48  45  45  LEU LEU A . n 
A 1 49  VAL 49  46  46  VAL VAL A . n 
A 1 50  GLY 50  47  47  GLY GLY A . n 
A 1 51  PRO 51  48  48  PRO PRO A . n 
A 1 52  LEU 52  49  49  LEU LEU A . n 
A 1 53  ARG 53  50  50  ARG ARG A . n 
A 1 54  ASN 54  51  51  ASN ASN A . n 
A 1 55  ALA 55  52  52  ALA ALA A . n 
A 1 56  GLY 56  53  53  GLY GLY A . n 
A 1 57  LEU 57  54  54  LEU LEU A . n 
A 1 58  ILE 58  55  55  ILE ILE A . n 
A 1 59  ARG 59  56  56  ARG ARG A . n 
A 1 60  SER 60  57  57  SER SER A . n 
A 1 61  VAL 61  58  58  VAL VAL A . n 
A 1 62  ARG 62  59  59  ARG ARG A . n 
A 1 63  GLY 63  60  60  GLY GLY A . n 
A 1 64  ALA 64  61  61  ALA ALA A . n 
A 1 65  LYS 65  62  62  LYS LYS A . n 
A 1 66  GLY 66  63  63  GLY GLY A . n 
A 1 67  GLY 67  64  64  GLY GLY A . n 
A 1 68  TYR 68  65  65  TYR TYR A . n 
A 1 69  GLN 69  66  66  GLN GLN A . n 
A 1 70  LEU 70  67  67  LEU LEU A . n 
A 1 71  ARG 71  68  68  ARG ARG A . n 
A 1 72  VAL 72  69  69  VAL VAL A . n 
A 1 73  PRO 73  70  70  PRO PRO A . n 
A 1 74  ALA 74  71  71  ALA ALA A . n 
A 1 75  GLU 75  72  72  GLU GLU A . n 
A 1 76  GLU 76  73  73  GLU GLU A . n 
A 1 77  ILE 77  74  74  ILE ILE A . n 
A 1 78  SER 78  75  75  SER SER A . n 
A 1 79  ALA 79  76  76  ALA ALA A . n 
A 1 80  GLY 80  77  77  GLY GLY A . n 
A 1 81  ASP 81  78  78  ASP ASP A . n 
A 1 82  ILE 82  79  79  ILE ILE A . n 
A 1 83  ILE 83  80  80  ILE ILE A . n 
A 1 84  ARG 84  81  81  ARG ARG A . n 
A 1 85  LEU 85  82  82  LEU LEU A . n 
A 1 86  LEU 86  83  83  LEU LEU A . n 
A 1 87  GLU 87  84  84  GLU GLU A . n 
A 1 88  GLY 88  85  85  GLY GLY A . n 
A 1 89  PRO 89  86  86  PRO PRO A . n 
A 1 90  ILE 90  87  ?   ?   ?   A . n 
A 1 91  THR 91  88  ?   ?   ?   A . n 
A 1 92  PHE 92  89  ?   ?   ?   A . n 
A 1 93  VAL 93  90  ?   ?   ?   A . n 
A 1 94  GLU 94  91  91  GLU GLU A . n 
A 1 95  SER 95  92  92  SER SER A . n 
A 1 96  ILE 96  93  93  ILE ILE A . n 
A 1 97  GLU 97  94  94  GLU GLU A . n 
A 1 98  SER 98  95  95  SER SER A . n 
A 1 99  GLU 99  96  96  GLU GLU A . n 
A 1 100 PRO 100 97  97  PRO PRO A . n 
A 1 101 PRO 101 98  98  PRO PRO A . n 
A 1 102 ALA 102 99  99  ALA ALA A . n 
A 1 103 GLN 103 100 100 GLN GLN A . n 
A 1 104 LYS 104 101 101 LYS LYS A . n 
A 1 105 GLN 105 102 102 GLN GLN A . n 
A 1 106 LEU 106 103 103 LEU LEU A . n 
A 1 107 TRP 107 104 104 TRP TRP A . n 
A 1 108 ILE 108 105 105 ILE ILE A . n 
A 1 109 ARG 109 106 106 ARG ARG A . n 
A 1 110 MET 110 107 107 MET MET A . n 
A 1 111 ARG 111 108 108 ARG ARG A . n 
A 1 112 ASP 112 109 109 ASP ASP A . n 
A 1 113 ALA 113 110 110 ALA ALA A . n 
A 1 114 VAL 114 111 111 VAL VAL A . n 
A 1 115 ARG 115 112 112 ARG ARG A . n 
A 1 116 ASP 116 113 113 ASP ASP A . n 
A 1 117 VAL 117 114 114 VAL VAL A . n 
A 1 118 LEU 118 115 115 LEU LEU A . n 
A 1 119 ASP 119 116 116 ASP ASP A . n 
A 1 120 ASN 120 117 117 ASN ASN A . n 
A 1 121 THR 121 118 118 THR THR A . n 
A 1 122 THR 122 119 119 THR THR A . n 
A 1 123 LEU 123 120 120 LEU LEU A . n 
A 1 124 LYS 124 121 121 LYS LYS A . n 
A 1 125 TYR 125 122 122 TYR TYR A . n 
A 1 126 LEU 126 123 123 LEU LEU A . n 
A 1 127 ALA 127 124 124 ALA ALA A . n 
A 1 128 GLU 128 125 125 GLU GLU A . n 
A 1 129 TYR 129 126 126 TYR TYR A . n 
A 1 130 VAL 130 127 127 VAL VAL A . n 
A 1 131 ASP 131 128 128 ASP ASP A . n 
A 1 132 THR 132 129 129 THR THR A . n 
A 1 133 SER 133 130 ?   ?   ?   A . n 
A 1 134 GLU 134 131 ?   ?   ?   A . n 
A 1 135 ASP 135 132 ?   ?   ?   A . n 
A 1 136 LEU 136 133 ?   ?   ?   A . n 
A 1 137 ASP 137 134 ?   ?   ?   A . n 
A 1 138 GLY 138 135 ?   ?   ?   A . n 
A 1 139 TYR 139 136 ?   ?   ?   A . n 
A 1 140 MET 140 137 ?   ?   ?   A . n 
A 1 141 PHE 141 138 ?   ?   ?   A . n 
A 1 142 TYR 142 139 ?   ?   ?   A . n 
A 1 143 ILE 143 140 ?   ?   ?   A . n 
# 
loop_
_pdbx_nonpoly_scheme.asym_id 
_pdbx_nonpoly_scheme.entity_id 
_pdbx_nonpoly_scheme.mon_id 
_pdbx_nonpoly_scheme.ndb_seq_num 
_pdbx_nonpoly_scheme.pdb_seq_num 
_pdbx_nonpoly_scheme.auth_seq_num 
_pdbx_nonpoly_scheme.pdb_mon_id 
_pdbx_nonpoly_scheme.auth_mon_id 
_pdbx_nonpoly_scheme.pdb_strand_id 
_pdbx_nonpoly_scheme.pdb_ins_code 
B 2 HOH 1  141 1  HOH HOH A . 
B 2 HOH 2  142 2  HOH HOH A . 
B 2 HOH 3  143 3  HOH HOH A . 
B 2 HOH 4  144 4  HOH HOH A . 
B 2 HOH 5  145 5  HOH HOH A . 
B 2 HOH 6  146 6  HOH HOH A . 
B 2 HOH 7  147 7  HOH HOH A . 
B 2 HOH 8  148 8  HOH HOH A . 
B 2 HOH 9  149 9  HOH HOH A . 
B 2 HOH 10 150 10 HOH HOH A . 
B 2 HOH 11 151 11 HOH HOH A . 
B 2 HOH 12 152 12 HOH HOH A . 
B 2 HOH 13 153 13 HOH HOH A . 
B 2 HOH 14 154 14 HOH HOH A . 
B 2 HOH 15 155 15 HOH HOH A . 
B 2 HOH 16 156 16 HOH HOH A . 
B 2 HOH 17 157 17 HOH HOH A . 
B 2 HOH 18 158 18 HOH HOH A . 
B 2 HOH 19 159 19 HOH HOH A . 
B 2 HOH 20 160 20 HOH HOH A . 
B 2 HOH 21 161 21 HOH HOH A . 
B 2 HOH 22 162 22 HOH HOH A . 
B 2 HOH 23 163 23 HOH HOH A . 
B 2 HOH 24 164 24 HOH HOH A . 
B 2 HOH 25 165 25 HOH HOH A . 
B 2 HOH 26 166 26 HOH HOH A . 
B 2 HOH 27 167 27 HOH HOH A . 
B 2 HOH 28 168 28 HOH HOH A . 
B 2 HOH 29 169 29 HOH HOH A . 
B 2 HOH 30 170 30 HOH HOH A . 
B 2 HOH 31 171 31 HOH HOH A . 
B 2 HOH 32 172 32 HOH HOH A . 
B 2 HOH 33 173 33 HOH HOH A . 
B 2 HOH 34 174 34 HOH HOH A . 
B 2 HOH 35 175 35 HOH HOH A . 
B 2 HOH 36 176 36 HOH HOH A . 
B 2 HOH 37 177 37 HOH HOH A . 
B 2 HOH 38 178 38 HOH HOH A . 
B 2 HOH 39 179 39 HOH HOH A . 
B 2 HOH 40 180 40 HOH HOH A . 
B 2 HOH 41 181 41 HOH HOH A . 
B 2 HOH 42 182 42 HOH HOH A . 
B 2 HOH 43 183 43 HOH HOH A . 
B 2 HOH 44 184 44 HOH HOH A . 
B 2 HOH 45 185 45 HOH HOH A . 
B 2 HOH 46 186 46 HOH HOH A . 
B 2 HOH 47 187 47 HOH HOH A . 
B 2 HOH 48 188 48 HOH HOH A . 
B 2 HOH 49 189 49 HOH HOH A . 
B 2 HOH 50 190 50 HOH HOH A . 
B 2 HOH 51 191 51 HOH HOH A . 
B 2 HOH 52 192 52 HOH HOH A . 
B 2 HOH 53 193 53 HOH HOH A . 
B 2 HOH 54 194 54 HOH HOH A . 
B 2 HOH 55 195 55 HOH HOH A . 
B 2 HOH 56 196 56 HOH HOH A . 
B 2 HOH 57 197 57 HOH HOH A . 
B 2 HOH 58 198 58 HOH HOH A . 
B 2 HOH 59 199 59 HOH HOH A . 
B 2 HOH 60 200 60 HOH HOH A . 
B 2 HOH 61 201 61 HOH HOH A . 
B 2 HOH 62 202 62 HOH HOH A . 
B 2 HOH 63 203 63 HOH HOH A . 
B 2 HOH 64 204 64 HOH HOH A . 
B 2 HOH 65 205 65 HOH HOH A . 
# 
loop_
_software.name 
_software.classification 
_software.version 
_software.citation_id 
_software.pdbx_ordinal 
HKL-2000 'data collection' .                            ? 1 
PHASES   phasing           .                            ? 2 
PHENIX   refinement        '(phenix.refine: 1.6.1_357)' ? 3 
HKL-2000 'data reduction'  .                            ? 4 
HKL-2000 'data scaling'    .                            ? 5 
# 
_cell.entry_id           3T8R 
_cell.length_a           77.104 
_cell.length_b           52.504 
_cell.length_c           33.443 
_cell.angle_alpha        90.00 
_cell.angle_beta         98.52 
_cell.angle_gamma        90.00 
_cell.Z_PDB              4 
_cell.pdbx_unique_axis   ? 
_cell.length_a_esd       ? 
_cell.length_b_esd       ? 
_cell.length_c_esd       ? 
_cell.angle_alpha_esd    ? 
_cell.angle_beta_esd     ? 
_cell.angle_gamma_esd    ? 
# 
_symmetry.entry_id                         3T8R 
_symmetry.space_group_name_H-M             'C 1 2 1' 
_symmetry.pdbx_full_space_group_name_H-M   ? 
_symmetry.cell_setting                     ? 
_symmetry.Int_Tables_number                5 
_symmetry.space_group_name_Hall            ? 
# 
_exptl.entry_id          3T8R 
_exptl.method            'X-RAY DIFFRACTION' 
_exptl.crystals_number   1 
# 
_exptl_crystal.id                    1 
_exptl_crystal.density_meas          ? 
_exptl_crystal.density_Matthews      2.10 
_exptl_crystal.density_percent_sol   41.45 
_exptl_crystal.description           ? 
_exptl_crystal.F_000                 ? 
_exptl_crystal.preparation           ? 
# 
_exptl_crystal_grow.crystal_id      1 
_exptl_crystal_grow.method          'VAPOR DIFFUSION, HANGING DROP' 
_exptl_crystal_grow.temp            293 
_exptl_crystal_grow.temp_details    ? 
_exptl_crystal_grow.pH              5.6 
_exptl_crystal_grow.pdbx_details    
;0.1M Lithium sulfate monohydrate, 0.1M Sodium citrate tribasic dihydrate pH 5.6, 12% PEG6000, VAPOR DIFFUSION, HANGING DROP, temperature 293K
;
_exptl_crystal_grow.pdbx_pH_range   ? 
# 
_diffrn.id                     1 
_diffrn.ambient_temp           100 
_diffrn.ambient_temp_details   ? 
_diffrn.crystal_id             1 
# 
_diffrn_detector.diffrn_id              1 
_diffrn_detector.detector               CCD 
_diffrn_detector.type                   'MARMOSAIC 300 mm CCD' 
_diffrn_detector.pdbx_collection_date   2010-08-18 
_diffrn_detector.details                ? 
# 
_diffrn_radiation.diffrn_id                        1 
_diffrn_radiation.wavelength_id                    1 
_diffrn_radiation.pdbx_monochromatic_or_laue_m_l   M 
_diffrn_radiation.monochromator                    ? 
_diffrn_radiation.pdbx_diffrn_protocol             'SINGLE WAVELENGTH' 
_diffrn_radiation.pdbx_scattering_type             x-ray 
# 
_diffrn_radiation_wavelength.id           1 
_diffrn_radiation_wavelength.wavelength   0.97872 
_diffrn_radiation_wavelength.wt           1.0 
# 
_diffrn_source.diffrn_id                   1 
_diffrn_source.source                      SYNCHROTRON 
_diffrn_source.type                        'APS BEAMLINE 21-ID-D' 
_diffrn_source.pdbx_synchrotron_site       APS 
_diffrn_source.pdbx_synchrotron_beamline   21-ID-D 
_diffrn_source.pdbx_wavelength             ? 
_diffrn_source.pdbx_wavelength_list        0.97872 
# 
_reflns.entry_id                     3T8R 
_reflns.observed_criterion_sigma_I   ? 
_reflns.observed_criterion_sigma_F   ? 
_reflns.d_resolution_low             19.063 
_reflns.d_resolution_high            1.70 
_reflns.number_obs                   14637 
_reflns.number_all                   ? 
_reflns.percent_possible_obs         ? 
_reflns.pdbx_netI_over_sigmaI        ? 
_reflns.B_iso_Wilson_estimate        ? 
_reflns.pdbx_redundancy              ? 
_reflns.R_free_details               ? 
_reflns.limit_h_max                  ? 
_reflns.limit_h_min                  ? 
_reflns.limit_k_max                  ? 
_reflns.limit_k_min                  ? 
_reflns.limit_l_max                  ? 
_reflns.limit_l_min                  ? 
_reflns.observed_criterion_F_max     ? 
_reflns.observed_criterion_F_min     ? 
_reflns.pdbx_chi_squared             ? 
_reflns.pdbx_scaling_rejects         ? 
_reflns.pdbx_Rmerge_I_obs            ? 
_reflns.pdbx_Rsym_value              ? 
_reflns.pdbx_ordinal                 1 
_reflns.pdbx_diffrn_id               1 
# 
_reflns_shell.d_res_high             1.70 
_reflns_shell.d_res_low              1.76 
_reflns_shell.percent_possible_all   79.3 
_reflns_shell.Rmerge_I_obs           ? 
_reflns_shell.pdbx_Rsym_value        ? 
_reflns_shell.meanI_over_sigI_obs    ? 
_reflns_shell.pdbx_redundancy        ? 
_reflns_shell.percent_possible_obs   ? 
_reflns_shell.number_unique_all      ? 
_reflns_shell.number_measured_all    ? 
_reflns_shell.number_measured_obs    ? 
_reflns_shell.number_unique_obs      ? 
_reflns_shell.pdbx_chi_squared       ? 
_reflns_shell.pdbx_ordinal           1 
_reflns_shell.pdbx_diffrn_id         1 
# 
_refine.entry_id                                 3T8R 
_refine.ls_number_reflns_obs                     14637 
_refine.ls_number_reflns_all                     ? 
_refine.pdbx_ls_sigma_I                          ? 
_refine.pdbx_ls_sigma_F                          0.13 
_refine.pdbx_data_cutoff_high_absF               ? 
_refine.pdbx_data_cutoff_low_absF                ? 
_refine.pdbx_data_cutoff_high_rms_absF           ? 
_refine.ls_d_res_low                             19.063 
_refine.ls_d_res_high                            1.70 
_refine.ls_percent_reflns_obs                    89.30 
_refine.ls_R_factor_obs                          0.2210 
_refine.ls_R_factor_all                          0.2391 
_refine.ls_R_factor_R_work                       0.2172 
_refine.ls_R_factor_R_free                       0.2548 
_refine.ls_R_factor_R_free_error                 ? 
_refine.ls_R_factor_R_free_error_details         ? 
_refine.ls_percent_reflns_R_free                 9.94 
_refine.ls_number_reflns_R_free                  2535 
_refine.ls_number_parameters                     ? 
_refine.ls_number_restraints                     ? 
_refine.occupancy_min                            ? 
_refine.occupancy_max                            ? 
_refine.correlation_coeff_Fo_to_Fc               ? 
_refine.correlation_coeff_Fo_to_Fc_free          ? 
_refine.B_iso_mean                               ? 
_refine.aniso_B[1][1]                            1.9550 
_refine.aniso_B[2][2]                            1.9017 
_refine.aniso_B[3][3]                            -3.8567 
_refine.aniso_B[1][2]                            -0.0000 
_refine.aniso_B[1][3]                            8.1065 
_refine.aniso_B[2][3]                            0.0000 
_refine.solvent_model_details                    'FLAT BULK SOLVENT MODEL' 
_refine.solvent_model_param_ksol                 0.400 
_refine.solvent_model_param_bsol                 60.004 
_refine.pdbx_solvent_vdw_probe_radii             1.11 
_refine.pdbx_solvent_ion_probe_radii             ? 
_refine.pdbx_solvent_shrinkage_radii             0.90 
_refine.pdbx_ls_cross_valid_method               ? 
_refine.details                                  ? 
_refine.pdbx_starting_model                      ? 
_refine.pdbx_method_to_determine_struct          'MOLECULAR REPLACEMENT' 
_refine.pdbx_isotropic_thermal_model             ? 
_refine.pdbx_stereochemistry_target_values       ML 
_refine.pdbx_stereochem_target_val_spec_case     ? 
_refine.pdbx_R_Free_selection_details            RANDOM 
_refine.pdbx_overall_ESU_R_Free                  ? 
_refine.overall_SU_ML                            0.22 
_refine.pdbx_overall_phase_error                 28.63 
_refine.overall_SU_B                             ? 
_refine.overall_SU_R_Cruickshank_DPI             ? 
_refine.ls_redundancy_reflns_obs                 ? 
_refine.B_iso_min                                ? 
_refine.B_iso_max                                ? 
_refine.overall_SU_R_free                        ? 
_refine.ls_wR_factor_R_free                      ? 
_refine.ls_wR_factor_R_work                      ? 
_refine.overall_FOM_free_R_set                   ? 
_refine.overall_FOM_work_R_set                   ? 
_refine.pdbx_diffrn_id                           1 
_refine.pdbx_refine_id                           'X-RAY DIFFRACTION' 
_refine.pdbx_overall_ESU_R                       ? 
_refine.pdbx_TLS_residual_ADP_flag               ? 
_refine.pdbx_overall_SU_R_free_Cruickshank_DPI   ? 
_refine.pdbx_overall_SU_R_Blow_DPI               ? 
_refine.pdbx_overall_SU_R_free_Blow_DPI          ? 
# 
_refine_hist.pdbx_refine_id                   'X-RAY DIFFRACTION' 
_refine_hist.cycle_id                         LAST 
_refine_hist.pdbx_number_atoms_protein        945 
_refine_hist.pdbx_number_atoms_nucleic_acid   0 
_refine_hist.pdbx_number_atoms_ligand         0 
_refine_hist.number_atoms_solvent             65 
_refine_hist.number_atoms_total               1010 
_refine_hist.d_res_high                       1.70 
_refine_hist.d_res_low                        19.063 
# 
loop_
_refine_ls_restr.type 
_refine_ls_restr.dev_ideal 
_refine_ls_restr.dev_ideal_target 
_refine_ls_restr.weight 
_refine_ls_restr.number 
_refine_ls_restr.pdbx_restraint_function 
_refine_ls_restr.pdbx_refine_id 
f_bond_d           0.006  ? ? 955  ? 'X-RAY DIFFRACTION' 
f_angle_d          1.039  ? ? 1286 ? 'X-RAY DIFFRACTION' 
f_dihedral_angle_d 14.548 ? ? 372  ? 'X-RAY DIFFRACTION' 
f_chiral_restr     0.072  ? ? 148  ? 'X-RAY DIFFRACTION' 
f_plane_restr      0.004  ? ? 166  ? 'X-RAY DIFFRACTION' 
# 
loop_
_refine_ls_shell.pdbx_total_number_of_bins_used 
_refine_ls_shell.d_res_high 
_refine_ls_shell.d_res_low 
_refine_ls_shell.number_reflns_R_work 
_refine_ls_shell.R_factor_R_work 
_refine_ls_shell.percent_reflns_obs 
_refine_ls_shell.R_factor_R_free 
_refine_ls_shell.R_factor_R_free_error 
_refine_ls_shell.percent_reflns_R_free 
_refine_ls_shell.number_reflns_R_free 
_refine_ls_shell.number_reflns_all 
_refine_ls_shell.R_factor_all 
_refine_ls_shell.number_reflns_obs 
_refine_ls_shell.redundancy_reflns_obs 
_refine_ls_shell.pdbx_refine_id 
. 1.70   1.7602  1447 0.2681 56.00 0.3034 . . 144 . . . . 'X-RAY DIFFRACTION' 
. 1.7602 1.8306  1846 0.2635 72.00 0.2941 . . 203 . . . . 'X-RAY DIFFRACTION' 
. 1.8306 1.9138  2199 0.2596 86.00 0.3060 . . 246 . . . . 'X-RAY DIFFRACTION' 
. 1.9138 2.0146  2400 0.2387 93.00 0.2376 . . 272 . . . . 'X-RAY DIFFRACTION' 
. 2.0146 2.1407  2479 0.2211 96.00 0.2834 . . 270 . . . . 'X-RAY DIFFRACTION' 
. 2.1407 2.3057  2501 0.2201 98.00 0.2652 . . 276 . . . . 'X-RAY DIFFRACTION' 
. 2.3057 2.5373  2523 0.2128 99.00 0.2555 . . 280 . . . . 'X-RAY DIFFRACTION' 
. 2.5373 2.9033  2558 0.2201 99.00 0.2406 . . 284 . . . . 'X-RAY DIFFRACTION' 
. 2.9033 3.6537  2541 0.2122 98.00 0.2652 . . 287 . . . . 'X-RAY DIFFRACTION' 
. 3.6537 19.0643 2484 0.2011 97.00 0.2309 . . 273 . . . . 'X-RAY DIFFRACTION' 
# 
_struct.entry_id                  3T8R 
_struct.title                     'Crystal structure of Staphylococcus aureus CymR' 
_struct.pdbx_model_details        ? 
_struct.pdbx_CASP_flag            ? 
_struct.pdbx_model_type_details   ? 
# 
_struct_keywords.entry_id        3T8R 
_struct_keywords.pdbx_keywords   'UNKNOWN FUNCTION' 
_struct_keywords.text            'Transcriptional regulator protein, Dimer, sulfenic acid, UNKNOWN FUNCTION' 
# 
loop_
_struct_asym.id 
_struct_asym.pdbx_blank_PDB_chainid_flag 
_struct_asym.pdbx_modified 
_struct_asym.entity_id 
_struct_asym.details 
A N N 1 ? 
B N N 2 ? 
# 
_struct_ref.id                         1 
_struct_ref.db_name                    UNP 
_struct_ref.db_code                    Q99TM3_STAAM 
_struct_ref.pdbx_db_accession          Q99TM3 
_struct_ref.entity_id                  1 
_struct_ref.pdbx_seq_one_letter_code   
;MKISTKGRYGLTLMISLAKKEGQGCISLKSIAEENNLSDLYLEQLVGPLRNAGLIRSVRGAKGGYQLRVPAEEISAGDII
RLLEGPITFVESIESEPPAQKQLWIRMRDAVRDVLDNTTLKYLAEYVDTSEDLDGYMFYI
;
_struct_ref.pdbx_align_begin           1 
_struct_ref.pdbx_db_isoform            ? 
# 
_struct_ref_seq.align_id                      1 
_struct_ref_seq.ref_id                        1 
_struct_ref_seq.pdbx_PDB_id_code              3T8R 
_struct_ref_seq.pdbx_strand_id                A 
_struct_ref_seq.seq_align_beg                 4 
_struct_ref_seq.pdbx_seq_align_beg_ins_code   ? 
_struct_ref_seq.seq_align_end                 143 
_struct_ref_seq.pdbx_seq_align_end_ins_code   ? 
_struct_ref_seq.pdbx_db_accession             Q99TM3 
_struct_ref_seq.db_align_beg                  1 
_struct_ref_seq.pdbx_db_align_beg_ins_code    ? 
_struct_ref_seq.db_align_end                  140 
_struct_ref_seq.pdbx_db_align_end_ins_code    ? 
_struct_ref_seq.pdbx_auth_seq_align_beg       1 
_struct_ref_seq.pdbx_auth_seq_align_end       140 
# 
loop_
_struct_ref_seq_dif.align_id 
_struct_ref_seq_dif.pdbx_pdb_id_code 
_struct_ref_seq_dif.mon_id 
_struct_ref_seq_dif.pdbx_pdb_strand_id 
_struct_ref_seq_dif.seq_num 
_struct_ref_seq_dif.pdbx_pdb_ins_code 
_struct_ref_seq_dif.pdbx_seq_db_name 
_struct_ref_seq_dif.pdbx_seq_db_accession_code 
_struct_ref_seq_dif.db_mon_id 
_struct_ref_seq_dif.pdbx_seq_db_seq_num 
_struct_ref_seq_dif.details 
_struct_ref_seq_dif.pdbx_auth_seq_num 
_struct_ref_seq_dif.pdbx_ordinal 
1 3T8R SER A 1 ? UNP Q99TM3 ? ? 'expression tag' -2 1 
1 3T8R ASN A 2 ? UNP Q99TM3 ? ? 'expression tag' -1 2 
1 3T8R ALA A 3 ? UNP Q99TM3 ? ? 'expression tag' 0  3 
# 
_pdbx_struct_assembly.id                   1 
_pdbx_struct_assembly.details              author_and_software_defined_assembly 
_pdbx_struct_assembly.method_details       PISA 
_pdbx_struct_assembly.oligomeric_details   dimeric 
_pdbx_struct_assembly.oligomeric_count     2 
# 
loop_
_pdbx_struct_assembly_prop.biol_id 
_pdbx_struct_assembly_prop.type 
_pdbx_struct_assembly_prop.value 
_pdbx_struct_assembly_prop.details 
1 'ABSA (A^2)' 2870  ? 
1 MORE         -21   ? 
1 'SSA (A^2)'  13570 ? 
# 
_pdbx_struct_assembly_gen.assembly_id       1 
_pdbx_struct_assembly_gen.oper_expression   1,2 
_pdbx_struct_assembly_gen.asym_id_list      A,B 
# 
loop_
_pdbx_struct_oper_list.id 
_pdbx_struct_oper_list.type 
_pdbx_struct_oper_list.name 
_pdbx_struct_oper_list.symmetry_operation 
_pdbx_struct_oper_list.matrix[1][1] 
_pdbx_struct_oper_list.matrix[1][2] 
_pdbx_struct_oper_list.matrix[1][3] 
_pdbx_struct_oper_list.vector[1] 
_pdbx_struct_oper_list.matrix[2][1] 
_pdbx_struct_oper_list.matrix[2][2] 
_pdbx_struct_oper_list.matrix[2][3] 
_pdbx_struct_oper_list.vector[2] 
_pdbx_struct_oper_list.matrix[3][1] 
_pdbx_struct_oper_list.matrix[3][2] 
_pdbx_struct_oper_list.matrix[3][3] 
_pdbx_struct_oper_list.vector[3] 
1 'identity operation'         1_555 x,y,z   1.0000000000  0.0000000000 0.0000000000 0.0000000000   0.0000000000 1.0000000000 0.0000000000 0.0000000000 0.0000000000 0.0000000000 1.0000000000  0.0000000000  
2 'crystal symmetry operation' 2_555 -x,y,-z -0.6949757180 0.6990798115 0.1682146505 -24.8601737107 0.6990798115 0.6022087801 0.3855282122 5.7033047019 0.1682146505 0.3855282122 -0.9072330621 21.3768030994 
# 
_struct_biol.id        1 
_struct_biol.details   ? 
# 
loop_
_struct_conf.conf_type_id 
_struct_conf.id 
_struct_conf.pdbx_PDB_helix_id 
_struct_conf.beg_label_comp_id 
_struct_conf.beg_label_asym_id 
_struct_conf.beg_label_seq_id 
_struct_conf.pdbx_beg_PDB_ins_code 
_struct_conf.end_label_comp_id 
_struct_conf.end_label_asym_id 
_struct_conf.end_label_seq_id 
_struct_conf.pdbx_end_PDB_ins_code 
_struct_conf.beg_auth_comp_id 
_struct_conf.beg_auth_asym_id 
_struct_conf.beg_auth_seq_id 
_struct_conf.end_auth_comp_id 
_struct_conf.end_auth_asym_id 
_struct_conf.end_auth_seq_id 
_struct_conf.pdbx_PDB_helix_class 
_struct_conf.details 
_struct_conf.pdbx_PDB_helix_length 
HELX_P HELX_P1 1 SER A 7   ? LYS A 22  ? SER A 4   LYS A 19  1 ? 16 
HELX_P HELX_P2 2 LEU A 31  ? ASN A 38  ? LEU A 28  ASN A 35  1 ? 8  
HELX_P HELX_P3 3 SER A 41  ? ALA A 55  ? SER A 38  ALA A 52  1 ? 15 
HELX_P HELX_P4 4 PRO A 73  ? ILE A 77  ? PRO A 70  ILE A 74  5 ? 5  
HELX_P HELX_P5 5 SER A 78  ? GLY A 88  ? SER A 75  GLY A 85  1 ? 11 
HELX_P HELX_P6 6 PRO A 100 ? ASN A 120 ? PRO A 97  ASN A 117 1 ? 21 
HELX_P HELX_P7 7 THR A 122 ? GLU A 128 ? THR A 119 GLU A 125 1 ? 7  
# 
_struct_conf_type.id          HELX_P 
_struct_conf_type.criteria    ? 
_struct_conf_type.reference   ? 
# 
_struct_sheet.id               A 
_struct_sheet.type             ? 
_struct_sheet.number_strands   3 
_struct_sheet.details          ? 
# 
loop_
_struct_sheet_order.sheet_id 
_struct_sheet_order.range_id_1 
_struct_sheet_order.range_id_2 
_struct_sheet_order.offset 
_struct_sheet_order.sense 
A 1 2 ? anti-parallel 
A 2 3 ? anti-parallel 
# 
loop_
_struct_sheet_range.sheet_id 
_struct_sheet_range.id 
_struct_sheet_range.beg_label_comp_id 
_struct_sheet_range.beg_label_asym_id 
_struct_sheet_range.beg_label_seq_id 
_struct_sheet_range.pdbx_beg_PDB_ins_code 
_struct_sheet_range.end_label_comp_id 
_struct_sheet_range.end_label_asym_id 
_struct_sheet_range.end_label_seq_id 
_struct_sheet_range.pdbx_end_PDB_ins_code 
_struct_sheet_range.beg_auth_comp_id 
_struct_sheet_range.beg_auth_asym_id 
_struct_sheet_range.beg_auth_seq_id 
_struct_sheet_range.end_auth_comp_id 
_struct_sheet_range.end_auth_asym_id 
_struct_sheet_range.end_auth_seq_id 
A 1 ILE A 29 ? SER A 30 ? ILE A 26 SER A 27 
A 2 GLY A 67 ? LEU A 70 ? GLY A 64 LEU A 67 
A 3 ILE A 58 ? SER A 60 ? ILE A 55 SER A 57 
# 
loop_
_pdbx_struct_sheet_hbond.sheet_id 
_pdbx_struct_sheet_hbond.range_id_1 
_pdbx_struct_sheet_hbond.range_id_2 
_pdbx_struct_sheet_hbond.range_1_label_atom_id 
_pdbx_struct_sheet_hbond.range_1_label_comp_id 
_pdbx_struct_sheet_hbond.range_1_label_asym_id 
_pdbx_struct_sheet_hbond.range_1_label_seq_id 
_pdbx_struct_sheet_hbond.range_1_PDB_ins_code 
_pdbx_struct_sheet_hbond.range_1_auth_atom_id 
_pdbx_struct_sheet_hbond.range_1_auth_comp_id 
_pdbx_struct_sheet_hbond.range_1_auth_asym_id 
_pdbx_struct_sheet_hbond.range_1_auth_seq_id 
_pdbx_struct_sheet_hbond.range_2_label_atom_id 
_pdbx_struct_sheet_hbond.range_2_label_comp_id 
_pdbx_struct_sheet_hbond.range_2_label_asym_id 
_pdbx_struct_sheet_hbond.range_2_label_seq_id 
_pdbx_struct_sheet_hbond.range_2_PDB_ins_code 
_pdbx_struct_sheet_hbond.range_2_auth_atom_id 
_pdbx_struct_sheet_hbond.range_2_auth_comp_id 
_pdbx_struct_sheet_hbond.range_2_auth_asym_id 
_pdbx_struct_sheet_hbond.range_2_auth_seq_id 
A 1 2 N ILE A 29 ? N ILE A 26 O TYR A 68 ? O TYR A 65 
A 2 3 O GLN A 69 ? O GLN A 66 N ARG A 59 ? N ARG A 56 
# 
loop_
_pdbx_unobs_or_zero_occ_residues.id 
_pdbx_unobs_or_zero_occ_residues.PDB_model_num 
_pdbx_unobs_or_zero_occ_residues.polymer_flag 
_pdbx_unobs_or_zero_occ_residues.occupancy_flag 
_pdbx_unobs_or_zero_occ_residues.auth_asym_id 
_pdbx_unobs_or_zero_occ_residues.auth_comp_id 
_pdbx_unobs_or_zero_occ_residues.auth_seq_id 
_pdbx_unobs_or_zero_occ_residues.PDB_ins_code 
_pdbx_unobs_or_zero_occ_residues.label_asym_id 
_pdbx_unobs_or_zero_occ_residues.label_comp_id 
_pdbx_unobs_or_zero_occ_residues.label_seq_id 
1  1 Y 1 A SER -2  ? A SER 1   
2  1 Y 1 A ASN -1  ? A ASN 2   
3  1 Y 1 A ALA 0   ? A ALA 3   
4  1 Y 1 A MET 1   ? A MET 4   
5  1 Y 1 A LYS 2   ? A LYS 5   
6  1 Y 1 A ILE 3   ? A ILE 6   
7  1 Y 1 A ILE 87  ? A ILE 90  
8  1 Y 1 A THR 88  ? A THR 91  
9  1 Y 1 A PHE 89  ? A PHE 92  
10 1 Y 1 A VAL 90  ? A VAL 93  
11 1 Y 1 A SER 130 ? A SER 133 
12 1 Y 1 A GLU 131 ? A GLU 134 
13 1 Y 1 A ASP 132 ? A ASP 135 
14 1 Y 1 A LEU 133 ? A LEU 136 
15 1 Y 1 A ASP 134 ? A ASP 137 
16 1 Y 1 A GLY 135 ? A GLY 138 
17 1 Y 1 A TYR 136 ? A TYR 139 
18 1 Y 1 A MET 137 ? A MET 140 
19 1 Y 1 A PHE 138 ? A PHE 141 
20 1 Y 1 A TYR 139 ? A TYR 142 
21 1 Y 1 A ILE 140 ? A ILE 143 
# 
loop_
_chem_comp_atom.comp_id 
_chem_comp_atom.atom_id 
_chem_comp_atom.type_symbol 
_chem_comp_atom.pdbx_aromatic_flag 
_chem_comp_atom.pdbx_stereo_config 
_chem_comp_atom.pdbx_ordinal 
ALA N    N N N 1   
ALA CA   C N S 2   
ALA C    C N N 3   
ALA O    O N N 4   
ALA CB   C N N 5   
ALA OXT  O N N 6   
ALA H    H N N 7   
ALA H2   H N N 8   
ALA HA   H N N 9   
ALA HB1  H N N 10  
ALA HB2  H N N 11  
ALA HB3  H N N 12  
ALA HXT  H N N 13  
ARG N    N N N 14  
ARG CA   C N S 15  
ARG C    C N N 16  
ARG O    O N N 17  
ARG CB   C N N 18  
ARG CG   C N N 19  
ARG CD   C N N 20  
ARG NE   N N N 21  
ARG CZ   C N N 22  
ARG NH1  N N N 23  
ARG NH2  N N N 24  
ARG OXT  O N N 25  
ARG H    H N N 26  
ARG H2   H N N 27  
ARG HA   H N N 28  
ARG HB2  H N N 29  
ARG HB3  H N N 30  
ARG HG2  H N N 31  
ARG HG3  H N N 32  
ARG HD2  H N N 33  
ARG HD3  H N N 34  
ARG HE   H N N 35  
ARG HH11 H N N 36  
ARG HH12 H N N 37  
ARG HH21 H N N 38  
ARG HH22 H N N 39  
ARG HXT  H N N 40  
ASN N    N N N 41  
ASN CA   C N S 42  
ASN C    C N N 43  
ASN O    O N N 44  
ASN CB   C N N 45  
ASN CG   C N N 46  
ASN OD1  O N N 47  
ASN ND2  N N N 48  
ASN OXT  O N N 49  
ASN H    H N N 50  
ASN H2   H N N 51  
ASN HA   H N N 52  
ASN HB2  H N N 53  
ASN HB3  H N N 54  
ASN HD21 H N N 55  
ASN HD22 H N N 56  
ASN HXT  H N N 57  
ASP N    N N N 58  
ASP CA   C N S 59  
ASP C    C N N 60  
ASP O    O N N 61  
ASP CB   C N N 62  
ASP CG   C N N 63  
ASP OD1  O N N 64  
ASP OD2  O N N 65  
ASP OXT  O N N 66  
ASP H    H N N 67  
ASP H2   H N N 68  
ASP HA   H N N 69  
ASP HB2  H N N 70  
ASP HB3  H N N 71  
ASP HD2  H N N 72  
ASP HXT  H N N 73  
CYS N    N N N 74  
CYS CA   C N R 75  
CYS C    C N N 76  
CYS O    O N N 77  
CYS CB   C N N 78  
CYS SG   S N N 79  
CYS OXT  O N N 80  
CYS H    H N N 81  
CYS H2   H N N 82  
CYS HA   H N N 83  
CYS HB2  H N N 84  
CYS HB3  H N N 85  
CYS HG   H N N 86  
CYS HXT  H N N 87  
GLN N    N N N 88  
GLN CA   C N S 89  
GLN C    C N N 90  
GLN O    O N N 91  
GLN CB   C N N 92  
GLN CG   C N N 93  
GLN CD   C N N 94  
GLN OE1  O N N 95  
GLN NE2  N N N 96  
GLN OXT  O N N 97  
GLN H    H N N 98  
GLN H2   H N N 99  
GLN HA   H N N 100 
GLN HB2  H N N 101 
GLN HB3  H N N 102 
GLN HG2  H N N 103 
GLN HG3  H N N 104 
GLN HE21 H N N 105 
GLN HE22 H N N 106 
GLN HXT  H N N 107 
GLU N    N N N 108 
GLU CA   C N S 109 
GLU C    C N N 110 
GLU O    O N N 111 
GLU CB   C N N 112 
GLU CG   C N N 113 
GLU CD   C N N 114 
GLU OE1  O N N 115 
GLU OE2  O N N 116 
GLU OXT  O N N 117 
GLU H    H N N 118 
GLU H2   H N N 119 
GLU HA   H N N 120 
GLU HB2  H N N 121 
GLU HB3  H N N 122 
GLU HG2  H N N 123 
GLU HG3  H N N 124 
GLU HE2  H N N 125 
GLU HXT  H N N 126 
GLY N    N N N 127 
GLY CA   C N N 128 
GLY C    C N N 129 
GLY O    O N N 130 
GLY OXT  O N N 131 
GLY H    H N N 132 
GLY H2   H N N 133 
GLY HA2  H N N 134 
GLY HA3  H N N 135 
GLY HXT  H N N 136 
HOH O    O N N 137 
HOH H1   H N N 138 
HOH H2   H N N 139 
ILE N    N N N 140 
ILE CA   C N S 141 
ILE C    C N N 142 
ILE O    O N N 143 
ILE CB   C N S 144 
ILE CG1  C N N 145 
ILE CG2  C N N 146 
ILE CD1  C N N 147 
ILE OXT  O N N 148 
ILE H    H N N 149 
ILE H2   H N N 150 
ILE HA   H N N 151 
ILE HB   H N N 152 
ILE HG12 H N N 153 
ILE HG13 H N N 154 
ILE HG21 H N N 155 
ILE HG22 H N N 156 
ILE HG23 H N N 157 
ILE HD11 H N N 158 
ILE HD12 H N N 159 
ILE HD13 H N N 160 
ILE HXT  H N N 161 
LEU N    N N N 162 
LEU CA   C N S 163 
LEU C    C N N 164 
LEU O    O N N 165 
LEU CB   C N N 166 
LEU CG   C N N 167 
LEU CD1  C N N 168 
LEU CD2  C N N 169 
LEU OXT  O N N 170 
LEU H    H N N 171 
LEU H2   H N N 172 
LEU HA   H N N 173 
LEU HB2  H N N 174 
LEU HB3  H N N 175 
LEU HG   H N N 176 
LEU HD11 H N N 177 
LEU HD12 H N N 178 
LEU HD13 H N N 179 
LEU HD21 H N N 180 
LEU HD22 H N N 181 
LEU HD23 H N N 182 
LEU HXT  H N N 183 
LYS N    N N N 184 
LYS CA   C N S 185 
LYS C    C N N 186 
LYS O    O N N 187 
LYS CB   C N N 188 
LYS CG   C N N 189 
LYS CD   C N N 190 
LYS CE   C N N 191 
LYS NZ   N N N 192 
LYS OXT  O N N 193 
LYS H    H N N 194 
LYS H2   H N N 195 
LYS HA   H N N 196 
LYS HB2  H N N 197 
LYS HB3  H N N 198 
LYS HG2  H N N 199 
LYS HG3  H N N 200 
LYS HD2  H N N 201 
LYS HD3  H N N 202 
LYS HE2  H N N 203 
LYS HE3  H N N 204 
LYS HZ1  H N N 205 
LYS HZ2  H N N 206 
LYS HZ3  H N N 207 
LYS HXT  H N N 208 
MET N    N N N 209 
MET CA   C N S 210 
MET C    C N N 211 
MET O    O N N 212 
MET CB   C N N 213 
MET CG   C N N 214 
MET SD   S N N 215 
MET CE   C N N 216 
MET OXT  O N N 217 
MET H    H N N 218 
MET H2   H N N 219 
MET HA   H N N 220 
MET HB2  H N N 221 
MET HB3  H N N 222 
MET HG2  H N N 223 
MET HG3  H N N 224 
MET HE1  H N N 225 
MET HE2  H N N 226 
MET HE3  H N N 227 
MET HXT  H N N 228 
PHE N    N N N 229 
PHE CA   C N S 230 
PHE C    C N N 231 
PHE O    O N N 232 
PHE CB   C N N 233 
PHE CG   C Y N 234 
PHE CD1  C Y N 235 
PHE CD2  C Y N 236 
PHE CE1  C Y N 237 
PHE CE2  C Y N 238 
PHE CZ   C Y N 239 
PHE OXT  O N N 240 
PHE H    H N N 241 
PHE H2   H N N 242 
PHE HA   H N N 243 
PHE HB2  H N N 244 
PHE HB3  H N N 245 
PHE HD1  H N N 246 
PHE HD2  H N N 247 
PHE HE1  H N N 248 
PHE HE2  H N N 249 
PHE HZ   H N N 250 
PHE HXT  H N N 251 
PRO N    N N N 252 
PRO CA   C N S 253 
PRO C    C N N 254 
PRO O    O N N 255 
PRO CB   C N N 256 
PRO CG   C N N 257 
PRO CD   C N N 258 
PRO OXT  O N N 259 
PRO H    H N N 260 
PRO HA   H N N 261 
PRO HB2  H N N 262 
PRO HB3  H N N 263 
PRO HG2  H N N 264 
PRO HG3  H N N 265 
PRO HD2  H N N 266 
PRO HD3  H N N 267 
PRO HXT  H N N 268 
SER N    N N N 269 
SER CA   C N S 270 
SER C    C N N 271 
SER O    O N N 272 
SER CB   C N N 273 
SER OG   O N N 274 
SER OXT  O N N 275 
SER H    H N N 276 
SER H2   H N N 277 
SER HA   H N N 278 
SER HB2  H N N 279 
SER HB3  H N N 280 
SER HG   H N N 281 
SER HXT  H N N 282 
THR N    N N N 283 
THR CA   C N S 284 
THR C    C N N 285 
THR O    O N N 286 
THR CB   C N R 287 
THR OG1  O N N 288 
THR CG2  C N N 289 
THR OXT  O N N 290 
THR H    H N N 291 
THR H2   H N N 292 
THR HA   H N N 293 
THR HB   H N N 294 
THR HG1  H N N 295 
THR HG21 H N N 296 
THR HG22 H N N 297 
THR HG23 H N N 298 
THR HXT  H N N 299 
TRP N    N N N 300 
TRP CA   C N S 301 
TRP C    C N N 302 
TRP O    O N N 303 
TRP CB   C N N 304 
TRP CG   C Y N 305 
TRP CD1  C Y N 306 
TRP CD2  C Y N 307 
TRP NE1  N Y N 308 
TRP CE2  C Y N 309 
TRP CE3  C Y N 310 
TRP CZ2  C Y N 311 
TRP CZ3  C Y N 312 
TRP CH2  C Y N 313 
TRP OXT  O N N 314 
TRP H    H N N 315 
TRP H2   H N N 316 
TRP HA   H N N 317 
TRP HB2  H N N 318 
TRP HB3  H N N 319 
TRP HD1  H N N 320 
TRP HE1  H N N 321 
TRP HE3  H N N 322 
TRP HZ2  H N N 323 
TRP HZ3  H N N 324 
TRP HH2  H N N 325 
TRP HXT  H N N 326 
TYR N    N N N 327 
TYR CA   C N S 328 
TYR C    C N N 329 
TYR O    O N N 330 
TYR CB   C N N 331 
TYR CG   C Y N 332 
TYR CD1  C Y N 333 
TYR CD2  C Y N 334 
TYR CE1  C Y N 335 
TYR CE2  C Y N 336 
TYR CZ   C Y N 337 
TYR OH   O N N 338 
TYR OXT  O N N 339 
TYR H    H N N 340 
TYR H2   H N N 341 
TYR HA   H N N 342 
TYR HB2  H N N 343 
TYR HB3  H N N 344 
TYR HD1  H N N 345 
TYR HD2  H N N 346 
TYR HE1  H N N 347 
TYR HE2  H N N 348 
TYR HH   H N N 349 
TYR HXT  H N N 350 
VAL N    N N N 351 
VAL CA   C N S 352 
VAL C    C N N 353 
VAL O    O N N 354 
VAL CB   C N N 355 
VAL CG1  C N N 356 
VAL CG2  C N N 357 
VAL OXT  O N N 358 
VAL H    H N N 359 
VAL H2   H N N 360 
VAL HA   H N N 361 
VAL HB   H N N 362 
VAL HG11 H N N 363 
VAL HG12 H N N 364 
VAL HG13 H N N 365 
VAL HG21 H N N 366 
VAL HG22 H N N 367 
VAL HG23 H N N 368 
VAL HXT  H N N 369 
# 
loop_
_chem_comp_bond.comp_id 
_chem_comp_bond.atom_id_1 
_chem_comp_bond.atom_id_2 
_chem_comp_bond.value_order 
_chem_comp_bond.pdbx_aromatic_flag 
_chem_comp_bond.pdbx_stereo_config 
_chem_comp_bond.pdbx_ordinal 
ALA N   CA   sing N N 1   
ALA N   H    sing N N 2   
ALA N   H2   sing N N 3   
ALA CA  C    sing N N 4   
ALA CA  CB   sing N N 5   
ALA CA  HA   sing N N 6   
ALA C   O    doub N N 7   
ALA C   OXT  sing N N 8   
ALA CB  HB1  sing N N 9   
ALA CB  HB2  sing N N 10  
ALA CB  HB3  sing N N 11  
ALA OXT HXT  sing N N 12  
ARG N   CA   sing N N 13  
ARG N   H    sing N N 14  
ARG N   H2   sing N N 15  
ARG CA  C    sing N N 16  
ARG CA  CB   sing N N 17  
ARG CA  HA   sing N N 18  
ARG C   O    doub N N 19  
ARG C   OXT  sing N N 20  
ARG CB  CG   sing N N 21  
ARG CB  HB2  sing N N 22  
ARG CB  HB3  sing N N 23  
ARG CG  CD   sing N N 24  
ARG CG  HG2  sing N N 25  
ARG CG  HG3  sing N N 26  
ARG CD  NE   sing N N 27  
ARG CD  HD2  sing N N 28  
ARG CD  HD3  sing N N 29  
ARG NE  CZ   sing N N 30  
ARG NE  HE   sing N N 31  
ARG CZ  NH1  sing N N 32  
ARG CZ  NH2  doub N N 33  
ARG NH1 HH11 sing N N 34  
ARG NH1 HH12 sing N N 35  
ARG NH2 HH21 sing N N 36  
ARG NH2 HH22 sing N N 37  
ARG OXT HXT  sing N N 38  
ASN N   CA   sing N N 39  
ASN N   H    sing N N 40  
ASN N   H2   sing N N 41  
ASN CA  C    sing N N 42  
ASN CA  CB   sing N N 43  
ASN CA  HA   sing N N 44  
ASN C   O    doub N N 45  
ASN C   OXT  sing N N 46  
ASN CB  CG   sing N N 47  
ASN CB  HB2  sing N N 48  
ASN CB  HB3  sing N N 49  
ASN CG  OD1  doub N N 50  
ASN CG  ND2  sing N N 51  
ASN ND2 HD21 sing N N 52  
ASN ND2 HD22 sing N N 53  
ASN OXT HXT  sing N N 54  
ASP N   CA   sing N N 55  
ASP N   H    sing N N 56  
ASP N   H2   sing N N 57  
ASP CA  C    sing N N 58  
ASP CA  CB   sing N N 59  
ASP CA  HA   sing N N 60  
ASP C   O    doub N N 61  
ASP C   OXT  sing N N 62  
ASP CB  CG   sing N N 63  
ASP CB  HB2  sing N N 64  
ASP CB  HB3  sing N N 65  
ASP CG  OD1  doub N N 66  
ASP CG  OD2  sing N N 67  
ASP OD2 HD2  sing N N 68  
ASP OXT HXT  sing N N 69  
CYS N   CA   sing N N 70  
CYS N   H    sing N N 71  
CYS N   H2   sing N N 72  
CYS CA  C    sing N N 73  
CYS CA  CB   sing N N 74  
CYS CA  HA   sing N N 75  
CYS C   O    doub N N 76  
CYS C   OXT  sing N N 77  
CYS CB  SG   sing N N 78  
CYS CB  HB2  sing N N 79  
CYS CB  HB3  sing N N 80  
CYS SG  HG   sing N N 81  
CYS OXT HXT  sing N N 82  
GLN N   CA   sing N N 83  
GLN N   H    sing N N 84  
GLN N   H2   sing N N 85  
GLN CA  C    sing N N 86  
GLN CA  CB   sing N N 87  
GLN CA  HA   sing N N 88  
GLN C   O    doub N N 89  
GLN C   OXT  sing N N 90  
GLN CB  CG   sing N N 91  
GLN CB  HB2  sing N N 92  
GLN CB  HB3  sing N N 93  
GLN CG  CD   sing N N 94  
GLN CG  HG2  sing N N 95  
GLN CG  HG3  sing N N 96  
GLN CD  OE1  doub N N 97  
GLN CD  NE2  sing N N 98  
GLN NE2 HE21 sing N N 99  
GLN NE2 HE22 sing N N 100 
GLN OXT HXT  sing N N 101 
GLU N   CA   sing N N 102 
GLU N   H    sing N N 103 
GLU N   H2   sing N N 104 
GLU CA  C    sing N N 105 
GLU CA  CB   sing N N 106 
GLU CA  HA   sing N N 107 
GLU C   O    doub N N 108 
GLU C   OXT  sing N N 109 
GLU CB  CG   sing N N 110 
GLU CB  HB2  sing N N 111 
GLU CB  HB3  sing N N 112 
GLU CG  CD   sing N N 113 
GLU CG  HG2  sing N N 114 
GLU CG  HG3  sing N N 115 
GLU CD  OE1  doub N N 116 
GLU CD  OE2  sing N N 117 
GLU OE2 HE2  sing N N 118 
GLU OXT HXT  sing N N 119 
GLY N   CA   sing N N 120 
GLY N   H    sing N N 121 
GLY N   H2   sing N N 122 
GLY CA  C    sing N N 123 
GLY CA  HA2  sing N N 124 
GLY CA  HA3  sing N N 125 
GLY C   O    doub N N 126 
GLY C   OXT  sing N N 127 
GLY OXT HXT  sing N N 128 
HOH O   H1   sing N N 129 
HOH O   H2   sing N N 130 
ILE N   CA   sing N N 131 
ILE N   H    sing N N 132 
ILE N   H2   sing N N 133 
ILE CA  C    sing N N 134 
ILE CA  CB   sing N N 135 
ILE CA  HA   sing N N 136 
ILE C   O    doub N N 137 
ILE C   OXT  sing N N 138 
ILE CB  CG1  sing N N 139 
ILE CB  CG2  sing N N 140 
ILE CB  HB   sing N N 141 
ILE CG1 CD1  sing N N 142 
ILE CG1 HG12 sing N N 143 
ILE CG1 HG13 sing N N 144 
ILE CG2 HG21 sing N N 145 
ILE CG2 HG22 sing N N 146 
ILE CG2 HG23 sing N N 147 
ILE CD1 HD11 sing N N 148 
ILE CD1 HD12 sing N N 149 
ILE CD1 HD13 sing N N 150 
ILE OXT HXT  sing N N 151 
LEU N   CA   sing N N 152 
LEU N   H    sing N N 153 
LEU N   H2   sing N N 154 
LEU CA  C    sing N N 155 
LEU CA  CB   sing N N 156 
LEU CA  HA   sing N N 157 
LEU C   O    doub N N 158 
LEU C   OXT  sing N N 159 
LEU CB  CG   sing N N 160 
LEU CB  HB2  sing N N 161 
LEU CB  HB3  sing N N 162 
LEU CG  CD1  sing N N 163 
LEU CG  CD2  sing N N 164 
LEU CG  HG   sing N N 165 
LEU CD1 HD11 sing N N 166 
LEU CD1 HD12 sing N N 167 
LEU CD1 HD13 sing N N 168 
LEU CD2 HD21 sing N N 169 
LEU CD2 HD22 sing N N 170 
LEU CD2 HD23 sing N N 171 
LEU OXT HXT  sing N N 172 
LYS N   CA   sing N N 173 
LYS N   H    sing N N 174 
LYS N   H2   sing N N 175 
LYS CA  C    sing N N 176 
LYS CA  CB   sing N N 177 
LYS CA  HA   sing N N 178 
LYS C   O    doub N N 179 
LYS C   OXT  sing N N 180 
LYS CB  CG   sing N N 181 
LYS CB  HB2  sing N N 182 
LYS CB  HB3  sing N N 183 
LYS CG  CD   sing N N 184 
LYS CG  HG2  sing N N 185 
LYS CG  HG3  sing N N 186 
LYS CD  CE   sing N N 187 
LYS CD  HD2  sing N N 188 
LYS CD  HD3  sing N N 189 
LYS CE  NZ   sing N N 190 
LYS CE  HE2  sing N N 191 
LYS CE  HE3  sing N N 192 
LYS NZ  HZ1  sing N N 193 
LYS NZ  HZ2  sing N N 194 
LYS NZ  HZ3  sing N N 195 
LYS OXT HXT  sing N N 196 
MET N   CA   sing N N 197 
MET N   H    sing N N 198 
MET N   H2   sing N N 199 
MET CA  C    sing N N 200 
MET CA  CB   sing N N 201 
MET CA  HA   sing N N 202 
MET C   O    doub N N 203 
MET C   OXT  sing N N 204 
MET CB  CG   sing N N 205 
MET CB  HB2  sing N N 206 
MET CB  HB3  sing N N 207 
MET CG  SD   sing N N 208 
MET CG  HG2  sing N N 209 
MET CG  HG3  sing N N 210 
MET SD  CE   sing N N 211 
MET CE  HE1  sing N N 212 
MET CE  HE2  sing N N 213 
MET CE  HE3  sing N N 214 
MET OXT HXT  sing N N 215 
PHE N   CA   sing N N 216 
PHE N   H    sing N N 217 
PHE N   H2   sing N N 218 
PHE CA  C    sing N N 219 
PHE CA  CB   sing N N 220 
PHE CA  HA   sing N N 221 
PHE C   O    doub N N 222 
PHE C   OXT  sing N N 223 
PHE CB  CG   sing N N 224 
PHE CB  HB2  sing N N 225 
PHE CB  HB3  sing N N 226 
PHE CG  CD1  doub Y N 227 
PHE CG  CD2  sing Y N 228 
PHE CD1 CE1  sing Y N 229 
PHE CD1 HD1  sing N N 230 
PHE CD2 CE2  doub Y N 231 
PHE CD2 HD2  sing N N 232 
PHE CE1 CZ   doub Y N 233 
PHE CE1 HE1  sing N N 234 
PHE CE2 CZ   sing Y N 235 
PHE CE2 HE2  sing N N 236 
PHE CZ  HZ   sing N N 237 
PHE OXT HXT  sing N N 238 
PRO N   CA   sing N N 239 
PRO N   CD   sing N N 240 
PRO N   H    sing N N 241 
PRO CA  C    sing N N 242 
PRO CA  CB   sing N N 243 
PRO CA  HA   sing N N 244 
PRO C   O    doub N N 245 
PRO C   OXT  sing N N 246 
PRO CB  CG   sing N N 247 
PRO CB  HB2  sing N N 248 
PRO CB  HB3  sing N N 249 
PRO CG  CD   sing N N 250 
PRO CG  HG2  sing N N 251 
PRO CG  HG3  sing N N 252 
PRO CD  HD2  sing N N 253 
PRO CD  HD3  sing N N 254 
PRO OXT HXT  sing N N 255 
SER N   CA   sing N N 256 
SER N   H    sing N N 257 
SER N   H2   sing N N 258 
SER CA  C    sing N N 259 
SER CA  CB   sing N N 260 
SER CA  HA   sing N N 261 
SER C   O    doub N N 262 
SER C   OXT  sing N N 263 
SER CB  OG   sing N N 264 
SER CB  HB2  sing N N 265 
SER CB  HB3  sing N N 266 
SER OG  HG   sing N N 267 
SER OXT HXT  sing N N 268 
THR N   CA   sing N N 269 
THR N   H    sing N N 270 
THR N   H2   sing N N 271 
THR CA  C    sing N N 272 
THR CA  CB   sing N N 273 
THR CA  HA   sing N N 274 
THR C   O    doub N N 275 
THR C   OXT  sing N N 276 
THR CB  OG1  sing N N 277 
THR CB  CG2  sing N N 278 
THR CB  HB   sing N N 279 
THR OG1 HG1  sing N N 280 
THR CG2 HG21 sing N N 281 
THR CG2 HG22 sing N N 282 
THR CG2 HG23 sing N N 283 
THR OXT HXT  sing N N 284 
TRP N   CA   sing N N 285 
TRP N   H    sing N N 286 
TRP N   H2   sing N N 287 
TRP CA  C    sing N N 288 
TRP CA  CB   sing N N 289 
TRP CA  HA   sing N N 290 
TRP C   O    doub N N 291 
TRP C   OXT  sing N N 292 
TRP CB  CG   sing N N 293 
TRP CB  HB2  sing N N 294 
TRP CB  HB3  sing N N 295 
TRP CG  CD1  doub Y N 296 
TRP CG  CD2  sing Y N 297 
TRP CD1 NE1  sing Y N 298 
TRP CD1 HD1  sing N N 299 
TRP CD2 CE2  doub Y N 300 
TRP CD2 CE3  sing Y N 301 
TRP NE1 CE2  sing Y N 302 
TRP NE1 HE1  sing N N 303 
TRP CE2 CZ2  sing Y N 304 
TRP CE3 CZ3  doub Y N 305 
TRP CE3 HE3  sing N N 306 
TRP CZ2 CH2  doub Y N 307 
TRP CZ2 HZ2  sing N N 308 
TRP CZ3 CH2  sing Y N 309 
TRP CZ3 HZ3  sing N N 310 
TRP CH2 HH2  sing N N 311 
TRP OXT HXT  sing N N 312 
TYR N   CA   sing N N 313 
TYR N   H    sing N N 314 
TYR N   H2   sing N N 315 
TYR CA  C    sing N N 316 
TYR CA  CB   sing N N 317 
TYR CA  HA   sing N N 318 
TYR C   O    doub N N 319 
TYR C   OXT  sing N N 320 
TYR CB  CG   sing N N 321 
TYR CB  HB2  sing N N 322 
TYR CB  HB3  sing N N 323 
TYR CG  CD1  doub Y N 324 
TYR CG  CD2  sing Y N 325 
TYR CD1 CE1  sing Y N 326 
TYR CD1 HD1  sing N N 327 
TYR CD2 CE2  doub Y N 328 
TYR CD2 HD2  sing N N 329 
TYR CE1 CZ   doub Y N 330 
TYR CE1 HE1  sing N N 331 
TYR CE2 CZ   sing Y N 332 
TYR CE2 HE2  sing N N 333 
TYR CZ  OH   sing N N 334 
TYR OH  HH   sing N N 335 
TYR OXT HXT  sing N N 336 
VAL N   CA   sing N N 337 
VAL N   H    sing N N 338 
VAL N   H2   sing N N 339 
VAL CA  C    sing N N 340 
VAL CA  CB   sing N N 341 
VAL CA  HA   sing N N 342 
VAL C   O    doub N N 343 
VAL C   OXT  sing N N 344 
VAL CB  CG1  sing N N 345 
VAL CB  CG2  sing N N 346 
VAL CB  HB   sing N N 347 
VAL CG1 HG11 sing N N 348 
VAL CG1 HG12 sing N N 349 
VAL CG1 HG13 sing N N 350 
VAL CG2 HG21 sing N N 351 
VAL CG2 HG22 sing N N 352 
VAL CG2 HG23 sing N N 353 
VAL OXT HXT  sing N N 354 
# 
_atom_sites.entry_id                    3T8R 
_atom_sites.fract_transf_matrix[1][1]   -0.01192934 
_atom_sites.fract_transf_matrix[1][2]   0.00539128 
_atom_sites.fract_transf_matrix[1][3]   -0.00077396 
_atom_sites.fract_transf_matrix[2][1]   0.00743800 
_atom_sites.fract_transf_matrix[2][2]   0.01704701 
_atom_sites.fract_transf_matrix[2][3]   0.00410190 
_atom_sites.fract_transf_matrix[3][1]   0.00014977 
_atom_sites.fract_transf_matrix[3][2]   0.00701171 
_atom_sites.fract_transf_matrix[3][3]   -0.02941138 
_atom_sites.fract_transf_vector[1]      -0.155384 
_atom_sites.fract_transf_vector[2]      -0.142221 
_atom_sites.fract_transf_vector[3]      0.296227 
# 
loop_
_atom_type.symbol 
C 
N 
O 
S 
# 
loop_
_atom_site.group_PDB 
_atom_site.id 
_atom_site.type_symbol 
_atom_site.label_atom_id 
_atom_site.label_alt_id 
_atom_site.label_comp_id 
_atom_site.label_asym_id 
_atom_site.label_entity_id 
_atom_site.label_seq_id 
_atom_site.pdbx_PDB_ins_code 
_atom_site.Cartn_x 
_atom_site.Cartn_y 
_atom_site.Cartn_z 
_atom_site.occupancy 
_atom_site.B_iso_or_equiv 
_atom_site.pdbx_formal_charge 
_atom_site.auth_seq_id 
_atom_site.auth_comp_id 
_atom_site.auth_asym_id 
_atom_site.auth_atom_id 
_atom_site.pdbx_PDB_model_num 
ATOM   1    N N   . SER A 1 7   ? -9.208  -3.407  4.675   1.00 44.84 ? 4   SER A N   1 
ATOM   2    C CA  . SER A 1 7   ? -8.995  -4.138  3.425   1.00 41.78 ? 4   SER A CA  1 
ATOM   3    C C   . SER A 1 7   ? -7.734  -4.986  3.486   1.00 37.88 ? 4   SER A C   1 
ATOM   4    O O   . SER A 1 7   ? -6.629  -4.452  3.607   1.00 33.39 ? 4   SER A O   1 
ATOM   5    C CB  . SER A 1 7   ? -8.897  -3.173  2.245   1.00 39.49 ? 4   SER A CB  1 
ATOM   6    O OG  . SER A 1 7   ? -8.222  -3.778  1.159   1.00 33.87 ? 4   SER A OG  1 
ATOM   7    N N   . THR A 1 8   ? -7.909  -6.304  3.400   1.00 36.09 ? 5   THR A N   1 
ATOM   8    C CA  . THR A 1 8   ? -6.787  -7.226  3.478   1.00 30.71 ? 5   THR A CA  1 
ATOM   9    C C   . THR A 1 8   ? -5.771  -6.943  2.366   1.00 26.49 ? 5   THR A C   1 
ATOM   10   O O   . THR A 1 8   ? -4.567  -6.905  2.619   1.00 26.75 ? 5   THR A O   1 
ATOM   11   C CB  . THR A 1 8   ? -7.253  -8.685  3.403   1.00 35.45 ? 5   THR A CB  1 
ATOM   12   O OG1 . THR A 1 8   ? -8.107  -8.970  4.518   1.00 42.78 ? 5   THR A OG1 1 
ATOM   13   C CG2 . THR A 1 8   ? -6.055  -9.623  3.434   1.00 32.84 ? 5   THR A CG2 1 
ATOM   14   N N   . LYS A 1 9   ? -6.263  -6.740  1.149   1.00 25.59 ? 6   LYS A N   1 
ATOM   15   C CA  . LYS A 1 9   ? -5.402  -6.381  0.017   1.00 22.35 ? 6   LYS A CA  1 
ATOM   16   C C   . LYS A 1 9   ? -4.607  -5.108  0.306   1.00 25.15 ? 6   LYS A C   1 
ATOM   17   O O   . LYS A 1 9   ? -3.417  -5.029  0.014   1.00 24.63 ? 6   LYS A O   1 
ATOM   18   C CB  . LYS A 1 9   ? -6.243  -6.172  -1.246  1.00 29.20 ? 6   LYS A CB  1 
ATOM   19   C CG  . LYS A 1 9   ? -6.817  -7.450  -1.837  1.00 32.40 ? 6   LYS A CG  1 
ATOM   20   C CD  . LYS A 1 9   ? -7.479  -7.178  -3.183  1.00 35.34 ? 6   LYS A CD  1 
ATOM   21   C CE  . LYS A 1 9   ? -8.767  -6.373  -3.018  1.00 42.62 ? 6   LYS A CE  1 
ATOM   22   N NZ  . LYS A 1 9   ? -9.459  -6.142  -4.330  1.00 47.64 ? 6   LYS A NZ  1 
ATOM   23   N N   . GLY A 1 10  ? -5.284  -4.107  0.863   1.00 25.76 ? 7   GLY A N   1 
ATOM   24   C CA  . GLY A 1 10  ? -4.654  -2.843  1.184   1.00 27.71 ? 7   GLY A CA  1 
ATOM   25   C C   . GLY A 1 10  ? -3.534  -3.021  2.186   1.00 24.98 ? 7   GLY A C   1 
ATOM   26   O O   . GLY A 1 10  ? -2.433  -2.518  1.978   1.00 23.24 ? 7   GLY A O   1 
ATOM   27   N N   . ARG A 1 11  ? -3.810  -3.744  3.268   1.00 23.59 ? 8   ARG A N   1 
ATOM   28   C CA  . ARG A 1 11  ? -2.785  -3.985  4.278   1.00 24.86 ? 8   ARG A CA  1 
ATOM   29   C C   . ARG A 1 11  ? -1.564  -4.679  3.694   1.00 24.01 ? 8   ARG A C   1 
ATOM   30   O O   . ARG A 1 11  ? -0.433  -4.246  3.910   1.00 22.90 ? 8   ARG A O   1 
ATOM   31   C CB  . ARG A 1 11  ? -3.346  -4.811  5.435   1.00 26.80 ? 8   ARG A CB  1 
ATOM   32   C CG  . ARG A 1 11  ? -4.421  -4.073  6.199   1.00 30.16 ? 8   ARG A CG  1 
ATOM   33   C CD  . ARG A 1 11  ? -4.987  -4.913  7.337   1.00 35.16 ? 8   ARG A CD  1 
ATOM   34   N NE  . ARG A 1 11  ? -4.044  -5.043  8.443   1.00 36.03 ? 8   ARG A NE  1 
ATOM   35   C CZ  . ARG A 1 11  ? -4.349  -5.621  9.597   1.00 35.03 ? 8   ARG A CZ  1 
ATOM   36   N NH1 . ARG A 1 11  ? -5.564  -6.121  9.768   1.00 37.22 ? 8   ARG A NH1 1 
ATOM   37   N NH2 . ARG A 1 11  ? -3.448  -5.709  10.566  1.00 35.63 ? 8   ARG A NH2 1 
ATOM   38   N N   . TYR A 1 12  ? -1.786  -5.766  2.966   1.00 21.19 ? 9   TYR A N   1 
ATOM   39   C CA  . TYR A 1 12  ? -0.649  -6.510  2.417   1.00 20.08 ? 9   TYR A CA  1 
ATOM   40   C C   . TYR A 1 12  ? 0.056   -5.726  1.321   1.00 21.38 ? 9   TYR A C   1 
ATOM   41   O O   . TYR A 1 12  ? 1.263   -5.801  1.199   1.00 20.09 ? 9   TYR A O   1 
ATOM   42   C CB  . TYR A 1 12  ? -1.057  -7.903  1.948   1.00 21.53 ? 9   TYR A CB  1 
ATOM   43   C CG  . TYR A 1 12  ? -1.295  -8.844  3.112   1.00 25.30 ? 9   TYR A CG  1 
ATOM   44   C CD1 . TYR A 1 12  ? -0.239  -9.253  3.913   1.00 27.98 ? 9   TYR A CD1 1 
ATOM   45   C CD2 . TYR A 1 12  ? -2.564  -9.300  3.417   1.00 27.57 ? 9   TYR A CD2 1 
ATOM   46   C CE1 . TYR A 1 12  ? -0.440  -10.107 4.993   1.00 33.46 ? 9   TYR A CE1 1 
ATOM   47   C CE2 . TYR A 1 12  ? -2.779  -10.159 4.495   1.00 26.69 ? 9   TYR A CE2 1 
ATOM   48   C CZ  . TYR A 1 12  ? -1.707  -10.556 5.276   1.00 31.28 ? 9   TYR A CZ  1 
ATOM   49   O OH  . TYR A 1 12  ? -1.898  -11.411 6.345   1.00 31.92 ? 9   TYR A OH  1 
ATOM   50   N N   . GLY A 1 13  ? -0.697  -4.948  0.552   1.00 21.33 ? 10  GLY A N   1 
ATOM   51   C CA  . GLY A 1 13  ? -0.085  -4.083  -0.442  1.00 21.10 ? 10  GLY A CA  1 
ATOM   52   C C   . GLY A 1 13  ? 0.856   -3.072  0.186   1.00 22.06 ? 10  GLY A C   1 
ATOM   53   O O   . GLY A 1 13  ? 1.952   -2.818  -0.325  1.00 20.21 ? 10  GLY A O   1 
ATOM   54   N N   . LEU A 1 14  ? 0.418   -2.493  1.308   1.00 19.11 ? 11  LEU A N   1 
ATOM   55   C CA  . LEU A 1 14  ? 1.207   -1.532  2.048   1.00 20.35 ? 11  LEU A CA  1 
ATOM   56   C C   . LEU A 1 14  ? 2.481   -2.185  2.554   1.00 21.72 ? 11  LEU A C   1 
ATOM   57   O O   . LEU A 1 14  ? 3.561   -1.607  2.447   1.00 19.37 ? 11  LEU A O   1 
ATOM   58   C CB  . LEU A 1 14  ? 0.407   -0.980  3.226   1.00 22.36 ? 11  LEU A CB  1 
ATOM   59   C CG  . LEU A 1 14  ? 0.286   0.532   3.402   1.00 31.40 ? 11  LEU A CG  1 
ATOM   60   C CD1 . LEU A 1 14  ? -0.049  0.847   4.859   1.00 21.88 ? 11  LEU A CD1 1 
ATOM   61   C CD2 . LEU A 1 14  ? 1.524   1.298   2.930   1.00 24.62 ? 11  LEU A CD2 1 
ATOM   62   N N   . THR A 1 15  ? 2.350   -3.393  3.098   1.00 21.62 ? 12  THR A N   1 
ATOM   63   C CA  . THR A 1 15  ? 3.522   -4.150  3.544   1.00 21.12 ? 12  THR A CA  1 
ATOM   64   C C   . THR A 1 15  ? 4.529   -4.403  2.423   1.00 23.24 ? 12  THR A C   1 
ATOM   65   O O   . THR A 1 15  ? 5.731   -4.244  2.619   1.00 25.67 ? 12  THR A O   1 
ATOM   66   C CB  . THR A 1 15  ? 3.125   -5.486  4.225   1.00 23.76 ? 12  THR A CB  1 
ATOM   67   O OG1 . THR A 1 15  ? 2.274   -5.215  5.348   1.00 26.04 ? 12  THR A OG1 1 
ATOM   68   C CG2 . THR A 1 15  ? 4.380   -6.207  4.721   1.00 24.00 ? 12  THR A CG2 1 
ATOM   69   N N   . LEU A 1 16  ? 4.038   -4.800  1.252   1.00 20.88 ? 13  LEU A N   1 
ATOM   70   C CA  . LEU A 1 16  ? 4.867   -4.969  0.060   1.00 23.10 ? 13  LEU A CA  1 
ATOM   71   C C   . LEU A 1 16  ? 5.655   -3.680  -0.218  1.00 21.28 ? 13  LEU A C   1 
ATOM   72   O O   . LEU A 1 16  ? 6.876   -3.691  -0.398  1.00 21.21 ? 13  LEU A O   1 
ATOM   73   C CB  . LEU A 1 16  ? 3.965   -5.323  -1.140  1.00 22.81 ? 13  LEU A CB  1 
ATOM   74   C CG  . LEU A 1 16  ? 4.505   -5.867  -2.466  1.00 37.77 ? 13  LEU A CG  1 
ATOM   75   C CD1 . LEU A 1 16  ? 3.755   -5.248  -3.645  1.00 29.62 ? 13  LEU A CD1 1 
ATOM   76   C CD2 . LEU A 1 16  ? 5.995   -5.679  -2.628  1.00 31.73 ? 13  LEU A CD2 1 
ATOM   77   N N   . MET A 1 17  ? 4.945   -2.563  -0.225  1.00 19.29 ? 14  MET A N   1 
ATOM   78   C CA  . MET A 1 17  ? 5.546   -1.286  -0.581  1.00 18.38 ? 14  MET A CA  1 
ATOM   79   C C   . MET A 1 17  ? 6.591   -0.820  0.440   1.00 18.67 ? 14  MET A C   1 
ATOM   80   O O   . MET A 1 17  ? 7.608   -0.240  0.071   1.00 22.13 ? 14  MET A O   1 
ATOM   81   C CB  . MET A 1 17  ? 4.454   -0.240  -0.799  1.00 19.83 ? 14  MET A CB  1 
ATOM   82   C CG  . MET A 1 17  ? 3.551   -0.565  -1.980  1.00 18.12 ? 14  MET A CG  1 
ATOM   83   S SD  . MET A 1 17  ? 4.444   -0.456  -3.544  1.00 20.24 ? 14  MET A SD  1 
ATOM   84   C CE  . MET A 1 17  ? 4.746   1.303   -3.629  1.00 22.90 ? 14  MET A CE  1 
ATOM   85   N N   . ILE A 1 18  ? 6.349   -1.085  1.717   1.00 20.38 ? 15  ILE A N   1 
ATOM   86   C CA  . ILE A 1 18  ? 7.315   -0.727  2.748   1.00 21.12 ? 15  ILE A CA  1 
ATOM   87   C C   . ILE A 1 18  ? 8.601   -1.522  2.552   1.00 23.33 ? 15  ILE A C   1 
ATOM   88   O O   . ILE A 1 18  ? 9.699   -0.980  2.657   1.00 26.77 ? 15  ILE A O   1 
ATOM   89   C CB  . ILE A 1 18  ? 6.732   -0.937  4.167   1.00 22.66 ? 15  ILE A CB  1 
ATOM   90   C CG1 . ILE A 1 18  ? 5.587   0.048   4.409   1.00 21.19 ? 15  ILE A CG1 1 
ATOM   91   C CG2 . ILE A 1 18  ? 7.806   -0.751  5.212   1.00 26.62 ? 15  ILE A CG2 1 
ATOM   92   C CD1 . ILE A 1 18  ? 4.698   -0.307  5.598   1.00 23.22 ? 15  ILE A CD1 1 
ATOM   93   N N   . SER A 1 19  ? 8.457   -2.804  2.239   1.00 23.39 ? 16  SER A N   1 
ATOM   94   C CA  . SER A 1 19  ? 9.603   -3.663  1.942   1.00 27.46 ? 16  SER A CA  1 
ATOM   95   C C   . SER A 1 19  ? 10.426  -3.101  0.788   1.00 26.50 ? 16  SER A C   1 
ATOM   96   O O   . SER A 1 19  ? 11.651  -2.996  0.859   1.00 26.37 ? 16  SER A O   1 
ATOM   97   C CB  . SER A 1 19  ? 9.135   -5.074  1.589   1.00 27.06 ? 16  SER A CB  1 
ATOM   98   O OG  . SER A 1 19  ? 8.954   -5.838  2.765   1.00 36.07 ? 16  SER A OG  1 
ATOM   99   N N   . LEU A 1 20  ? 9.744   -2.734  -0.284  1.00 24.62 ? 17  LEU A N   1 
ATOM   100  C CA  . LEU A 1 20  ? 10.436  -2.192  -1.439  1.00 22.71 ? 17  LEU A CA  1 
ATOM   101  C C   . LEU A 1 20  ? 11.060  -0.834  -1.120  1.00 26.28 ? 17  LEU A C   1 
ATOM   102  O O   . LEU A 1 20  ? 12.145  -0.508  -1.615  1.00 26.95 ? 17  LEU A O   1 
ATOM   103  C CB  . LEU A 1 20  ? 9.492   -2.081  -2.643  1.00 22.39 ? 17  LEU A CB  1 
ATOM   104  C CG  . LEU A 1 20  ? 8.976   -3.381  -3.262  1.00 20.43 ? 17  LEU A CG  1 
ATOM   105  C CD1 . LEU A 1 20  ? 7.993   -3.044  -4.373  1.00 24.81 ? 17  LEU A CD1 1 
ATOM   106  C CD2 . LEU A 1 20  ? 10.136  -4.189  -3.845  1.00 25.10 ? 17  LEU A CD2 1 
ATOM   107  N N   . ALA A 1 21  ? 10.380  -0.047  -0.294  1.00 22.78 ? 18  ALA A N   1 
ATOM   108  C CA  . ALA A 1 21  ? 10.869  1.272   0.074   1.00 23.22 ? 18  ALA A CA  1 
ATOM   109  C C   . ALA A 1 21  ? 12.145  1.135   0.892   1.00 29.85 ? 18  ALA A C   1 
ATOM   110  O O   . ALA A 1 21  ? 13.060  1.952   0.787   1.00 32.94 ? 18  ALA A O   1 
ATOM   111  C CB  . ALA A 1 21  ? 9.801   2.063   0.841   1.00 23.06 ? 18  ALA A CB  1 
ATOM   112  N N   . LYS A 1 22  ? 12.218  0.080   1.687   1.00 30.36 ? 19  LYS A N   1 
ATOM   113  C CA  . LYS A 1 22  ? 13.391  -0.136  2.527   1.00 32.45 ? 19  LYS A CA  1 
ATOM   114  C C   . LYS A 1 22  ? 14.604  -0.533  1.703   1.00 39.62 ? 19  LYS A C   1 
ATOM   115  O O   . LYS A 1 22  ? 15.712  -0.641  2.225   1.00 43.34 ? 19  LYS A O   1 
ATOM   116  C CB  . LYS A 1 22  ? 13.092  -1.179  3.601   1.00 36.34 ? 19  LYS A CB  1 
ATOM   117  C CG  . LYS A 1 22  ? 12.320  -0.612  4.755   1.00 35.06 ? 19  LYS A CG  1 
ATOM   118  C CD  . LYS A 1 22  ? 12.018  -1.683  5.778   1.00 37.50 ? 19  LYS A CD  1 
ATOM   119  C CE  . LYS A 1 22  ? 11.203  -1.124  6.920   1.00 37.55 ? 19  LYS A CE  1 
ATOM   120  N NZ  . LYS A 1 22  ? 12.021  -0.280  7.841   1.00 42.89 ? 19  LYS A NZ  1 
ATOM   121  N N   . LYS A 1 23  ? 14.388  -0.736  0.411   1.00 37.52 ? 20  LYS A N   1 
ATOM   122  C CA  . LYS A 1 23  ? 15.457  -1.134  -0.489  1.00 41.96 ? 20  LYS A CA  1 
ATOM   123  C C   . LYS A 1 23  ? 15.637  -0.155  -1.646  1.00 43.81 ? 20  LYS A C   1 
ATOM   124  O O   . LYS A 1 23  ? 16.448  -0.400  -2.537  1.00 47.87 ? 20  LYS A O   1 
ATOM   125  C CB  . LYS A 1 23  ? 15.181  -2.535  -1.039  1.00 41.94 ? 20  LYS A CB  1 
ATOM   126  C CG  . LYS A 1 23  ? 15.312  -3.640  0.000   1.00 44.40 ? 20  LYS A CG  1 
ATOM   127  C CD  . LYS A 1 23  ? 16.743  -4.175  0.082   1.00 48.70 ? 20  LYS A CD  1 
ATOM   128  C CE  . LYS A 1 23  ? 17.175  -4.805  -1.240  1.00 49.95 ? 20  LYS A CE  1 
ATOM   129  N NZ  . LYS A 1 23  ? 18.462  -5.564  -1.148  1.00 53.30 ? 20  LYS A NZ  1 
ATOM   130  N N   . GLU A 1 24  ? 14.894  0.951   -1.644  1.00 41.62 ? 21  GLU A N   1 
ATOM   131  C CA  . GLU A 1 24  ? 14.907  1.850   -2.800  1.00 43.24 ? 21  GLU A CA  1 
ATOM   132  C C   . GLU A 1 24  ? 16.324  2.119   -3.323  1.00 46.08 ? 21  GLU A C   1 
ATOM   133  O O   . GLU A 1 24  ? 17.194  2.573   -2.583  1.00 51.20 ? 21  GLU A O   1 
ATOM   134  C CB  . GLU A 1 24  ? 14.191  3.173   -2.507  1.00 42.92 ? 21  GLU A CB  1 
ATOM   135  C CG  . GLU A 1 24  ? 14.063  4.055   -3.749  1.00 40.92 ? 21  GLU A CG  1 
ATOM   136  C CD  . GLU A 1 24  ? 13.545  5.462   -3.464  1.00 43.26 ? 21  GLU A CD  1 
ATOM   137  O OE1 . GLU A 1 24  ? 13.872  6.372   -4.265  1.00 42.49 ? 21  GLU A OE1 1 
ATOM   138  O OE2 . GLU A 1 24  ? 12.810  5.663   -2.465  1.00 33.10 ? 21  GLU A OE2 1 
ATOM   139  N N   . GLY A 1 25  ? 16.547  1.823   -4.600  1.00 47.35 ? 22  GLY A N   1 
ATOM   140  C CA  . GLY A 1 25  ? 17.829  2.075   -5.231  1.00 52.24 ? 22  GLY A CA  1 
ATOM   141  C C   . GLY A 1 25  ? 18.892  1.024   -4.951  1.00 55.32 ? 22  GLY A C   1 
ATOM   142  O O   . GLY A 1 25  ? 20.073  1.247   -5.214  1.00 60.28 ? 22  GLY A O   1 
ATOM   143  N N   . GLN A 1 26  ? 18.477  -0.123  -4.419  1.00 56.14 ? 23  GLN A N   1 
ATOM   144  C CA  . GLN A 1 26  ? 19.410  -1.204  -4.106  1.00 54.20 ? 23  GLN A CA  1 
ATOM   145  C C   . GLN A 1 26  ? 19.074  -2.498  -4.843  1.00 53.45 ? 23  GLN A C   1 
ATOM   146  O O   . GLN A 1 26  ? 19.282  -3.594  -4.315  1.00 59.21 ? 23  GLN A O   1 
ATOM   147  C CB  . GLN A 1 26  ? 19.421  -1.480  -2.606  1.00 50.15 ? 23  GLN A CB  1 
ATOM   148  C CG  . GLN A 1 26  ? 19.738  -0.284  -1.751  1.00 50.08 ? 23  GLN A CG  1 
ATOM   149  C CD  . GLN A 1 26  ? 19.639  -0.611  -0.279  1.00 54.98 ? 23  GLN A CD  1 
ATOM   150  O OE1 . GLN A 1 26  ? 20.648  -0.857  0.384   1.00 63.26 ? 23  GLN A OE1 1 
ATOM   151  N NE2 . GLN A 1 26  ? 18.417  -0.631  0.242   1.00 54.15 ? 23  GLN A NE2 1 
ATOM   152  N N   . GLY A 1 27  ? 18.557  -2.379  -6.057  1.00 49.76 ? 24  GLY A N   1 
ATOM   153  C CA  . GLY A 1 27  ? 18.207  -3.555  -6.827  1.00 48.73 ? 24  GLY A CA  1 
ATOM   154  C C   . GLY A 1 27  ? 16.790  -4.011  -6.545  1.00 51.28 ? 24  GLY A C   1 
ATOM   155  O O   . GLY A 1 27  ? 15.882  -3.188  -6.421  1.00 50.99 ? 24  GLY A O   1 
ATOM   156  N N   . CYS A 1 28  ? 16.597  -5.318  -6.415  1.00 48.06 ? 25  CYS A N   1 
ATOM   157  C CA  . CYS A 1 28  ? 15.247  -5.863  -6.377  1.00 43.14 ? 25  CYS A CA  1 
ATOM   158  C C   . CYS A 1 28  ? 14.969  -6.838  -5.243  1.00 44.18 ? 25  CYS A C   1 
ATOM   159  O O   . CYS A 1 28  ? 15.881  -7.374  -4.613  1.00 45.94 ? 25  CYS A O   1 
ATOM   160  C CB  . CYS A 1 28  ? 14.933  -6.538  -7.709  1.00 43.63 ? 25  CYS A CB  1 
ATOM   161  S SG  . CYS A 1 28  ? 15.075  -5.423  -9.111  1.00 58.37 ? 25  CYS A SG  1 
ATOM   162  N N   . ILE A 1 29  ? 13.681  -7.050  -4.992  1.00 38.51 ? 26  ILE A N   1 
ATOM   163  C CA  . ILE A 1 29  ? 13.235  -8.074  -4.072  1.00 37.72 ? 26  ILE A CA  1 
ATOM   164  C C   . ILE A 1 29  ? 12.335  -9.029  -4.840  1.00 36.82 ? 26  ILE A C   1 
ATOM   165  O O   . ILE A 1 29  ? 11.449  -8.600  -5.584  1.00 32.65 ? 26  ILE A O   1 
ATOM   166  C CB  . ILE A 1 29  ? 12.451  -7.476  -2.902  1.00 35.86 ? 26  ILE A CB  1 
ATOM   167  C CG1 . ILE A 1 29  ? 13.256  -6.355  -2.242  1.00 42.06 ? 26  ILE A CG1 1 
ATOM   168  C CG2 . ILE A 1 29  ? 12.116  -8.553  -1.874  1.00 42.18 ? 26  ILE A CG2 1 
ATOM   169  C CD1 . ILE A 1 29  ? 14.622  -6.801  -1.755  1.00 45.47 ? 26  ILE A CD1 1 
ATOM   170  N N   . SER A 1 30  ? 12.573  -10.326 -4.679  1.00 37.78 ? 27  SER A N   1 
ATOM   171  C CA  . SER A 1 30  ? 11.769  -11.322 -5.375  1.00 34.96 ? 27  SER A CA  1 
ATOM   172  C C   . SER A 1 30  ? 10.369  -11.347 -4.799  1.00 32.97 ? 27  SER A C   1 
ATOM   173  O O   . SER A 1 30  ? 10.178  -11.143 -3.597  1.00 33.48 ? 27  SER A O   1 
ATOM   174  C CB  . SER A 1 30  ? 12.401  -12.711 -5.264  1.00 35.88 ? 27  SER A CB  1 
ATOM   175  O OG  . SER A 1 30  ? 12.444  -13.138 -3.917  1.00 34.47 ? 27  SER A OG  1 
ATOM   176  N N   . LEU A 1 31  ? 9.386   -11.585 -5.658  1.00 33.84 ? 28  LEU A N   1 
ATOM   177  C CA  . LEU A 1 31  ? 8.026   -11.789 -5.186  1.00 31.39 ? 28  LEU A CA  1 
ATOM   178  C C   . LEU A 1 31  ? 8.037   -12.950 -4.219  1.00 33.18 ? 28  LEU A C   1 
ATOM   179  O O   . LEU A 1 31  ? 7.387   -12.916 -3.172  1.00 32.87 ? 28  LEU A O   1 
ATOM   180  C CB  . LEU A 1 31  ? 7.089   -12.113 -6.348  1.00 36.63 ? 28  LEU A CB  1 
ATOM   181  C CG  . LEU A 1 31  ? 6.402   -10.912 -6.994  1.00 39.18 ? 28  LEU A CG  1 
ATOM   182  C CD1 . LEU A 1 31  ? 5.063   -11.338 -7.579  1.00 38.90 ? 28  LEU A CD1 1 
ATOM   183  C CD2 . LEU A 1 31  ? 6.204   -9.814  -5.971  1.00 38.36 ? 28  LEU A CD2 1 
ATOM   184  N N   . LYS A 1 32  ? 8.793   -13.979 -4.577  1.00 32.85 ? 29  LYS A N   1 
ATOM   185  C CA  . LYS A 1 32  ? 8.887   -15.169 -3.741  1.00 36.92 ? 29  LYS A CA  1 
ATOM   186  C C   . LYS A 1 32  ? 9.292   -14.824 -2.309  1.00 31.94 ? 29  LYS A C   1 
ATOM   187  O O   . LYS A 1 32  ? 8.699   -15.325 -1.353  1.00 33.25 ? 29  LYS A O   1 
ATOM   188  C CB  . LYS A 1 32  ? 9.865   -16.173 -4.345  1.00 37.69 ? 29  LYS A CB  1 
ATOM   189  C CG  . LYS A 1 32  ? 10.089  -17.408 -3.495  1.00 42.96 ? 29  LYS A CG  1 
ATOM   190  C CD  . LYS A 1 32  ? 10.717  -18.530 -4.310  1.00 44.75 ? 29  LYS A CD  1 
ATOM   191  C CE  . LYS A 1 32  ? 11.871  -18.017 -5.149  1.00 46.20 ? 29  LYS A CE  1 
ATOM   192  N NZ  . LYS A 1 32  ? 12.505  -19.101 -5.953  1.00 55.53 ? 29  LYS A NZ  1 
ATOM   193  N N   . SER A 1 33  ? 10.290  -13.960 -2.158  1.00 35.05 ? 30  SER A N   1 
ATOM   194  C CA  . SER A 1 33  ? 10.770  -13.616 -0.822  1.00 34.87 ? 30  SER A CA  1 
ATOM   195  C C   . SER A 1 33  ? 9.749   -12.775 -0.030  1.00 34.20 ? 30  SER A C   1 
ATOM   196  O O   . SER A 1 33  ? 9.560   -12.992 1.154   1.00 32.57 ? 30  SER A O   1 
ATOM   197  C CB  . SER A 1 33  ? 12.147  -12.946 -0.875  1.00 38.33 ? 30  SER A CB  1 
ATOM   198  O OG  . SER A 1 33  ? 12.045  -11.547 -1.061  1.00 42.47 ? 30  SER A OG  1 
ATOM   199  N N   . ILE A 1 34  ? 9.073   -11.845 -0.695  1.00 30.47 ? 31  ILE A N   1 
ATOM   200  C CA  . ILE A 1 34  ? 8.045   -11.041 -0.033  1.00 30.97 ? 31  ILE A CA  1 
ATOM   201  C C   . ILE A 1 34  ? 6.864   -11.892 0.429   1.00 30.23 ? 31  ILE A C   1 
ATOM   202  O O   . ILE A 1 34  ? 6.385   -11.744 1.559   1.00 32.66 ? 31  ILE A O   1 
ATOM   203  C CB  . ILE A 1 34  ? 7.540   -9.898  -0.947  1.00 33.05 ? 31  ILE A CB  1 
ATOM   204  C CG1 . ILE A 1 34  ? 8.681   -8.932  -1.251  1.00 34.43 ? 31  ILE A CG1 1 
ATOM   205  C CG2 . ILE A 1 34  ? 6.395   -9.143  -0.276  1.00 34.02 ? 31  ILE A CG2 1 
ATOM   206  C CD1 . ILE A 1 34  ? 8.464   -8.085  -2.487  1.00 34.04 ? 31  ILE A CD1 1 
ATOM   207  N N   . ALA A 1 35  ? 6.395   -12.787 -0.436  1.00 28.91 ? 32  ALA A N   1 
ATOM   208  C CA  . ALA A 1 35  ? 5.285   -13.669 -0.096  1.00 28.79 ? 32  ALA A CA  1 
ATOM   209  C C   . ALA A 1 35  ? 5.648   -14.521 1.112   1.00 29.49 ? 32  ALA A C   1 
ATOM   210  O O   . ALA A 1 35  ? 4.868   -14.656 2.054   1.00 29.63 ? 32  ALA A O   1 
ATOM   211  C CB  . ALA A 1 35  ? 4.914   -14.557 -1.282  1.00 31.16 ? 32  ALA A CB  1 
ATOM   212  N N   . GLU A 1 36  ? 6.841   -15.099 1.071   1.00 31.28 ? 33  GLU A N   1 
ATOM   213  C CA  . GLU A 1 36  ? 7.307   -15.926 2.167   1.00 35.14 ? 33  GLU A CA  1 
ATOM   214  C C   . GLU A 1 36  ? 7.412   -15.101 3.437   1.00 34.77 ? 33  GLU A C   1 
ATOM   215  O O   . GLU A 1 36  ? 6.928   -15.518 4.482   1.00 35.75 ? 33  GLU A O   1 
ATOM   216  C CB  . GLU A 1 36  ? 8.637   -16.599 1.815   1.00 35.80 ? 33  GLU A CB  1 
ATOM   217  C CG  . GLU A 1 36  ? 8.440   -17.892 1.033   1.00 45.29 ? 33  GLU A CG  1 
ATOM   218  C CD  . GLU A 1 36  ? 9.693   -18.386 0.335   1.00 45.23 ? 33  GLU A CD  1 
ATOM   219  O OE1 . GLU A 1 36  ? 10.748  -17.722 0.434   1.00 48.11 ? 33  GLU A OE1 1 
ATOM   220  O OE2 . GLU A 1 36  ? 9.613   -19.443 -0.323  1.00 48.58 ? 33  GLU A OE2 1 
ATOM   221  N N   . GLU A 1 37  ? 8.016   -13.920 3.329   1.00 37.02 ? 34  GLU A N   1 
ATOM   222  C CA  . GLU A 1 37  ? 8.190   -13.040 4.487   1.00 36.26 ? 34  GLU A CA  1 
ATOM   223  C C   . GLU A 1 37  ? 6.872   -12.664 5.165   1.00 37.09 ? 34  GLU A C   1 
ATOM   224  O O   . GLU A 1 37  ? 6.849   -12.380 6.364   1.00 43.34 ? 34  GLU A O   1 
ATOM   225  C CB  . GLU A 1 37  ? 8.941   -11.767 4.097   1.00 39.02 ? 34  GLU A CB  1 
ATOM   226  C CG  . GLU A 1 37  ? 10.400  -11.979 3.744   1.00 44.60 ? 34  GLU A CG  1 
ATOM   227  C CD  . GLU A 1 37  ? 11.119  -10.667 3.513   1.00 50.00 ? 34  GLU A CD  1 
ATOM   228  O OE1 . GLU A 1 37  ? 10.472  -9.607  3.660   1.00 53.03 ? 34  GLU A OE1 1 
ATOM   229  O OE2 . GLU A 1 37  ? 12.327  -10.695 3.191   1.00 51.14 ? 34  GLU A OE2 1 
ATOM   230  N N   . ASN A 1 38  ? 5.781   -12.666 4.404   1.00 33.22 ? 35  ASN A N   1 
ATOM   231  C CA  . ASN A 1 38  ? 4.485   -12.194 4.906   1.00 32.00 ? 35  ASN A CA  1 
ATOM   232  C C   . ASN A 1 38  ? 3.366   -13.231 4.953   1.00 29.34 ? 35  ASN A C   1 
ATOM   233  O O   . ASN A 1 38  ? 2.193   -12.903 5.156   1.00 28.83 ? 35  ASN A O   1 
ATOM   234  C CB  . ASN A 1 38  ? 4.045   -10.974 4.103   1.00 33.44 ? 35  ASN A CB  1 
ATOM   235  C CG  . ASN A 1 38  ? 4.978   -9.809  4.296   1.00 34.82 ? 35  ASN A CG  1 
ATOM   236  O OD1 . ASN A 1 38  ? 5.811   -9.513  3.446   1.00 32.17 ? 35  ASN A OD1 1 
ATOM   237  N ND2 . ASN A 1 38  ? 4.865   -9.157  5.444   1.00 36.39 ? 35  ASN A ND2 1 
ATOM   238  N N   . ASN A 1 39  ? 3.739   -14.492 4.782   1.00 29.71 ? 36  ASN A N   1 
ATOM   239  C CA  . ASN A 1 39  ? 2.793   -15.588 4.863   1.00 27.39 ? 36  ASN A CA  1 
ATOM   240  C C   . ASN A 1 39  ? 1.632   -15.456 3.888   1.00 26.38 ? 36  ASN A C   1 
ATOM   241  O O   . ASN A 1 39  ? 0.480   -15.614 4.263   1.00 26.26 ? 36  ASN A O   1 
ATOM   242  C CB  . ASN A 1 39  ? 2.244   -15.712 6.285   1.00 30.62 ? 36  ASN A CB  1 
ATOM   243  C CG  . ASN A 1 39  ? 1.743   -17.097 6.585   1.00 31.12 ? 36  ASN A CG  1 
ATOM   244  O OD1 . ASN A 1 39  ? 2.144   -18.060 5.931   1.00 32.03 ? 36  ASN A OD1 1 
ATOM   245  N ND2 . ASN A 1 39  ? 0.874   -17.216 7.586   1.00 32.72 ? 36  ASN A ND2 1 
ATOM   246  N N   . LEU A 1 40  ? 1.947   -15.165 2.631   1.00 24.49 ? 37  LEU A N   1 
ATOM   247  C CA  . LEU A 1 40  ? 0.939   -15.042 1.588   1.00 22.87 ? 37  LEU A CA  1 
ATOM   248  C C   . LEU A 1 40  ? 1.354   -15.972 0.460   1.00 22.36 ? 37  LEU A C   1 
ATOM   249  O O   . LEU A 1 40  ? 2.537   -16.215 0.272   1.00 25.71 ? 37  LEU A O   1 
ATOM   250  C CB  . LEU A 1 40  ? 0.971   -13.632 1.004   1.00 25.89 ? 37  LEU A CB  1 
ATOM   251  C CG  . LEU A 1 40  ? 0.832   -12.424 1.913   1.00 34.40 ? 37  LEU A CG  1 
ATOM   252  C CD1 . LEU A 1 40  ? 1.159   -11.156 1.134   1.00 30.44 ? 37  LEU A CD1 1 
ATOM   253  C CD2 . LEU A 1 40  ? -0.563  -12.393 2.457   1.00 31.97 ? 37  LEU A CD2 1 
ATOM   254  N N   . SER A 1 41  ? 0.393   -16.473 -0.302  1.00 21.38 ? 38  SER A N   1 
ATOM   255  C CA  . SER A 1 41  ? 0.742   -17.190 -1.534  1.00 22.65 ? 38  SER A CA  1 
ATOM   256  C C   . SER A 1 41  ? 1.296   -16.218 -2.568  1.00 27.16 ? 38  SER A C   1 
ATOM   257  O O   . SER A 1 41  ? 0.922   -15.043 -2.581  1.00 25.56 ? 38  SER A O   1 
ATOM   258  C CB  . SER A 1 41  ? -0.464  -17.943 -2.097  1.00 28.68 ? 38  SER A CB  1 
ATOM   259  O OG  . SER A 1 41  ? -1.434  -17.061 -2.626  1.00 29.31 ? 38  SER A OG  1 
ATOM   260  N N   . ASP A 1 42  ? 2.183   -16.709 -3.436  1.00 26.47 ? 39  ASP A N   1 
ATOM   261  C CA  . ASP A 1 42  ? 2.737   -15.889 -4.512  1.00 28.79 ? 39  ASP A CA  1 
ATOM   262  C C   . ASP A 1 42  ? 1.617   -15.415 -5.424  1.00 24.62 ? 39  ASP A C   1 
ATOM   263  O O   . ASP A 1 42  ? 1.670   -14.312 -5.965  1.00 28.38 ? 39  ASP A O   1 
ATOM   264  C CB  . ASP A 1 42  ? 3.768   -16.675 -5.329  1.00 32.84 ? 39  ASP A CB  1 
ATOM   265  C CG  . ASP A 1 42  ? 5.079   -16.868 -4.590  1.00 36.86 ? 39  ASP A CG  1 
ATOM   266  O OD1 . ASP A 1 42  ? 6.099   -16.283 -5.016  1.00 41.90 ? 39  ASP A OD1 1 
ATOM   267  O OD2 . ASP A 1 42  ? 5.094   -17.601 -3.579  1.00 36.77 ? 39  ASP A OD2 1 
ATOM   268  N N   . LEU A 1 43  ? 0.604   -16.251 -5.580  1.00 23.73 ? 40  LEU A N   1 
ATOM   269  C CA  . LEU A 1 43  ? -0.523  -15.931 -6.442  1.00 26.68 ? 40  LEU A CA  1 
ATOM   270  C C   . LEU A 1 43  ? -1.309  -14.751 -5.878  1.00 30.28 ? 40  LEU A C   1 
ATOM   271  O O   . LEU A 1 43  ? -1.736  -13.866 -6.622  1.00 30.15 ? 40  LEU A O   1 
ATOM   272  C CB  . LEU A 1 43  ? -1.418  -17.159 -6.610  1.00 32.65 ? 40  LEU A CB  1 
ATOM   273  C CG  . LEU A 1 43  ? -2.543  -17.163 -7.649  1.00 32.36 ? 40  LEU A CG  1 
ATOM   274  C CD1 . LEU A 1 43  ? -2.002  -17.061 -9.075  1.00 28.62 ? 40  LEU A CD1 1 
ATOM   275  C CD2 . LEU A 1 43  ? -3.392  -18.422 -7.474  1.00 34.13 ? 40  LEU A CD2 1 
ATOM   276  N N   . TYR A 1 44  ? -1.496  -14.733 -4.560  1.00 23.50 ? 41  TYR A N   1 
ATOM   277  C CA  . TYR A 1 44  ? -2.203  -13.636 -3.933  1.00 28.04 ? 41  TYR A CA  1 
ATOM   278  C C   . TYR A 1 44  ? -1.381  -12.359 -4.072  1.00 24.51 ? 41  TYR A C   1 
ATOM   279  O O   . TYR A 1 44  ? -1.925  -11.292 -4.331  1.00 26.52 ? 41  TYR A O   1 
ATOM   280  C CB  . TYR A 1 44  ? -2.474  -13.948 -2.460  1.00 26.41 ? 41  TYR A CB  1 
ATOM   281  C CG  . TYR A 1 44  ? -3.229  -12.862 -1.733  1.00 27.24 ? 41  TYR A CG  1 
ATOM   282  C CD1 . TYR A 1 44  ? -4.616  -12.816 -1.761  1.00 33.20 ? 41  TYR A CD1 1 
ATOM   283  C CD2 . TYR A 1 44  ? -2.553  -11.890 -1.007  1.00 28.06 ? 41  TYR A CD2 1 
ATOM   284  C CE1 . TYR A 1 44  ? -5.312  -11.826 -1.086  1.00 29.96 ? 41  TYR A CE1 1 
ATOM   285  C CE2 . TYR A 1 44  ? -3.237  -10.894 -0.339  1.00 30.16 ? 41  TYR A CE2 1 
ATOM   286  C CZ  . TYR A 1 44  ? -4.616  -10.868 -0.380  1.00 29.50 ? 41  TYR A CZ  1 
ATOM   287  O OH  . TYR A 1 44  ? -5.295  -9.873  0.295   1.00 29.50 ? 41  TYR A OH  1 
ATOM   288  N N   . LEU A 1 45  ? -0.067  -12.477 -3.926  1.00 24.92 ? 42  LEU A N   1 
ATOM   289  C CA  . LEU A 1 45  ? 0.806   -11.312 -4.024  1.00 24.86 ? 42  LEU A CA  1 
ATOM   290  C C   . LEU A 1 45  ? 0.689   -10.733 -5.428  1.00 24.47 ? 42  LEU A C   1 
ATOM   291  O O   . LEU A 1 45  ? 0.689   -9.519  -5.618  1.00 24.04 ? 42  LEU A O   1 
ATOM   292  C CB  . LEU A 1 45  ? 2.261   -11.698 -3.749  1.00 27.01 ? 42  LEU A CB  1 
ATOM   293  C CG  . LEU A 1 45  ? 3.132   -10.785 -2.879  1.00 36.54 ? 42  LEU A CG  1 
ATOM   294  C CD1 . LEU A 1 45  ? 4.604   -11.139 -3.041  1.00 35.06 ? 42  LEU A CD1 1 
ATOM   295  C CD2 . LEU A 1 45  ? 2.915   -9.304  -3.159  1.00 35.56 ? 42  LEU A CD2 1 
ATOM   296  N N   . GLU A 1 46  ? 0.581   -11.620 -6.406  1.00 27.30 ? 43  GLU A N   1 
ATOM   297  C CA  . GLU A 1 46  ? 0.465   -11.212 -7.799  1.00 27.98 ? 43  GLU A CA  1 
ATOM   298  C C   . GLU A 1 46  ? -0.714  -10.275 -8.018  1.00 27.48 ? 43  GLU A C   1 
ATOM   299  O O   . GLU A 1 46  ? -0.634  -9.348  -8.821  1.00 31.02 ? 43  GLU A O   1 
ATOM   300  C CB  . GLU A 1 46  ? 0.346   -12.445 -8.697  1.00 30.26 ? 43  GLU A CB  1 
ATOM   301  C CG  . GLU A 1 46  ? 0.271   -12.131 -10.180 1.00 35.34 ? 43  GLU A CG  1 
ATOM   302  C CD  . GLU A 1 46  ? 1.475   -11.368 -10.669 1.00 39.25 ? 43  GLU A CD  1 
ATOM   303  O OE1 . GLU A 1 46  ? 1.299   -10.465 -11.516 1.00 44.68 ? 43  GLU A OE1 1 
ATOM   304  O OE2 . GLU A 1 46  ? 2.602   -11.674 -10.214 1.00 43.83 ? 43  GLU A OE2 1 
ATOM   305  N N   . GLN A 1 47  ? -1.803  -10.507 -7.294  1.00 27.97 ? 44  GLN A N   1 
ATOM   306  C CA  . GLN A 1 47  ? -2.995  -9.670  -7.411  1.00 29.57 ? 44  GLN A CA  1 
ATOM   307  C C   . GLN A 1 47  ? -2.796  -8.276  -6.834  1.00 31.69 ? 44  GLN A C   1 
ATOM   308  O O   . GLN A 1 47  ? -3.526  -7.346  -7.175  1.00 34.79 ? 44  GLN A O   1 
ATOM   309  C CB  . GLN A 1 47  ? -4.190  -10.345 -6.752  1.00 32.16 ? 44  GLN A CB  1 
ATOM   310  C CG  . GLN A 1 47  ? -4.641  -11.599 -7.477  1.00 32.39 ? 44  GLN A CG  1 
ATOM   311  C CD  . GLN A 1 47  ? -5.813  -12.269 -6.789  1.00 41.18 ? 44  GLN A CD  1 
ATOM   312  O OE1 . GLN A 1 47  ? -6.093  -12.007 -5.616  1.00 40.65 ? 44  GLN A OE1 1 
ATOM   313  N NE2 . GLN A 1 47  ? -6.503  -13.143 -7.513  1.00 43.41 ? 44  GLN A NE2 1 
ATOM   314  N N   . LEU A 1 48  ? -1.808  -8.133  -5.960  1.00 25.52 ? 45  LEU A N   1 
ATOM   315  C CA  . LEU A 1 48  ? -1.499  -6.833  -5.384  1.00 27.34 ? 45  LEU A CA  1 
ATOM   316  C C   . LEU A 1 48  ? -0.532  -6.118  -6.301  1.00 26.37 ? 45  LEU A C   1 
ATOM   317  O O   . LEU A 1 48  ? -0.637  -4.915  -6.524  1.00 26.52 ? 45  LEU A O   1 
ATOM   318  C CB  . LEU A 1 48  ? -0.863  -7.000  -4.006  1.00 27.65 ? 45  LEU A CB  1 
ATOM   319  C CG  . LEU A 1 48  ? -1.637  -7.872  -3.025  1.00 26.15 ? 45  LEU A CG  1 
ATOM   320  C CD1 . LEU A 1 48  ? -0.848  -7.988  -1.738  1.00 27.62 ? 45  LEU A CD1 1 
ATOM   321  C CD2 . LEU A 1 48  ? -2.992  -7.261  -2.754  1.00 28.11 ? 45  LEU A CD2 1 
ATOM   322  N N   . VAL A 1 49  ? 0.420   -6.873  -6.828  1.00 25.53 ? 46  VAL A N   1 
ATOM   323  C CA  . VAL A 1 49  ? 1.447   -6.306  -7.686  1.00 24.30 ? 46  VAL A CA  1 
ATOM   324  C C   . VAL A 1 49  ? 0.842   -5.724  -8.956  1.00 30.55 ? 46  VAL A C   1 
ATOM   325  O O   . VAL A 1 49  ? 1.229   -4.642  -9.396  1.00 32.00 ? 46  VAL A O   1 
ATOM   326  C CB  . VAL A 1 49  ? 2.476   -7.360  -8.059  1.00 28.70 ? 46  VAL A CB  1 
ATOM   327  C CG1 . VAL A 1 49  ? 3.269   -6.908  -9.265  1.00 33.81 ? 46  VAL A CG1 1 
ATOM   328  C CG2 . VAL A 1 49  ? 3.382   -7.641  -6.870  1.00 28.57 ? 46  VAL A CG2 1 
ATOM   329  N N   . GLY A 1 50  ? -0.112  -6.438  -9.538  1.00 31.64 ? 47  GLY A N   1 
ATOM   330  C CA  . GLY A 1 50  ? -0.749  -5.993  -10.767 1.00 31.21 ? 47  GLY A CA  1 
ATOM   331  C C   . GLY A 1 50  ? -1.124  -4.520  -10.768 1.00 30.82 ? 47  GLY A C   1 
ATOM   332  O O   . GLY A 1 50  ? -0.621  -3.752  -11.593 1.00 30.50 ? 47  GLY A O   1 
ATOM   333  N N   . PRO A 1 51  ? -2.008  -4.116  -9.842  1.00 28.72 ? 48  PRO A N   1 
ATOM   334  C CA  . PRO A 1 51  ? -2.483  -2.733  -9.737  1.00 28.95 ? 48  PRO A CA  1 
ATOM   335  C C   . PRO A 1 51  ? -1.382  -1.722  -9.402  1.00 28.51 ? 48  PRO A C   1 
ATOM   336  O O   . PRO A 1 51  ? -1.396  -0.618  -9.940  1.00 28.12 ? 48  PRO A O   1 
ATOM   337  C CB  . PRO A 1 51  ? -3.509  -2.799  -8.607  1.00 33.88 ? 48  PRO A CB  1 
ATOM   338  C CG  . PRO A 1 51  ? -3.989  -4.211  -8.621  1.00 30.97 ? 48  PRO A CG  1 
ATOM   339  C CD  . PRO A 1 51  ? -2.798  -5.034  -8.999  1.00 30.66 ? 48  PRO A CD  1 
ATOM   340  N N   . LEU A 1 52  ? -0.443  -2.094  -8.540  1.00 26.59 ? 49  LEU A N   1 
ATOM   341  C CA  . LEU A 1 52  ? 0.686   -1.221  -8.212  1.00 24.90 ? 49  LEU A CA  1 
ATOM   342  C C   . LEU A 1 52  ? 1.583   -0.954  -9.425  1.00 26.41 ? 49  LEU A C   1 
ATOM   343  O O   . LEU A 1 52  ? 2.092   0.160   -9.629  1.00 25.54 ? 49  LEU A O   1 
ATOM   344  C CB  . LEU A 1 52  ? 1.505   -1.840  -7.075  1.00 23.76 ? 49  LEU A CB  1 
ATOM   345  C CG  . LEU A 1 52  ? 0.764   -1.887  -5.740  1.00 24.67 ? 49  LEU A CG  1 
ATOM   346  C CD1 . LEU A 1 52  ? 1.482   -2.788  -4.752  1.00 26.20 ? 49  LEU A CD1 1 
ATOM   347  C CD2 . LEU A 1 52  ? 0.609   -0.483  -5.170  1.00 27.51 ? 49  LEU A CD2 1 
ATOM   348  N N   . ARG A 1 53  ? 1.768   -1.989  -10.233 1.00 25.28 ? 50  ARG A N   1 
ATOM   349  C CA  . ARG A 1 53  ? 2.561   -1.888  -11.444 1.00 28.75 ? 50  ARG A CA  1 
ATOM   350  C C   . ARG A 1 53  ? 1.829   -1.001  -12.453 1.00 27.42 ? 50  ARG A C   1 
ATOM   351  O O   . ARG A 1 53  ? 2.420   -0.119  -13.080 1.00 26.93 ? 50  ARG A O   1 
ATOM   352  C CB  . ARG A 1 53  ? 2.768   -3.292  -12.012 1.00 32.27 ? 50  ARG A CB  1 
ATOM   353  C CG  . ARG A 1 53  ? 3.861   -3.433  -13.038 1.00 34.03 ? 50  ARG A CG  1 
ATOM   354  C CD  . ARG A 1 53  ? 4.071   -4.913  -13.336 1.00 40.65 ? 50  ARG A CD  1 
ATOM   355  N NE  . ARG A 1 53  ? 2.849   -5.524  -13.854 1.00 46.93 ? 50  ARG A NE  1 
ATOM   356  C CZ  . ARG A 1 53  ? 2.394   -6.725  -13.508 1.00 45.36 ? 50  ARG A CZ  1 
ATOM   357  N NH1 . ARG A 1 53  ? 3.057   -7.473  -12.631 1.00 45.76 ? 50  ARG A NH1 1 
ATOM   358  N NH2 . ARG A 1 53  ? 1.272   -7.184  -14.047 1.00 47.81 ? 50  ARG A NH2 1 
ATOM   359  N N   . ASN A 1 54  ? 0.530   -1.222  -12.588 1.00 29.25 ? 51  ASN A N   1 
ATOM   360  C CA  . ASN A 1 54  ? -0.275  -0.458  -13.536 1.00 31.51 ? 51  ASN A CA  1 
ATOM   361  C C   . ASN A 1 54  ? -0.344  1.024   -13.210 1.00 32.69 ? 51  ASN A C   1 
ATOM   362  O O   . ASN A 1 54  ? -0.447  1.862   -14.105 1.00 33.51 ? 51  ASN A O   1 
ATOM   363  C CB  . ASN A 1 54  ? -1.675  -1.057  -13.637 1.00 33.37 ? 51  ASN A CB  1 
ATOM   364  C CG  . ASN A 1 54  ? -1.675  -2.371  -14.374 1.00 37.31 ? 51  ASN A CG  1 
ATOM   365  O OD1 . ASN A 1 54  ? -0.705  -2.699  -15.056 1.00 40.63 ? 51  ASN A OD1 1 
ATOM   366  N ND2 . ASN A 1 54  ? -2.757  -3.135  -14.241 1.00 44.05 ? 51  ASN A ND2 1 
ATOM   367  N N   . ALA A 1 55  ? -0.271  1.346   -11.923 1.00 29.73 ? 52  ALA A N   1 
ATOM   368  C CA  . ALA A 1 55  ? -0.287  2.735   -11.482 1.00 31.28 ? 52  ALA A CA  1 
ATOM   369  C C   . ALA A 1 55  ? 1.092   3.370   -11.597 1.00 30.39 ? 52  ALA A C   1 
ATOM   370  O O   . ALA A 1 55  ? 1.244   4.562   -11.356 1.00 31.79 ? 52  ALA A O   1 
ATOM   371  C CB  . ALA A 1 55  ? -0.795  2.835   -10.044 1.00 30.78 ? 52  ALA A CB  1 
ATOM   372  N N   . GLY A 1 56  ? 2.093   2.561   -11.929 1.00 25.56 ? 53  GLY A N   1 
ATOM   373  C CA  . GLY A 1 56  ? 3.452   3.038   -12.128 1.00 26.69 ? 53  GLY A CA  1 
ATOM   374  C C   . GLY A 1 56  ? 4.288   3.208   -10.868 1.00 25.83 ? 53  GLY A C   1 
ATOM   375  O O   . GLY A 1 56  ? 5.329   3.858   -10.888 1.00 23.54 ? 53  GLY A O   1 
ATOM   376  N N   . LEU A 1 57  ? 3.842   2.621   -9.762  1.00 22.84 ? 54  LEU A N   1 
ATOM   377  C CA  . LEU A 1 57  ? 4.544   2.812   -8.497  1.00 20.41 ? 54  LEU A CA  1 
ATOM   378  C C   . LEU A 1 57  ? 5.696   1.847   -8.331  1.00 18.73 ? 54  LEU A C   1 
ATOM   379  O O   . LEU A 1 57  ? 6.678   2.163   -7.664  1.00 21.28 ? 54  LEU A O   1 
ATOM   380  C CB  . LEU A 1 57  ? 3.579   2.663   -7.313  1.00 22.15 ? 54  LEU A CB  1 
ATOM   381  C CG  . LEU A 1 57  ? 2.407   3.632   -7.256  1.00 25.58 ? 54  LEU A CG  1 
ATOM   382  C CD1 . LEU A 1 57  ? 1.712   3.471   -5.927  1.00 24.72 ? 54  LEU A CD1 1 
ATOM   383  C CD2 . LEU A 1 57  ? 2.897   5.064   -7.435  1.00 27.89 ? 54  LEU A CD2 1 
ATOM   384  N N   . ILE A 1 58  ? 5.563   0.658   -8.910  1.00 21.35 ? 55  ILE A N   1 
ATOM   385  C CA  . ILE A 1 58  ? 6.619   -0.342  -8.867  1.00 20.39 ? 55  ILE A CA  1 
ATOM   386  C C   . ILE A 1 58  ? 6.859   -0.894  -10.271 1.00 24.51 ? 55  ILE A C   1 
ATOM   387  O O   . ILE A 1 58  ? 6.023   -0.723  -11.162 1.00 24.57 ? 55  ILE A O   1 
ATOM   388  C CB  . ILE A 1 58  ? 6.257   -1.504  -7.919  1.00 20.14 ? 55  ILE A CB  1 
ATOM   389  C CG1 . ILE A 1 58  ? 5.103   -2.339  -8.480  1.00 22.35 ? 55  ILE A CG1 1 
ATOM   390  C CG2 . ILE A 1 58  ? 5.892   -0.952  -6.555  1.00 21.17 ? 55  ILE A CG2 1 
ATOM   391  C CD1 . ILE A 1 58  ? 4.834   -3.629  -7.693  1.00 23.51 ? 55  ILE A CD1 1 
ATOM   392  N N   . ARG A 1 59  ? 7.987   -1.565  -10.454 1.00 21.43 ? 56  ARG A N   1 
ATOM   393  C CA  . ARG A 1 59  ? 8.295   -2.184  -11.743 1.00 24.59 ? 56  ARG A CA  1 
ATOM   394  C C   . ARG A 1 59  ? 9.103   -3.453  -11.544 1.00 26.59 ? 56  ARG A C   1 
ATOM   395  O O   . ARG A 1 59  ? 9.806   -3.611  -10.547 1.00 22.88 ? 56  ARG A O   1 
ATOM   396  C CB  . ARG A 1 59  ? 9.054   -1.217  -12.629 1.00 25.58 ? 56  ARG A CB  1 
ATOM   397  C CG  . ARG A 1 59  ? 10.426  -0.872  -12.112 1.00 27.01 ? 56  ARG A CG  1 
ATOM   398  C CD  . ARG A 1 59  ? 11.089  0.070   -13.078 1.00 30.97 ? 56  ARG A CD  1 
ATOM   399  N NE  . ARG A 1 59  ? 12.353  0.594   -12.586 1.00 32.99 ? 56  ARG A NE  1 
ATOM   400  C CZ  . ARG A 1 59  ? 13.034  1.543   -13.214 1.00 34.97 ? 56  ARG A CZ  1 
ATOM   401  N NH1 . ARG A 1 59  ? 12.549  2.056   -14.339 1.00 34.60 ? 56  ARG A NH1 1 
ATOM   402  N NH2 . ARG A 1 59  ? 14.183  1.982   -12.717 1.00 36.31 ? 56  ARG A NH2 1 
ATOM   403  N N   . SER A 1 60  ? 8.983   -4.375  -12.492 1.00 28.39 ? 57  SER A N   1 
ATOM   404  C CA  . SER A 1 60  ? 9.745   -5.611  -12.414 1.00 30.48 ? 57  SER A CA  1 
ATOM   405  C C   . SER A 1 60  ? 11.080  -5.428  -13.121 1.00 37.62 ? 57  SER A C   1 
ATOM   406  O O   . SER A 1 60  ? 11.199  -4.593  -14.017 1.00 37.26 ? 57  SER A O   1 
ATOM   407  C CB  . SER A 1 60  ? 8.948   -6.763  -13.029 1.00 37.74 ? 57  SER A CB  1 
ATOM   408  O OG  . SER A 1 60  ? 8.325   -6.363  -14.235 1.00 43.61 ? 57  SER A OG  1 
ATOM   409  N N   . VAL A 1 61  ? 12.092  -6.177  -12.691 1.00 36.28 ? 58  VAL A N   1 
ATOM   410  C CA  . VAL A 1 61  ? 13.386  -6.167  -13.364 1.00 43.18 ? 58  VAL A CA  1 
ATOM   411  C C   . VAL A 1 61  ? 13.433  -7.339  -14.334 1.00 48.31 ? 58  VAL A C   1 
ATOM   412  O O   . VAL A 1 61  ? 12.859  -8.400  -14.073 1.00 48.14 ? 58  VAL A O   1 
ATOM   413  C CB  . VAL A 1 61  ? 14.564  -6.266  -12.379 1.00 47.17 ? 58  VAL A CB  1 
ATOM   414  C CG1 . VAL A 1 61  ? 15.123  -7.680  -12.359 1.00 51.14 ? 58  VAL A CG1 1 
ATOM   415  C CG2 . VAL A 1 61  ? 15.654  -5.280  -12.762 1.00 49.04 ? 58  VAL A CG2 1 
ATOM   416  N N   . ARG A 1 62  ? 14.125  -7.147  -15.450 1.00 49.52 ? 59  ARG A N   1 
ATOM   417  C CA  . ARG A 1 62  ? 14.024  -8.072  -16.576 1.00 54.27 ? 59  ARG A CA  1 
ATOM   418  C C   . ARG A 1 62  ? 14.438  -9.524  -16.293 1.00 54.49 ? 59  ARG A C   1 
ATOM   419  O O   . ARG A 1 62  ? 13.922  -10.448 -16.922 1.00 56.29 ? 59  ARG A O   1 
ATOM   420  C CB  . ARG A 1 62  ? 14.782  -7.520  -17.788 1.00 55.50 ? 59  ARG A CB  1 
ATOM   421  C CG  . ARG A 1 62  ? 14.775  -8.449  -18.985 1.00 57.95 ? 59  ARG A CG  1 
ATOM   422  C CD  . ARG A 1 62  ? 13.358  -8.843  -19.358 1.00 60.66 ? 59  ARG A CD  1 
ATOM   423  N NE  . ARG A 1 62  ? 13.335  -10.057 -20.168 1.00 64.86 ? 59  ARG A NE  1 
ATOM   424  C CZ  . ARG A 1 62  ? 13.514  -10.079 -21.484 1.00 63.71 ? 59  ARG A CZ  1 
ATOM   425  N NH1 . ARG A 1 62  ? 13.727  -8.945  -22.143 1.00 64.05 ? 59  ARG A NH1 1 
ATOM   426  N NH2 . ARG A 1 62  ? 13.477  -11.231 -22.141 1.00 58.40 ? 59  ARG A NH2 1 
ATOM   427  N N   . GLY A 1 63  ? 15.349  -9.735  -15.350 1.00 53.17 ? 60  GLY A N   1 
ATOM   428  C CA  . GLY A 1 63  ? 15.910  -11.063 -15.167 1.00 53.33 ? 60  GLY A CA  1 
ATOM   429  C C   . GLY A 1 63  ? 15.389  -11.901 -14.012 1.00 57.38 ? 60  GLY A C   1 
ATOM   430  O O   . GLY A 1 63  ? 15.482  -13.131 -14.042 1.00 56.00 ? 60  GLY A O   1 
ATOM   431  N N   . ALA A 1 64  ? 14.832  -11.248 -12.998 1.00 51.24 ? 61  ALA A N   1 
ATOM   432  C CA  . ALA A 1 64  ? 14.582  -11.907 -11.721 1.00 49.03 ? 61  ALA A CA  1 
ATOM   433  C C   . ALA A 1 64  ? 13.374  -12.842 -11.690 1.00 45.83 ? 61  ALA A C   1 
ATOM   434  O O   . ALA A 1 64  ? 12.986  -13.316 -10.619 1.00 46.51 ? 61  ALA A O   1 
ATOM   435  C CB  . ALA A 1 64  ? 14.490  -10.866 -10.601 1.00 53.30 ? 61  ALA A CB  1 
ATOM   436  N N   . LYS A 1 65  ? 12.786  -13.118 -12.851 1.00 45.01 ? 62  LYS A N   1 
ATOM   437  C CA  . LYS A 1 65  ? 11.633  -14.016 -12.917 1.00 42.64 ? 62  LYS A CA  1 
ATOM   438  C C   . LYS A 1 65  ? 10.659  -13.685 -11.790 1.00 40.75 ? 62  LYS A C   1 
ATOM   439  O O   . LYS A 1 65  ? 10.216  -14.566 -11.055 1.00 43.28 ? 62  LYS A O   1 
ATOM   440  C CB  . LYS A 1 65  ? 12.077  -15.484 -12.828 1.00 43.96 ? 62  LYS A CB  1 
ATOM   441  C CG  . LYS A 1 65  ? 11.809  -16.302 -14.092 1.00 43.39 ? 62  LYS A CG  1 
ATOM   442  C CD  . LYS A 1 65  ? 12.547  -17.651 -14.091 1.00 40.62 ? 62  LYS A CD  1 
ATOM   443  C CE  . LYS A 1 65  ? 11.715  -18.773 -13.461 1.00 37.35 ? 62  LYS A CE  1 
ATOM   444  N NZ  . LYS A 1 65  ? 12.397  -20.118 -13.495 1.00 39.80 ? 62  LYS A NZ  1 
ATOM   445  N N   . GLY A 1 66  ? 10.343  -12.401 -11.654 1.00 38.97 ? 63  GLY A N   1 
ATOM   446  C CA  . GLY A 1 66  ? 9.452   -11.937 -10.608 1.00 37.93 ? 63  GLY A CA  1 
ATOM   447  C C   . GLY A 1 66  ? 10.196  -11.222 -9.494  1.00 37.92 ? 63  GLY A C   1 
ATOM   448  O O   . GLY A 1 66  ? 10.063  -11.577 -8.328  1.00 38.92 ? 63  GLY A O   1 
ATOM   449  N N   . GLY A 1 67  ? 10.994  -10.223 -9.863  1.00 39.88 ? 64  GLY A N   1 
ATOM   450  C CA  . GLY A 1 67  ? 11.711  -9.395  -8.903  1.00 35.81 ? 64  GLY A CA  1 
ATOM   451  C C   . GLY A 1 67  ? 11.295  -7.954  -9.104  1.00 32.73 ? 64  GLY A C   1 
ATOM   452  O O   . GLY A 1 67  ? 11.106  -7.518  -10.237 1.00 32.77 ? 64  GLY A O   1 
ATOM   453  N N   . TYR A 1 68  ? 11.149  -7.214  -8.008  1.00 33.16 ? 65  TYR A N   1 
ATOM   454  C CA  . TYR A 1 68  ? 10.523  -5.896  -8.065  1.00 28.06 ? 65  TYR A CA  1 
ATOM   455  C C   . TYR A 1 68  ? 11.290  -4.795  -7.347  1.00 28.04 ? 65  TYR A C   1 
ATOM   456  O O   . TYR A 1 68  ? 12.092  -5.057  -6.456  1.00 25.57 ? 65  TYR A O   1 
ATOM   457  C CB  . TYR A 1 68  ? 9.106   -5.982  -7.499  1.00 22.73 ? 65  TYR A CB  1 
ATOM   458  C CG  . TYR A 1 68  ? 8.160   -6.637  -8.464  1.00 26.54 ? 65  TYR A CG  1 
ATOM   459  C CD1 . TYR A 1 68  ? 7.476   -5.885  -9.408  1.00 25.16 ? 65  TYR A CD1 1 
ATOM   460  C CD2 . TYR A 1 68  ? 7.982   -8.018  -8.467  1.00 31.12 ? 65  TYR A CD2 1 
ATOM   461  C CE1 . TYR A 1 68  ? 6.621   -6.479  -10.309 1.00 29.57 ? 65  TYR A CE1 1 
ATOM   462  C CE2 . TYR A 1 68  ? 7.123   -8.621  -9.378  1.00 32.09 ? 65  TYR A CE2 1 
ATOM   463  C CZ  . TYR A 1 68  ? 6.448   -7.843  -10.289 1.00 29.99 ? 65  TYR A CZ  1 
ATOM   464  O OH  . TYR A 1 68  ? 5.585   -8.421  -11.193 1.00 39.30 ? 65  TYR A OH  1 
ATOM   465  N N   . GLN A 1 69  ? 11.013  -3.554  -7.747  1.00 23.40 ? 66  GLN A N   1 
ATOM   466  C CA  . GLN A 1 69  ? 11.593  -2.387  -7.105  1.00 25.13 ? 66  GLN A CA  1 
ATOM   467  C C   . GLN A 1 69  ? 10.609  -1.224  -7.225  1.00 22.55 ? 66  GLN A C   1 
ATOM   468  O O   . GLN A 1 69  ? 9.735   -1.226  -8.085  1.00 22.34 ? 66  GLN A O   1 
ATOM   469  C CB  . GLN A 1 69  ? 12.937  -2.029  -7.744  1.00 26.24 ? 66  GLN A CB  1 
ATOM   470  C CG  . GLN A 1 69  ? 12.816  -1.452  -9.140  1.00 29.09 ? 66  GLN A CG  1 
ATOM   471  C CD  . GLN A 1 69  ? 14.160  -1.258  -9.834  1.00 36.81 ? 66  GLN A CD  1 
ATOM   472  O OE1 . GLN A 1 69  ? 15.213  -1.558  -9.273  1.00 43.54 ? 66  GLN A OE1 1 
ATOM   473  N NE2 . GLN A 1 69  ? 14.120  -0.757  -11.062 1.00 33.06 ? 66  GLN A NE2 1 
ATOM   474  N N   . LEU A 1 70  ? 10.729  -0.247  -6.339  1.00 22.46 ? 67  LEU A N   1 
ATOM   475  C CA  . LEU A 1 70  ? 9.980   0.984   -6.499  1.00 19.68 ? 67  LEU A CA  1 
ATOM   476  C C   . LEU A 1 70  ? 10.344  1.638   -7.826  1.00 24.32 ? 67  LEU A C   1 
ATOM   477  O O   . LEU A 1 70  ? 11.501  1.650   -8.218  1.00 24.79 ? 67  LEU A O   1 
ATOM   478  C CB  . LEU A 1 70  ? 10.356  1.931   -5.375  1.00 24.47 ? 67  LEU A CB  1 
ATOM   479  C CG  . LEU A 1 70  ? 9.308   2.371   -4.366  1.00 28.15 ? 67  LEU A CG  1 
ATOM   480  C CD1 . LEU A 1 70  ? 8.371   1.252   -3.947  1.00 23.22 ? 67  LEU A CD1 1 
ATOM   481  C CD2 . LEU A 1 70  ? 10.044  2.966   -3.195  1.00 23.99 ? 67  LEU A CD2 1 
ATOM   482  N N   . ARG A 1 71  ? 9.352   2.179   -8.516  1.00 22.47 ? 68  ARG A N   1 
ATOM   483  C CA  . ARG A 1 71  ? 9.600   2.930   -9.728  1.00 22.03 ? 68  ARG A CA  1 
ATOM   484  C C   . ARG A 1 71  ? 9.544   4.430   -9.447  1.00 24.69 ? 68  ARG A C   1 
ATOM   485  O O   . ARG A 1 71  ? 10.146  5.237   -10.166 1.00 25.96 ? 68  ARG A O   1 
ATOM   486  C CB  . ARG A 1 71  ? 8.568   2.553   -10.786 1.00 28.21 ? 68  ARG A CB  1 
ATOM   487  C CG  . ARG A 1 71  ? 8.639   3.441   -11.987 1.00 27.70 ? 68  ARG A CG  1 
ATOM   488  C CD  . ARG A 1 71  ? 7.611   3.105   -13.039 1.00 27.85 ? 68  ARG A CD  1 
ATOM   489  N NE  . ARG A 1 71  ? 7.698   4.123   -14.074 1.00 32.23 ? 68  ARG A NE  1 
ATOM   490  C CZ  . ARG A 1 71  ? 7.063   5.288   -14.015 1.00 31.51 ? 68  ARG A CZ  1 
ATOM   491  N NH1 . ARG A 1 71  ? 6.275   5.557   -12.982 1.00 27.08 ? 68  ARG A NH1 1 
ATOM   492  N NH2 . ARG A 1 71  ? 7.208   6.182   -14.988 1.00 26.55 ? 68  ARG A NH2 1 
ATOM   493  N N   . VAL A 1 72  ? 8.808   4.783   -8.397  1.00 23.44 ? 69  VAL A N   1 
ATOM   494  C CA  . VAL A 1 72  ? 8.658   6.147   -7.940  1.00 26.13 ? 69  VAL A CA  1 
ATOM   495  C C   . VAL A 1 72  ? 9.227   6.211   -6.529  1.00 25.07 ? 69  VAL A C   1 
ATOM   496  O O   . VAL A 1 72  ? 9.036   5.277   -5.743  1.00 27.61 ? 69  VAL A O   1 
ATOM   497  C CB  . VAL A 1 72  ? 7.163   6.532   -7.947  1.00 29.29 ? 69  VAL A CB  1 
ATOM   498  C CG1 . VAL A 1 72  ? 6.870   7.674   -6.989  1.00 29.71 ? 69  VAL A CG1 1 
ATOM   499  C CG2 . VAL A 1 72  ? 6.730   6.868   -9.388  1.00 27.45 ? 69  VAL A CG2 1 
ATOM   500  N N   . PRO A 1 73  ? 9.938   7.299   -6.201  1.00 24.12 ? 70  PRO A N   1 
ATOM   501  C CA  . PRO A 1 73  ? 10.553  7.409   -4.870  1.00 25.27 ? 70  PRO A CA  1 
ATOM   502  C C   . PRO A 1 73  ? 9.540   7.372   -3.735  1.00 22.92 ? 70  PRO A C   1 
ATOM   503  O O   . PRO A 1 73  ? 8.421   7.867   -3.872  1.00 21.83 ? 70  PRO A O   1 
ATOM   504  C CB  . PRO A 1 73  ? 11.286  8.760   -4.910  1.00 30.01 ? 70  PRO A CB  1 
ATOM   505  C CG  . PRO A 1 73  ? 10.817  9.449   -6.152  1.00 31.12 ? 70  PRO A CG  1 
ATOM   506  C CD  . PRO A 1 73  ? 10.294  8.423   -7.085  1.00 25.93 ? 70  PRO A CD  1 
ATOM   507  N N   . ALA A 1 74  ? 9.946   6.775   -2.619  1.00 21.06 ? 71  ALA A N   1 
ATOM   508  C CA  . ALA A 1 74  ? 9.039   6.570   -1.495  1.00 22.02 ? 71  ALA A CA  1 
ATOM   509  C C   . ALA A 1 74  ? 8.439   7.867   -0.966  1.00 23.63 ? 71  ALA A C   1 
ATOM   510  O O   . ALA A 1 74  ? 7.299   7.880   -0.478  1.00 21.59 ? 71  ALA A O   1 
ATOM   511  C CB  . ALA A 1 74  ? 9.744   5.816   -0.370  1.00 22.66 ? 71  ALA A CB  1 
ATOM   512  N N   . GLU A 1 75  ? 9.205   8.949   -1.045  1.00 22.23 ? 72  GLU A N   1 
ATOM   513  C CA  . GLU A 1 75  ? 8.769   10.226  -0.505  1.00 22.98 ? 72  GLU A CA  1 
ATOM   514  C C   . GLU A 1 75  ? 7.618   10.832  -1.304  1.00 25.97 ? 72  GLU A C   1 
ATOM   515  O O   . GLU A 1 75  ? 6.955   11.763  -0.841  1.00 29.07 ? 72  GLU A O   1 
ATOM   516  C CB  . GLU A 1 75  ? 9.938   11.214  -0.385  1.00 28.46 ? 72  GLU A CB  1 
ATOM   517  C CG  . GLU A 1 75  ? 10.455  11.782  -1.697  1.00 31.50 ? 72  GLU A CG  1 
ATOM   518  C CD  . GLU A 1 75  ? 11.561  12.813  -1.484  1.00 36.78 ? 72  GLU A CD  1 
ATOM   519  O OE1 . GLU A 1 75  ? 11.496  13.546  -0.478  1.00 38.76 ? 72  GLU A OE1 1 
ATOM   520  O OE2 . GLU A 1 75  ? 12.494  12.892  -2.311  1.00 40.45 ? 72  GLU A OE2 1 
ATOM   521  N N   . GLU A 1 76  ? 7.355   10.277  -2.481  1.00 24.36 ? 73  GLU A N   1 
ATOM   522  C CA  . GLU A 1 76  ? 6.279   10.761  -3.345  1.00 23.50 ? 73  GLU A CA  1 
ATOM   523  C C   . GLU A 1 76  ? 4.995   9.951   -3.214  1.00 28.63 ? 73  GLU A C   1 
ATOM   524  O O   . GLU A 1 76  ? 4.005   10.248  -3.887  1.00 27.51 ? 73  GLU A O   1 
ATOM   525  C CB  . GLU A 1 76  ? 6.731   10.750  -4.815  1.00 28.50 ? 73  GLU A CB  1 
ATOM   526  C CG  . GLU A 1 76  ? 7.809   11.773  -5.148  1.00 29.05 ? 73  GLU A CG  1 
ATOM   527  C CD  . GLU A 1 76  ? 8.059   11.917  -6.647  1.00 34.75 ? 73  GLU A CD  1 
ATOM   528  O OE1 . GLU A 1 76  ? 7.585   11.068  -7.419  1.00 31.30 ? 73  GLU A OE1 1 
ATOM   529  O OE2 . GLU A 1 76  ? 8.732   12.885  -7.050  1.00 41.26 ? 73  GLU A OE2 1 
ATOM   530  N N   . ILE A 1 77  ? 5.001   8.924   -2.364  1.00 24.12 ? 74  ILE A N   1 
ATOM   531  C CA  . ILE A 1 77  ? 3.873   8.005   -2.286  1.00 19.61 ? 74  ILE A CA  1 
ATOM   532  C C   . ILE A 1 77  ? 3.303   8.015   -0.878  1.00 23.16 ? 74  ILE A C   1 
ATOM   533  O O   . ILE A 1 77  ? 4.057   7.896   0.082   1.00 21.59 ? 74  ILE A O   1 
ATOM   534  C CB  . ILE A 1 77  ? 4.290   6.551   -2.570  1.00 20.74 ? 74  ILE A CB  1 
ATOM   535  C CG1 . ILE A 1 77  ? 5.005   6.442   -3.920  1.00 22.52 ? 74  ILE A CG1 1 
ATOM   536  C CG2 . ILE A 1 77  ? 3.073   5.616   -2.518  1.00 23.10 ? 74  ILE A CG2 1 
ATOM   537  C CD1 . ILE A 1 77  ? 5.530   5.056   -4.216  1.00 22.50 ? 74  ILE A CD1 1 
ATOM   538  N N   . SER A 1 78  ? 1.986   8.158   -0.760  1.00 21.88 ? 75  SER A N   1 
ATOM   539  C CA  . SER A 1 78  ? 1.345   8.116   0.558   1.00 25.15 ? 75  SER A CA  1 
ATOM   540  C C   . SER A 1 78  ? 0.677   6.768   0.820   1.00 23.67 ? 75  SER A C   1 
ATOM   541  O O   . SER A 1 78  ? 0.347   6.019   -0.102  1.00 22.14 ? 75  SER A O   1 
ATOM   542  C CB  . SER A 1 78  ? 0.310   9.239   0.717   1.00 25.55 ? 75  SER A CB  1 
ATOM   543  O OG  . SER A 1 78  ? -0.868  8.940   -0.013  1.00 24.95 ? 75  SER A OG  1 
ATOM   544  N N   . ALA A 1 79  ? 0.498   6.449   2.098   1.00 22.98 ? 76  ALA A N   1 
ATOM   545  C CA  . ALA A 1 79  ? -0.189  5.221   2.468   1.00 21.81 ? 76  ALA A CA  1 
ATOM   546  C C   . ALA A 1 79  ? -1.583  5.243   1.860   1.00 20.11 ? 76  ALA A C   1 
ATOM   547  O O   . ALA A 1 79  ? -2.107  4.220   1.407   1.00 21.57 ? 76  ALA A O   1 
ATOM   548  C CB  . ALA A 1 79  ? -0.254  5.111   3.957   1.00 20.47 ? 76  ALA A CB  1 
ATOM   549  N N   . GLY A 1 80  ? -2.176  6.434   1.835   1.00 20.78 ? 77  GLY A N   1 
ATOM   550  C CA  . GLY A 1 80  ? -3.498  6.600   1.272   1.00 26.33 ? 77  GLY A CA  1 
ATOM   551  C C   . GLY A 1 80  ? -3.533  6.234   -0.199  1.00 24.48 ? 77  GLY A C   1 
ATOM   552  O O   . GLY A 1 80  ? -4.467  5.562   -0.648  1.00 27.12 ? 77  GLY A O   1 
ATOM   553  N N   . ASP A 1 81  ? -2.516  6.677   -0.935  1.00 24.54 ? 78  ASP A N   1 
ATOM   554  C CA  . ASP A 1 81  ? -2.386  6.370   -2.359  1.00 23.71 ? 78  ASP A CA  1 
ATOM   555  C C   . ASP A 1 81  ? -2.446  4.854   -2.545  1.00 26.44 ? 78  ASP A C   1 
ATOM   556  O O   . ASP A 1 81  ? -3.156  4.335   -3.409  1.00 25.55 ? 78  ASP A O   1 
ATOM   557  C CB  . ASP A 1 81  ? -1.053  6.904   -2.908  1.00 26.02 ? 78  ASP A CB  1 
ATOM   558  C CG  . ASP A 1 81  ? -0.992  8.430   -2.973  1.00 31.30 ? 78  ASP A CG  1 
ATOM   559  O OD1 . ASP A 1 81  ? -2.059  9.070   -3.127  1.00 31.96 ? 78  ASP A OD1 1 
ATOM   560  O OD2 . ASP A 1 81  ? 0.134   8.982   -2.882  1.00 30.96 ? 78  ASP A OD2 1 
ATOM   561  N N   . ILE A 1 82  ? -1.695  4.142   -1.711  1.00 21.95 ? 79  ILE A N   1 
ATOM   562  C CA  . ILE A 1 82  ? -1.589  2.703   -1.844  1.00 22.63 ? 79  ILE A CA  1 
ATOM   563  C C   . ILE A 1 82  ? -2.905  2.015   -1.521  1.00 24.27 ? 79  ILE A C   1 
ATOM   564  O O   . ILE A 1 82  ? -3.370  1.140   -2.249  1.00 23.97 ? 79  ILE A O   1 
ATOM   565  C CB  . ILE A 1 82  ? -0.449  2.159   -0.963  1.00 20.20 ? 79  ILE A CB  1 
ATOM   566  C CG1 . ILE A 1 82  ? 0.891   2.650   -1.520  1.00 23.43 ? 79  ILE A CG1 1 
ATOM   567  C CG2 . ILE A 1 82  ? -0.491  0.646   -0.944  1.00 21.46 ? 79  ILE A CG2 1 
ATOM   568  C CD1 . ILE A 1 82  ? 2.073   2.588   -0.556  1.00 24.62 ? 79  ILE A CD1 1 
ATOM   569  N N   . ILE A 1 83  ? -3.518  2.408   -0.416  1.00 25.05 ? 80  ILE A N   1 
ATOM   570  C CA  . ILE A 1 83  ? -4.783  1.815   -0.042  1.00 24.76 ? 80  ILE A CA  1 
ATOM   571  C C   . ILE A 1 83  ? -5.830  2.044   -1.127  1.00 26.93 ? 80  ILE A C   1 
ATOM   572  O O   . ILE A 1 83  ? -6.550  1.126   -1.512  1.00 28.98 ? 80  ILE A O   1 
ATOM   573  C CB  . ILE A 1 83  ? -5.286  2.390   1.273   1.00 28.99 ? 80  ILE A CB  1 
ATOM   574  C CG1 . ILE A 1 83  ? -4.296  2.076   2.396   1.00 31.08 ? 80  ILE A CG1 1 
ATOM   575  C CG2 . ILE A 1 83  ? -6.649  1.818   1.590   1.00 31.89 ? 80  ILE A CG2 1 
ATOM   576  C CD1 . ILE A 1 83  ? -4.067  0.620   2.573   1.00 31.66 ? 80  ILE A CD1 1 
ATOM   577  N N   . ARG A 1 84  ? -5.894  3.272   -1.628  1.00 29.22 ? 81  ARG A N   1 
ATOM   578  C CA  . ARG A 1 84  ? -6.854  3.621   -2.669  1.00 31.93 ? 81  ARG A CA  1 
ATOM   579  C C   . ARG A 1 84  ? -6.737  2.722   -3.895  1.00 32.19 ? 81  ARG A C   1 
ATOM   580  O O   . ARG A 1 84  ? -7.738  2.240   -4.416  1.00 35.67 ? 81  ARG A O   1 
ATOM   581  C CB  . ARG A 1 84  ? -6.723  5.098   -3.051  1.00 34.73 ? 81  ARG A CB  1 
ATOM   582  C CG  . ARG A 1 84  ? -7.309  6.048   -1.997  1.00 37.65 ? 81  ARG A CG  1 
ATOM   583  C CD  . ARG A 1 84  ? -7.375  7.501   -2.475  1.00 41.99 ? 81  ARG A CD  1 
ATOM   584  N NE  . ARG A 1 84  ? -6.096  8.203   -2.373  1.00 39.78 ? 81  ARG A NE  1 
ATOM   585  C CZ  . ARG A 1 84  ? -5.652  8.783   -1.261  1.00 37.56 ? 81  ARG A CZ  1 
ATOM   586  N NH1 . ARG A 1 84  ? -6.376  8.739   -0.153  1.00 40.07 ? 81  ARG A NH1 1 
ATOM   587  N NH2 . ARG A 1 84  ? -4.480  9.400   -1.254  1.00 38.58 ? 81  ARG A NH2 1 
ATOM   588  N N   . LEU A 1 85  ? -5.513  2.475   -4.341  1.00 29.61 ? 82  LEU A N   1 
ATOM   589  C CA  . LEU A 1 85  ? -5.291  1.670   -5.533  1.00 23.70 ? 82  LEU A CA  1 
ATOM   590  C C   . LEU A 1 85  ? -5.784  0.240   -5.362  1.00 32.96 ? 82  LEU A C   1 
ATOM   591  O O   . LEU A 1 85  ? -6.319  -0.362  -6.291  1.00 33.60 ? 82  LEU A O   1 
ATOM   592  C CB  . LEU A 1 85  ? -3.810  1.652   -5.872  1.00 26.87 ? 82  LEU A CB  1 
ATOM   593  C CG  . LEU A 1 85  ? -3.293  2.879   -6.604  1.00 32.35 ? 82  LEU A CG  1 
ATOM   594  C CD1 . LEU A 1 85  ? -1.778  2.914   -6.554  1.00 31.64 ? 82  LEU A CD1 1 
ATOM   595  C CD2 . LEU A 1 85  ? -3.797  2.861   -8.046  1.00 34.49 ? 82  LEU A CD2 1 
ATOM   596  N N   . LEU A 1 86  ? -5.602  -0.308  -4.170  1.00 27.70 ? 83  LEU A N   1 
ATOM   597  C CA  . LEU A 1 86  ? -5.922  -1.707  -3.949  1.00 27.89 ? 83  LEU A CA  1 
ATOM   598  C C   . LEU A 1 86  ? -7.348  -1.952  -3.463  1.00 33.87 ? 83  LEU A C   1 
ATOM   599  O O   . LEU A 1 86  ? -7.944  -2.975  -3.794  1.00 38.63 ? 83  LEU A O   1 
ATOM   600  C CB  . LEU A 1 86  ? -4.916  -2.324  -2.985  1.00 28.71 ? 83  LEU A CB  1 
ATOM   601  C CG  . LEU A 1 86  ? -3.513  -2.360  -3.597  1.00 24.91 ? 83  LEU A CG  1 
ATOM   602  C CD1 . LEU A 1 86  ? -2.442  -2.508  -2.541  1.00 25.64 ? 83  LEU A CD1 1 
ATOM   603  C CD2 . LEU A 1 86  ? -3.413  -3.471  -4.650  1.00 28.70 ? 83  LEU A CD2 1 
ATOM   604  N N   . GLU A 1 87  ? -7.897  -1.018  -2.696  1.00 34.81 ? 84  GLU A N   1 
ATOM   605  C CA  . GLU A 1 87  ? -9.187  -1.253  -2.041  1.00 41.61 ? 84  GLU A CA  1 
ATOM   606  C C   . GLU A 1 87  ? -10.317 -0.415  -2.620  1.00 47.99 ? 84  GLU A C   1 
ATOM   607  O O   . GLU A 1 87  ? -11.446 -0.893  -2.753  1.00 51.00 ? 84  GLU A O   1 
ATOM   608  C CB  . GLU A 1 87  ? -9.088  -0.990  -0.539  1.00 37.94 ? 84  GLU A CB  1 
ATOM   609  C CG  . GLU A 1 87  ? -9.414  0.439   -0.147  1.00 44.53 ? 84  GLU A CG  1 
ATOM   610  C CD  . GLU A 1 87  ? -9.994  0.550   1.248   1.00 49.80 ? 84  GLU A CD  1 
ATOM   611  O OE1 . GLU A 1 87  ? -9.782  -0.380  2.055   1.00 52.53 ? 84  GLU A OE1 1 
ATOM   612  O OE2 . GLU A 1 87  ? -10.668 1.564   1.538   1.00 56.39 ? 84  GLU A OE2 1 
ATOM   613  N N   . GLY A 1 88  ? -10.016 0.836   -2.958  1.00 45.65 ? 85  GLY A N   1 
ATOM   614  C CA  . GLY A 1 88  ? -11.040 1.761   -3.411  1.00 47.89 ? 85  GLY A CA  1 
ATOM   615  C C   . GLY A 1 88  ? -10.819 3.172   -2.898  1.00 44.76 ? 85  GLY A C   1 
ATOM   616  O O   . GLY A 1 88  ? -10.186 3.372   -1.863  1.00 43.64 ? 85  GLY A O   1 
ATOM   617  N N   . PRO A 1 89  ? -11.356 4.166   -3.620  1.00 49.52 ? 86  PRO A N   1 
ATOM   618  C CA  . PRO A 1 89  ? -11.081 5.588   -3.378  1.00 44.24 ? 86  PRO A CA  1 
ATOM   619  C C   . PRO A 1 89  ? -11.685 6.120   -2.081  1.00 47.70 ? 86  PRO A C   1 
ATOM   620  O O   . PRO A 1 89  ? -11.312 7.235   -1.708  1.00 50.21 ? 86  PRO A O   1 
ATOM   621  C CB  . PRO A 1 89  ? -11.736 6.273   -4.581  1.00 49.73 ? 86  PRO A CB  1 
ATOM   622  C CG  . PRO A 1 89  ? -12.839 5.352   -4.971  1.00 44.52 ? 86  PRO A CG  1 
ATOM   623  C CD  . PRO A 1 89  ? -12.292 3.971   -4.743  1.00 50.01 ? 86  PRO A CD  1 
ATOM   624  N N   . GLU A 1 94  ? -21.487 1.912   5.433   1.00 42.79 ? 91  GLU A N   1 
ATOM   625  C CA  . GLU A 1 94  ? -22.745 1.586   4.774   1.00 46.77 ? 91  GLU A CA  1 
ATOM   626  C C   . GLU A 1 94  ? -23.867 2.492   5.260   1.00 43.08 ? 91  GLU A C   1 
ATOM   627  O O   . GLU A 1 94  ? -24.032 2.698   6.462   1.00 43.81 ? 91  GLU A O   1 
ATOM   628  C CB  . GLU A 1 94  ? -23.116 0.127   5.025   1.00 50.30 ? 91  GLU A CB  1 
ATOM   629  C CG  . GLU A 1 94  ? -22.048 -0.863  4.589   1.00 59.36 ? 91  GLU A CG  1 
ATOM   630  C CD  . GLU A 1 94  ? -22.325 -2.272  5.084   1.00 68.39 ? 91  GLU A CD  1 
ATOM   631  O OE1 . GLU A 1 94  ? -23.247 -2.438  5.916   1.00 59.87 ? 91  GLU A OE1 1 
ATOM   632  O OE2 . GLU A 1 94  ? -21.623 -3.210  4.641   1.00 67.41 ? 91  GLU A OE2 1 
ATOM   633  N N   . SER A 1 95  ? -24.650 3.011   4.320   1.00 41.84 ? 92  SER A N   1 
ATOM   634  C CA  . SER A 1 95  ? -25.710 3.958   4.647   1.00 41.76 ? 92  SER A CA  1 
ATOM   635  C C   . SER A 1 95  ? -26.941 3.282   5.246   1.00 47.22 ? 92  SER A C   1 
ATOM   636  O O   . SER A 1 95  ? -27.385 2.232   4.782   1.00 51.20 ? 92  SER A O   1 
ATOM   637  C CB  . SER A 1 95  ? -26.103 4.780   3.412   1.00 46.23 ? 92  SER A CB  1 
ATOM   638  O OG  . SER A 1 95  ? -26.952 5.860   3.773   1.00 49.14 ? 92  SER A OG  1 
ATOM   639  N N   . ILE A 1 96  ? -27.479 3.898   6.292   1.00 44.12 ? 93  ILE A N   1 
ATOM   640  C CA  . ILE A 1 96  ? -28.714 3.448   6.920   1.00 41.06 ? 93  ILE A CA  1 
ATOM   641  C C   . ILE A 1 96  ? -29.685 4.610   6.839   1.00 43.69 ? 93  ILE A C   1 
ATOM   642  O O   . ILE A 1 96  ? -29.467 5.656   7.448   1.00 39.77 ? 93  ILE A O   1 
ATOM   643  C CB  . ILE A 1 96  ? -28.486 3.068   8.388   1.00 39.88 ? 93  ILE A CB  1 
ATOM   644  C CG1 . ILE A 1 96  ? -27.607 1.819   8.481   1.00 39.97 ? 93  ILE A CG1 1 
ATOM   645  C CG2 . ILE A 1 96  ? -29.820 2.859   9.099   1.00 37.21 ? 93  ILE A CG2 1 
ATOM   646  C CD1 . ILE A 1 96  ? -27.165 1.471   9.894   1.00 37.85 ? 93  ILE A CD1 1 
ATOM   647  N N   . GLU A 1 97  ? -30.751 4.437   6.071   1.00 42.03 ? 94  GLU A N   1 
ATOM   648  C CA  . GLU A 1 97  ? -31.615 5.562   5.737   1.00 48.58 ? 94  GLU A CA  1 
ATOM   649  C C   . GLU A 1 97  ? -32.278 6.257   6.933   1.00 44.23 ? 94  GLU A C   1 
ATOM   650  O O   . GLU A 1 97  ? -32.602 7.443   6.857   1.00 45.31 ? 94  GLU A O   1 
ATOM   651  C CB  . GLU A 1 97  ? -32.649 5.151   4.685   1.00 47.85 ? 94  GLU A CB  1 
ATOM   652  C CG  . GLU A 1 97  ? -32.145 5.293   3.254   1.00 51.77 ? 94  GLU A CG  1 
ATOM   653  C CD  . GLU A 1 97  ? -30.775 4.664   3.039   1.00 55.38 ? 94  GLU A CD  1 
ATOM   654  O OE1 . GLU A 1 97  ? -30.719 3.451   2.731   1.00 58.26 ? 94  GLU A OE1 1 
ATOM   655  O OE2 . GLU A 1 97  ? -29.755 5.381   3.173   1.00 49.54 ? 94  GLU A OE2 1 
ATOM   656  N N   . SER A 1 98  ? -32.466 5.539   8.037   1.00 41.44 ? 95  SER A N   1 
ATOM   657  C CA  . SER A 1 98  ? -33.113 6.129   9.208   1.00 43.71 ? 95  SER A CA  1 
ATOM   658  C C   . SER A 1 98  ? -32.185 7.021   10.043  1.00 36.67 ? 95  SER A C   1 
ATOM   659  O O   . SER A 1 98  ? -32.657 7.838   10.831  1.00 42.46 ? 95  SER A O   1 
ATOM   660  C CB  . SER A 1 98  ? -33.765 5.048   10.088  1.00 40.37 ? 95  SER A CB  1 
ATOM   661  O OG  . SER A 1 98  ? -32.857 4.001   10.406  1.00 42.93 ? 95  SER A OG  1 
ATOM   662  N N   . GLU A 1 99  ? -30.874 6.872   9.867   1.00 37.57 ? 96  GLU A N   1 
ATOM   663  C CA  . GLU A 1 99  ? -29.914 7.638   10.660  1.00 32.99 ? 96  GLU A CA  1 
ATOM   664  C C   . GLU A 1 99  ? -30.115 9.134   10.521  1.00 33.66 ? 96  GLU A C   1 
ATOM   665  O O   . GLU A 1 99  ? -30.210 9.654   9.413   1.00 32.10 ? 96  GLU A O   1 
ATOM   666  C CB  . GLU A 1 99  ? -28.473 7.287   10.290  1.00 33.71 ? 96  GLU A CB  1 
ATOM   667  C CG  . GLU A 1 99  ? -27.958 6.046   10.976  1.00 35.98 ? 96  GLU A CG  1 
ATOM   668  C CD  . GLU A 1 99  ? -26.478 5.845   10.766  1.00 37.37 ? 96  GLU A CD  1 
ATOM   669  O OE1 . GLU A 1 99  ? -25.853 5.165   11.604  1.00 41.26 ? 96  GLU A OE1 1 
ATOM   670  O OE2 . GLU A 1 99  ? -25.941 6.366   9.763   1.00 35.70 ? 96  GLU A OE2 1 
ATOM   671  N N   . PRO A 1 100 ? -30.176 9.838   11.657  1.00 29.82 ? 97  PRO A N   1 
ATOM   672  C CA  . PRO A 1 100 ? -30.309 11.294  11.609  1.00 31.11 ? 97  PRO A CA  1 
ATOM   673  C C   . PRO A 1 100 ? -29.110 11.931  10.912  1.00 26.54 ? 97  PRO A C   1 
ATOM   674  O O   . PRO A 1 100 ? -28.003 11.383  10.946  1.00 24.82 ? 97  PRO A O   1 
ATOM   675  C CB  . PRO A 1 100 ? -30.373 11.698  13.086  1.00 32.66 ? 97  PRO A CB  1 
ATOM   676  C CG  . PRO A 1 100 ? -29.845 10.533  13.848  1.00 34.20 ? 97  PRO A CG  1 
ATOM   677  C CD  . PRO A 1 100 ? -30.167 9.316   13.034  1.00 33.05 ? 97  PRO A CD  1 
ATOM   678  N N   . PRO A 1 101 ? -29.329 13.079  10.264  1.00 28.85 ? 98  PRO A N   1 
ATOM   679  C CA  . PRO A 1 101 ? -28.274 13.805  9.560   1.00 27.87 ? 98  PRO A CA  1 
ATOM   680  C C   . PRO A 1 101 ? -27.029 14.077  10.414  1.00 25.66 ? 98  PRO A C   1 
ATOM   681  O O   . PRO A 1 101 ? -25.919 13.974  9.891   1.00 25.48 ? 98  PRO A O   1 
ATOM   682  C CB  . PRO A 1 101 ? -28.970 15.110  9.164   1.00 29.24 ? 98  PRO A CB  1 
ATOM   683  C CG  . PRO A 1 101 ? -30.366 14.677  8.910   1.00 29.92 ? 98  PRO A CG  1 
ATOM   684  C CD  . PRO A 1 101 ? -30.648 13.699  10.039  1.00 31.32 ? 98  PRO A CD  1 
ATOM   685  N N   . ALA A 1 102 ? -27.188 14.417  11.689  1.00 24.05 ? 99  ALA A N   1 
ATOM   686  C CA  . ALA A 1 102 ? -26.016 14.639  12.525  1.00 24.94 ? 99  ALA A CA  1 
ATOM   687  C C   . ALA A 1 102 ? -25.147 13.386  12.643  1.00 20.73 ? 99  ALA A C   1 
ATOM   688  O O   . ALA A 1 102 ? -23.917 13.473  12.686  1.00 21.05 ? 99  ALA A O   1 
ATOM   689  C CB  . ALA A 1 102 ? -26.430 15.137  13.920  1.00 26.31 ? 99  ALA A CB  1 
ATOM   690  N N   . GLN A 1 103 ? -25.785 12.226  12.730  1.00 21.21 ? 100 GLN A N   1 
ATOM   691  C CA  . GLN A 1 103 ? -25.036 10.977  12.859  1.00 21.90 ? 100 GLN A CA  1 
ATOM   692  C C   . GLN A 1 103 ? -24.333 10.615  11.556  1.00 22.72 ? 100 GLN A C   1 
ATOM   693  O O   . GLN A 1 103 ? -23.189 10.164  11.558  1.00 20.31 ? 100 GLN A O   1 
ATOM   694  C CB  . GLN A 1 103 ? -25.950 9.844   13.306  1.00 23.01 ? 100 GLN A CB  1 
ATOM   695  C CG  . GLN A 1 103 ? -25.243 8.527   13.546  1.00 24.83 ? 100 GLN A CG  1 
ATOM   696  C CD  . GLN A 1 103 ? -26.092 7.566   14.345  1.00 28.17 ? 100 GLN A CD  1 
ATOM   697  O OE1 . GLN A 1 103 ? -27.035 7.976   15.020  1.00 29.67 ? 100 GLN A OE1 1 
ATOM   698  N NE2 . GLN A 1 103 ? -25.752 6.285   14.296  1.00 29.59 ? 100 GLN A NE2 1 
ATOM   699  N N   . LYS A 1 104 ? -25.019 10.816  10.437  1.00 23.01 ? 101 LYS A N   1 
ATOM   700  C CA  . LYS A 1 104 ? -24.370 10.625  9.142   1.00 21.09 ? 101 LYS A CA  1 
ATOM   701  C C   . LYS A 1 104 ? -23.134 11.513  9.021   1.00 23.56 ? 101 LYS A C   1 
ATOM   702  O O   . LYS A 1 104 ? -22.101 11.075  8.526   1.00 24.34 ? 101 LYS A O   1 
ATOM   703  C CB  . LYS A 1 104 ? -25.338 10.888  7.981   1.00 25.03 ? 101 LYS A CB  1 
ATOM   704  C CG  . LYS A 1 104 ? -26.353 9.780   7.749   1.00 33.30 ? 101 LYS A CG  1 
ATOM   705  C CD  . LYS A 1 104 ? -27.308 10.160  6.630   1.00 36.67 ? 101 LYS A CD  1 
ATOM   706  C CE  . LYS A 1 104 ? -28.505 9.216   6.557   1.00 37.12 ? 101 LYS A CE  1 
ATOM   707  N NZ  . LYS A 1 104 ? -28.216 8.007   5.734   1.00 46.96 ? 101 LYS A NZ  1 
ATOM   708  N N   . GLN A 1 105 ? -23.231 12.762  9.471   1.00 19.84 ? 102 GLN A N   1 
ATOM   709  C CA  . GLN A 1 105 ? -22.096 13.668  9.390   1.00 21.10 ? 102 GLN A CA  1 
ATOM   710  C C   . GLN A 1 105 ? -20.968 13.246  10.328  1.00 22.25 ? 102 GLN A C   1 
ATOM   711  O O   . GLN A 1 105 ? -19.788 13.393  10.006  1.00 22.31 ? 102 GLN A O   1 
ATOM   712  C CB  . GLN A 1 105 ? -22.518 15.115  9.642   1.00 20.27 ? 102 GLN A CB  1 
ATOM   713  C CG  . GLN A 1 105 ? -21.374 16.122  9.580   1.00 22.94 ? 102 GLN A CG  1 
ATOM   714  C CD  . GLN A 1 105 ? -20.632 16.078  8.246   1.00 30.54 ? 102 GLN A CD  1 
ATOM   715  O OE1 . GLN A 1 105 ? -21.145 15.546  7.259   1.00 30.03 ? 102 GLN A OE1 1 
ATOM   716  N NE2 . GLN A 1 105 ? -19.424 16.634  8.216   1.00 33.90 ? 102 GLN A NE2 1 
ATOM   717  N N   . LEU A 1 106 ? -21.333 12.715  11.487  1.00 21.87 ? 103 LEU A N   1 
ATOM   718  C CA  . LEU A 1 106 ? -20.333 12.188  12.411  1.00 20.36 ? 103 LEU A CA  1 
ATOM   719  C C   . LEU A 1 106 ? -19.467 11.122  11.739  1.00 23.39 ? 103 LEU A C   1 
ATOM   720  O O   . LEU A 1 106 ? -18.242 11.153  11.842  1.00 24.08 ? 103 LEU A O   1 
ATOM   721  C CB  . LEU A 1 106 ? -21.009 11.599  13.650  1.00 22.29 ? 103 LEU A CB  1 
ATOM   722  C CG  . LEU A 1 106 ? -20.050 10.976  14.666  1.00 24.38 ? 103 LEU A CG  1 
ATOM   723  C CD1 . LEU A 1 106 ? -19.070 12.009  15.183  1.00 23.65 ? 103 LEU A CD1 1 
ATOM   724  C CD2 . LEU A 1 106 ? -20.855 10.364  15.813  1.00 23.64 ? 103 LEU A CD2 1 
ATOM   725  N N   . TRP A 1 107 ? -20.098 10.182  11.039  1.00 23.74 ? 104 TRP A N   1 
ATOM   726  C CA  . TRP A 1 107 ? -19.345 9.140   10.342  1.00 23.67 ? 104 TRP A CA  1 
ATOM   727  C C   . TRP A 1 107 ? -18.447 9.745   9.273   1.00 25.48 ? 104 TRP A C   1 
ATOM   728  O O   . TRP A 1 107 ? -17.336 9.265   9.037   1.00 25.06 ? 104 TRP A O   1 
ATOM   729  C CB  . TRP A 1 107 ? -20.260 8.104   9.681   1.00 25.24 ? 104 TRP A CB  1 
ATOM   730  C CG  . TRP A 1 107 ? -21.304 7.494   10.530  1.00 30.03 ? 104 TRP A CG  1 
ATOM   731  C CD1 . TRP A 1 107 ? -22.601 7.256   10.174  1.00 33.18 ? 104 TRP A CD1 1 
ATOM   732  C CD2 . TRP A 1 107 ? -21.163 7.022   11.873  1.00 30.19 ? 104 TRP A CD2 1 
ATOM   733  N NE1 . TRP A 1 107 ? -23.277 6.673   11.214  1.00 32.82 ? 104 TRP A NE1 1 
ATOM   734  C CE2 . TRP A 1 107 ? -22.417 6.514   12.267  1.00 34.00 ? 104 TRP A CE2 1 
ATOM   735  C CE3 . TRP A 1 107 ? -20.103 6.978   12.779  1.00 30.27 ? 104 TRP A CE3 1 
ATOM   736  C CZ2 . TRP A 1 107 ? -22.639 5.979   13.532  1.00 35.54 ? 104 TRP A CZ2 1 
ATOM   737  C CZ3 . TRP A 1 107 ? -20.325 6.442   14.035  1.00 34.45 ? 104 TRP A CZ3 1 
ATOM   738  C CH2 . TRP A 1 107 ? -21.581 5.952   14.399  1.00 35.96 ? 104 TRP A CH2 1 
ATOM   739  N N   . ILE A 1 108 ? -18.932 10.791  8.614   1.00 24.65 ? 105 ILE A N   1 
ATOM   740  C CA  . ILE A 1 108 ? -18.126 11.459  7.596   1.00 24.81 ? 105 ILE A CA  1 
ATOM   741  C C   . ILE A 1 108 ? -16.898 12.067  8.253   1.00 25.34 ? 105 ILE A C   1 
ATOM   742  O O   . ILE A 1 108 ? -15.790 12.008  7.703   1.00 25.07 ? 105 ILE A O   1 
ATOM   743  C CB  . ILE A 1 108 ? -18.909 12.575  6.867   1.00 25.74 ? 105 ILE A CB  1 
ATOM   744  C CG1 . ILE A 1 108 ? -20.067 11.985  6.059   1.00 28.22 ? 105 ILE A CG1 1 
ATOM   745  C CG2 . ILE A 1 108 ? -17.982 13.385  5.969   1.00 25.52 ? 105 ILE A CG2 1 
ATOM   746  C CD1 . ILE A 1 108 ? -19.676 10.894  5.134   1.00 30.49 ? 105 ILE A CD1 1 
ATOM   747  N N   . ARG A 1 109 ? -17.098 12.663  9.427   1.00 21.95 ? 106 ARG A N   1 
ATOM   748  C CA  . ARG A 1 109 ? -15.996 13.266  10.174  1.00 22.25 ? 106 ARG A CA  1 
ATOM   749  C C   . ARG A 1 109 ? -14.954 12.219  10.551  1.00 23.78 ? 106 ARG A C   1 
ATOM   750  O O   . ARG A 1 109 ? -13.751 12.473  10.474  1.00 25.87 ? 106 ARG A O   1 
ATOM   751  C CB  . ARG A 1 109 ? -16.502 13.987  11.428  1.00 26.88 ? 106 ARG A CB  1 
ATOM   752  C CG  . ARG A 1 109 ? -16.747 15.477  11.241  1.00 36.04 ? 106 ARG A CG  1 
ATOM   753  C CD  . ARG A 1 109 ? -17.001 16.177  12.594  1.00 37.70 ? 106 ARG A CD  1 
ATOM   754  N NE  . ARG A 1 109 ? -18.317 15.842  13.137  1.00 37.16 ? 106 ARG A NE  1 
ATOM   755  C CZ  . ARG A 1 109 ? -18.616 15.795  14.433  1.00 41.73 ? 106 ARG A CZ  1 
ATOM   756  N NH1 . ARG A 1 109 ? -17.696 16.066  15.352  1.00 39.70 ? 106 ARG A NH1 1 
ATOM   757  N NH2 . ARG A 1 109 ? -19.843 15.474  14.812  1.00 41.06 ? 106 ARG A NH2 1 
ATOM   758  N N   . MET A 1 110 ? -15.415 11.048  10.965  1.00 21.36 ? 107 MET A N   1 
ATOM   759  C CA  . MET A 1 110 ? -14.511 9.959   11.315  1.00 22.03 ? 107 MET A CA  1 
ATOM   760  C C   . MET A 1 110 ? -13.727 9.503   10.090  1.00 23.59 ? 107 MET A C   1 
ATOM   761  O O   . MET A 1 110 ? -12.511 9.410   10.131  1.00 20.93 ? 107 MET A O   1 
ATOM   762  C CB  . MET A 1 110 ? -15.290 8.804   11.931  1.00 23.27 ? 107 MET A CB  1 
ATOM   763  C CG  . MET A 1 110 ? -15.867 9.160   13.293  1.00 26.11 ? 107 MET A CG  1 
ATOM   764  S SD  . MET A 1 110 ? -17.125 8.002   13.856  1.00 35.51 ? 107 MET A SD  1 
ATOM   765  C CE  . MET A 1 110 ? -16.363 6.454   13.362  1.00 36.36 ? 107 MET A CE  1 
ATOM   766  N N   . ARG A 1 111 ? -14.444 9.228   9.006   1.00 23.47 ? 108 ARG A N   1 
ATOM   767  C CA  . ARG A 1 111 ? -13.827 8.855   7.731   1.00 24.10 ? 108 ARG A CA  1 
ATOM   768  C C   . ARG A 1 111 ? -12.746 9.839   7.318   1.00 25.88 ? 108 ARG A C   1 
ATOM   769  O O   . ARG A 1 111 ? -11.621 9.444   6.975   1.00 24.65 ? 108 ARG A O   1 
ATOM   770  C CB  . ARG A 1 111 ? -14.902 8.795   6.645   1.00 26.49 ? 108 ARG A CB  1 
ATOM   771  C CG  . ARG A 1 111 ? -14.370 8.435   5.271   1.00 30.61 ? 108 ARG A CG  1 
ATOM   772  C CD  . ARG A 1 111 ? -15.388 8.778   4.194   1.00 34.54 ? 108 ARG A CD  1 
ATOM   773  N NE  . ARG A 1 111 ? -15.435 10.211  3.920   1.00 35.37 ? 108 ARG A NE  1 
ATOM   774  C CZ  . ARG A 1 111 ? -16.328 10.786  3.119   1.00 37.11 ? 108 ARG A CZ  1 
ATOM   775  N NH1 . ARG A 1 111 ? -17.262 10.050  2.531   1.00 33.46 ? 108 ARG A NH1 1 
ATOM   776  N NH2 . ARG A 1 111 ? -16.297 12.096  2.914   1.00 35.74 ? 108 ARG A NH2 1 
ATOM   777  N N   . ASP A 1 112 ? -13.081 11.127  7.354   1.00 24.97 ? 109 ASP A N   1 
ATOM   778  C CA  . ASP A 1 112 ? -12.138 12.179  7.001   1.00 25.10 ? 109 ASP A CA  1 
ATOM   779  C C   . ASP A 1 112 ? -10.913 12.205  7.916   1.00 26.96 ? 109 ASP A C   1 
ATOM   780  O O   . ASP A 1 112 ? -9.817  12.511  7.467   1.00 25.26 ? 109 ASP A O   1 
ATOM   781  C CB  . ASP A 1 112 ? -12.819 13.556  6.997   1.00 26.98 ? 109 ASP A CB  1 
ATOM   782  C CG  . ASP A 1 112 ? -13.734 13.762  5.797   1.00 31.23 ? 109 ASP A CG  1 
ATOM   783  O OD1 . ASP A 1 112 ? -13.916 12.825  4.991   1.00 35.75 ? 109 ASP A OD1 1 
ATOM   784  O OD2 . ASP A 1 112 ? -14.280 14.875  5.662   1.00 43.88 ? 109 ASP A OD2 1 
ATOM   785  N N   . ALA A 1 113 ? -11.085 11.897  9.200   1.00 25.09 ? 110 ALA A N   1 
ATOM   786  C CA  . ALA A 1 113 ? -9.930  11.851  10.094  1.00 25.00 ? 110 ALA A CA  1 
ATOM   787  C C   . ALA A 1 113 ? -8.973  10.723  9.702   1.00 23.61 ? 110 ALA A C   1 
ATOM   788  O O   . ALA A 1 113 ? -7.757  10.882  9.764   1.00 23.17 ? 110 ALA A O   1 
ATOM   789  C CB  . ALA A 1 113 ? -10.380 11.679  11.529  1.00 25.71 ? 110 ALA A CB  1 
ATOM   790  N N   . VAL A 1 114 ? -9.533  9.577   9.332   1.00 21.34 ? 111 VAL A N   1 
ATOM   791  C CA  . VAL A 1 114 ? -8.718  8.449   8.894   1.00 22.54 ? 111 VAL A CA  1 
ATOM   792  C C   . VAL A 1 114 ? -8.007  8.808   7.596   1.00 25.32 ? 111 VAL A C   1 
ATOM   793  O O   . VAL A 1 114 ? -6.804  8.569   7.430   1.00 24.18 ? 111 VAL A O   1 
ATOM   794  C CB  . VAL A 1 114 ? -9.574  7.179   8.699   1.00 25.08 ? 111 VAL A CB  1 
ATOM   795  C CG1 . VAL A 1 114 ? -8.765  6.083   8.005   1.00 31.40 ? 111 VAL A CG1 1 
ATOM   796  C CG2 . VAL A 1 114 ? -10.126 6.699   10.056  1.00 26.50 ? 111 VAL A CG2 1 
ATOM   797  N N   . ARG A 1 115 ? -8.756  9.384   6.666   1.00 25.88 ? 112 ARG A N   1 
ATOM   798  C CA  . ARG A 1 115 ? -8.179  9.763   5.381   1.00 25.02 ? 112 ARG A CA  1 
ATOM   799  C C   . ARG A 1 115 ? -6.994  10.695  5.590   1.00 26.13 ? 112 ARG A C   1 
ATOM   800  O O   . ARG A 1 115 ? -5.944  10.518  4.972   1.00 26.70 ? 112 ARG A O   1 
ATOM   801  C CB  . ARG A 1 115 ? -9.232  10.427  4.496   1.00 26.74 ? 112 ARG A CB  1 
ATOM   802  C CG  . ARG A 1 115 ? -8.679  10.912  3.164   1.00 38.30 ? 112 ARG A CG  1 
ATOM   803  C CD  . ARG A 1 115 ? -9.423  12.146  2.679   1.00 41.13 ? 112 ARG A CD  1 
ATOM   804  N NE  . ARG A 1 115 ? -10.701 11.811  2.060   1.00 51.67 ? 112 ARG A NE  1 
ATOM   805  C CZ  . ARG A 1 115 ? -11.808 12.532  2.204   1.00 50.18 ? 112 ARG A CZ  1 
ATOM   806  N NH1 . ARG A 1 115 ? -11.787 13.628  2.956   1.00 47.74 ? 112 ARG A NH1 1 
ATOM   807  N NH2 . ARG A 1 115 ? -12.931 12.155  1.600   1.00 44.83 ? 112 ARG A NH2 1 
ATOM   808  N N   . ASP A 1 116 ? -7.159  11.683  6.464   1.00 27.71 ? 113 ASP A N   1 
ATOM   809  C CA  . ASP A 1 116 ? -6.076  12.608  6.806   1.00 30.45 ? 113 ASP A CA  1 
ATOM   810  C C   . ASP A 1 116 ? -4.804  11.902  7.283   1.00 30.97 ? 113 ASP A C   1 
ATOM   811  O O   . ASP A 1 116 ? -3.705  12.229  6.837   1.00 30.41 ? 113 ASP A O   1 
ATOM   812  C CB  . ASP A 1 116 ? -6.537  13.617  7.865   1.00 31.30 ? 113 ASP A CB  1 
ATOM   813  C CG  . ASP A 1 116 ? -5.428  14.552  8.300   1.00 44.47 ? 113 ASP A CG  1 
ATOM   814  O OD1 . ASP A 1 116 ? -5.081  15.463  7.516   1.00 53.39 ? 113 ASP A OD1 1 
ATOM   815  O OD2 . ASP A 1 116 ? -4.902  14.383  9.427   1.00 47.63 ? 113 ASP A OD2 1 
ATOM   816  N N   . VAL A 1 117 ? -4.943  10.947  8.196   1.00 24.59 ? 114 VAL A N   1 
ATOM   817  C CA  . VAL A 1 117 ? -3.785  10.199  8.669   1.00 24.37 ? 114 VAL A CA  1 
ATOM   818  C C   . VAL A 1 117 ? -3.107  9.489   7.496   1.00 25.38 ? 114 VAL A C   1 
ATOM   819  O O   . VAL A 1 117 ? -1.894  9.553   7.334   1.00 25.93 ? 114 VAL A O   1 
ATOM   820  C CB  . VAL A 1 117 ? -4.161  9.179   9.778   1.00 27.21 ? 114 VAL A CB  1 
ATOM   821  C CG1 . VAL A 1 117 ? -2.983  8.271   10.102  1.00 26.67 ? 114 VAL A CG1 1 
ATOM   822  C CG2 . VAL A 1 117 ? -4.611  9.910   11.028  1.00 26.64 ? 114 VAL A CG2 1 
ATOM   823  N N   . LEU A 1 118 ? -3.905  8.821   6.681   1.00 21.72 ? 115 LEU A N   1 
ATOM   824  C CA  . LEU A 1 118 ? -3.379  8.032   5.569   1.00 22.42 ? 115 LEU A CA  1 
ATOM   825  C C   . LEU A 1 118 ? -2.725  8.891   4.501   1.00 26.05 ? 115 LEU A C   1 
ATOM   826  O O   . LEU A 1 118 ? -1.678  8.528   3.964   1.00 23.87 ? 115 LEU A O   1 
ATOM   827  C CB  . LEU A 1 118 ? -4.499  7.199   4.954   1.00 23.83 ? 115 LEU A CB  1 
ATOM   828  C CG  . LEU A 1 118 ? -4.797  5.912   5.705   1.00 24.98 ? 115 LEU A CG  1 
ATOM   829  C CD1 . LEU A 1 118 ? -5.982  5.198   5.083   1.00 28.99 ? 115 LEU A CD1 1 
ATOM   830  C CD2 . LEU A 1 118 ? -3.564  5.026   5.666   1.00 26.35 ? 115 LEU A CD2 1 
ATOM   831  N N   . ASP A 1 119 ? -3.339  10.029  4.195   1.00 26.25 ? 116 ASP A N   1 
ATOM   832  C CA  . ASP A 1 119 ? -2.831  10.899  3.125   1.00 27.80 ? 116 ASP A CA  1 
ATOM   833  C C   . ASP A 1 119 ? -1.572  11.646  3.510   1.00 30.04 ? 116 ASP A C   1 
ATOM   834  O O   . ASP A 1 119 ? -0.768  12.001  2.648   1.00 31.54 ? 116 ASP A O   1 
ATOM   835  C CB  . ASP A 1 119 ? -3.887  11.911  2.684   1.00 30.50 ? 116 ASP A CB  1 
ATOM   836  C CG  . ASP A 1 119 ? -4.982  11.286  1.878   1.00 34.50 ? 116 ASP A CG  1 
ATOM   837  O OD1 . ASP A 1 119 ? -4.856  10.095  1.541   1.00 33.51 ? 116 ASP A OD1 1 
ATOM   838  O OD2 . ASP A 1 119 ? -5.970  11.987  1.571   1.00 39.10 ? 116 ASP A OD2 1 
ATOM   839  N N   . ASN A 1 120 ? -1.399  11.896  4.798   1.00 27.61 ? 117 ASN A N   1 
ATOM   840  C CA  . ASN A 1 120 ? -0.253  12.657  5.262   1.00 29.38 ? 117 ASN A CA  1 
ATOM   841  C C   . ASN A 1 120 ? 0.849   11.761  5.805   1.00 27.76 ? 117 ASN A C   1 
ATOM   842  O O   . ASN A 1 120 ? 1.768   12.224  6.489   1.00 30.66 ? 117 ASN A O   1 
ATOM   843  C CB  . ASN A 1 120 ? -0.687  13.689  6.302   1.00 34.72 ? 117 ASN A CB  1 
ATOM   844  C CG  . ASN A 1 120 ? -1.688  14.691  5.744   1.00 37.28 ? 117 ASN A CG  1 
ATOM   845  O OD1 . ASN A 1 120 ? -2.764  14.889  6.311   1.00 44.30 ? 117 ASN A OD1 1 
ATOM   846  N ND2 . ASN A 1 120 ? -1.337  15.327  4.634   1.00 39.30 ? 117 ASN A ND2 1 
ATOM   847  N N   . THR A 1 121 ? 0.751   10.471  5.497   1.00 24.99 ? 118 THR A N   1 
ATOM   848  C CA  . THR A 1 121 ? 1.794   9.522   5.862   1.00 24.85 ? 118 THR A CA  1 
ATOM   849  C C   . THR A 1 121 ? 2.472   9.050   4.582   1.00 22.12 ? 118 THR A C   1 
ATOM   850  O O   . THR A 1 121 ? 1.840   8.385   3.764   1.00 24.93 ? 118 THR A O   1 
ATOM   851  C CB  . THR A 1 121 ? 1.223   8.306   6.605   1.00 24.62 ? 118 THR A CB  1 
ATOM   852  O OG1 . THR A 1 121 ? 0.624   8.736   7.834   1.00 28.92 ? 118 THR A OG1 1 
ATOM   853  C CG2 . THR A 1 121 ? 2.325   7.298   6.922   1.00 25.80 ? 118 THR A CG2 1 
ATOM   854  N N   . THR A 1 122 ? 3.738   9.406   4.377   1.00 26.78 ? 119 THR A N   1 
ATOM   855  C CA  . THR A 1 122 ? 4.421   8.926   3.176   1.00 22.49 ? 119 THR A CA  1 
ATOM   856  C C   . THR A 1 122 ? 5.011   7.543   3.392   1.00 22.69 ? 119 THR A C   1 
ATOM   857  O O   . THR A 1 122 ? 5.236   7.105   4.517   1.00 23.10 ? 119 THR A O   1 
ATOM   858  C CB  . THR A 1 122 ? 5.548   9.876   2.678   1.00 24.00 ? 119 THR A CB  1 
ATOM   859  O OG1 . THR A 1 122 ? 6.655   9.844   3.587   1.00 27.24 ? 119 THR A OG1 1 
ATOM   860  C CG2 . THR A 1 122 ? 5.038   11.307  2.520   1.00 26.94 ? 119 THR A CG2 1 
ATOM   861  N N   . LEU A 1 123 ? 5.280   6.856   2.292   1.00 21.35 ? 120 LEU A N   1 
ATOM   862  C CA  . LEU A 1 123 ? 5.952   5.578   2.352   1.00 19.96 ? 120 LEU A CA  1 
ATOM   863  C C   . LEU A 1 123 ? 7.366   5.721   2.894   1.00 20.74 ? 120 LEU A C   1 
ATOM   864  O O   . LEU A 1 123 ? 7.868   4.821   3.556   1.00 23.32 ? 120 LEU A O   1 
ATOM   865  C CB  . LEU A 1 123 ? 5.996   4.955   0.952   1.00 21.56 ? 120 LEU A CB  1 
ATOM   866  C CG  . LEU A 1 123 ? 6.552   3.539   0.829   1.00 21.19 ? 120 LEU A CG  1 
ATOM   867  C CD1 . LEU A 1 123 ? 5.749   2.545   1.662   1.00 22.09 ? 120 LEU A CD1 1 
ATOM   868  C CD2 . LEU A 1 123 ? 6.538   3.118   -0.642  1.00 23.75 ? 120 LEU A CD2 1 
ATOM   869  N N   . LYS A 1 124 ? 8.035   6.828   2.573   1.00 21.15 ? 121 LYS A N   1 
ATOM   870  C CA  . LYS A 1 124 ? 9.379   7.053   3.090   1.00 23.52 ? 121 LYS A CA  1 
ATOM   871  C C   . LYS A 1 124 ? 9.321   7.096   4.611   1.00 25.35 ? 121 LYS A C   1 
ATOM   872  O O   . LYS A 1 124 ? 10.149  6.504   5.299   1.00 25.63 ? 121 LYS A O   1 
ATOM   873  C CB  . LYS A 1 124 ? 9.959   8.366   2.546   1.00 26.61 ? 121 LYS A CB  1 
ATOM   874  C CG  . LYS A 1 124 ? 11.365  8.705   3.058   1.00 30.94 ? 121 LYS A CG  1 
ATOM   875  C CD  . LYS A 1 124 ? 12.451  7.870   2.398   1.00 36.41 ? 121 LYS A CD  1 
ATOM   876  C CE  . LYS A 1 124 ? 12.595  6.501   3.049   1.00 39.99 ? 121 LYS A CE  1 
ATOM   877  N NZ  . LYS A 1 124 ? 13.768  5.731   2.532   1.00 42.10 ? 121 LYS A NZ  1 
ATOM   878  N N   . TYR A 1 125 ? 8.322   7.803   5.116   1.00 26.20 ? 122 TYR A N   1 
ATOM   879  C CA  . TYR A 1 125 ? 8.080   7.926   6.544   1.00 29.35 ? 122 TYR A CA  1 
ATOM   880  C C   . TYR A 1 125 ? 7.893   6.537   7.158   1.00 28.81 ? 122 TYR A C   1 
ATOM   881  O O   . TYR A 1 125 ? 8.510   6.207   8.175   1.00 29.90 ? 122 TYR A O   1 
ATOM   882  C CB  . TYR A 1 125 ? 6.843   8.796   6.743   1.00 27.73 ? 122 TYR A CB  1 
ATOM   883  C CG  . TYR A 1 125 ? 6.751   9.483   8.075   1.00 39.29 ? 122 TYR A CG  1 
ATOM   884  C CD1 . TYR A 1 125 ? 7.369   10.709  8.293   1.00 39.44 ? 122 TYR A CD1 1 
ATOM   885  C CD2 . TYR A 1 125 ? 6.031   8.918   9.111   1.00 37.97 ? 122 TYR A CD2 1 
ATOM   886  C CE1 . TYR A 1 125 ? 7.274   11.346  9.510   1.00 43.87 ? 122 TYR A CE1 1 
ATOM   887  C CE2 . TYR A 1 125 ? 5.929   9.547   10.335  1.00 42.83 ? 122 TYR A CE2 1 
ATOM   888  C CZ  . TYR A 1 125 ? 6.555   10.756  10.529  1.00 42.21 ? 122 TYR A CZ  1 
ATOM   889  O OH  . TYR A 1 125 ? 6.455   11.378  11.749  1.00 44.68 ? 122 TYR A OH  1 
ATOM   890  N N   . LEU A 1 126 ? 7.067   5.704   6.531   1.00 21.62 ? 123 LEU A N   1 
ATOM   891  C CA  . LEU A 1 126 ? 6.873   4.340   7.023   1.00 22.98 ? 123 LEU A CA  1 
ATOM   892  C C   . LEU A 1 126 ? 8.175   3.527   7.005   1.00 28.42 ? 123 LEU A C   1 
ATOM   893  O O   . LEU A 1 126 ? 8.420   2.683   7.867   1.00 27.58 ? 123 LEU A O   1 
ATOM   894  C CB  . LEU A 1 126 ? 5.785   3.621   6.224   1.00 22.08 ? 123 LEU A CB  1 
ATOM   895  C CG  . LEU A 1 126 ? 4.376   4.177   6.430   1.00 21.15 ? 123 LEU A CG  1 
ATOM   896  C CD1 . LEU A 1 126 ? 3.377   3.614   5.435   1.00 23.95 ? 123 LEU A CD1 1 
ATOM   897  C CD2 . LEU A 1 126 ? 3.912   3.910   7.879   1.00 22.74 ? 123 LEU A CD2 1 
ATOM   898  N N   . ALA A 1 127 ? 9.014   3.777   6.010   1.00 23.05 ? 124 ALA A N   1 
ATOM   899  C CA  . ALA A 1 127 ? 10.239  3.016   5.873   1.00 24.70 ? 124 ALA A CA  1 
ATOM   900  C C   . ALA A 1 127 ? 11.293  3.400   6.906   1.00 27.67 ? 124 ALA A C   1 
ATOM   901  O O   . ALA A 1 127 ? 12.179  2.602   7.212   1.00 35.88 ? 124 ALA A O   1 
ATOM   902  C CB  . ALA A 1 127 ? 10.795  3.183   4.466   1.00 25.25 ? 124 ALA A CB  1 
ATOM   903  N N   . GLU A 1 128 ? 11.198  4.613   7.434   1.00 25.66 ? 125 GLU A N   1 
ATOM   904  C CA  . GLU A 1 128 ? 12.248  5.148   8.304   1.00 31.17 ? 125 GLU A CA  1 
ATOM   905  C C   . GLU A 1 128 ? 11.860  5.185   9.776   1.00 28.20 ? 125 GLU A C   1 
ATOM   906  O O   . GLU A 1 128 ? 12.587  5.732   10.603  1.00 30.74 ? 125 GLU A O   1 
ATOM   907  C CB  . GLU A 1 128 ? 12.670  6.537   7.836   1.00 33.37 ? 125 GLU A CB  1 
ATOM   908  C CG  . GLU A 1 128 ? 13.416  6.482   6.499   1.00 33.62 ? 125 GLU A CG  1 
ATOM   909  C CD  . GLU A 1 128 ? 13.829  7.839   5.969   1.00 43.22 ? 125 GLU A CD  1 
ATOM   910  O OE1 . GLU A 1 128 ? 14.687  7.877   5.060   1.00 47.81 ? 125 GLU A OE1 1 
ATOM   911  O OE2 . GLU A 1 128 ? 13.293  8.859   6.445   1.00 46.10 ? 125 GLU A OE2 1 
ATOM   912  N N   . TYR A 1 129 ? 10.698  4.632   10.088  1.00 28.71 ? 126 TYR A N   1 
ATOM   913  C CA  . TYR A 1 129 ? 10.239  4.535   11.472  1.00 25.54 ? 126 TYR A CA  1 
ATOM   914  C C   . TYR A 1 129 ? 11.264  3.742   12.264  1.00 22.16 ? 126 TYR A C   1 
ATOM   915  O O   . TYR A 1 129 ? 11.742  2.704   11.811  1.00 26.04 ? 126 TYR A O   1 
ATOM   916  C CB  . TYR A 1 129 ? 8.887   3.830   11.472  1.00 24.69 ? 126 TYR A CB  1 
ATOM   917  C CG  . TYR A 1 129 ? 8.205   3.586   12.807  1.00 21.31 ? 126 TYR A CG  1 
ATOM   918  C CD1 . TYR A 1 129 ? 7.500   4.595   13.438  1.00 25.12 ? 126 TYR A CD1 1 
ATOM   919  C CD2 . TYR A 1 129 ? 8.192   2.321   13.366  1.00 25.16 ? 126 TYR A CD2 1 
ATOM   920  C CE1 . TYR A 1 129 ? 6.825   4.356   14.639  1.00 24.68 ? 126 TYR A CE1 1 
ATOM   921  C CE2 . TYR A 1 129 ? 7.524   2.065   14.557  1.00 24.19 ? 126 TYR A CE2 1 
ATOM   922  C CZ  . TYR A 1 129 ? 6.856   3.083   15.190  1.00 26.74 ? 126 TYR A CZ  1 
ATOM   923  O OH  . TYR A 1 129 ? 6.187   2.813   16.374  1.00 26.47 ? 126 TYR A OH  1 
ATOM   924  N N   . VAL A 1 130 ? 11.599  4.234   13.453  1.00 25.87 ? 127 VAL A N   1 
ATOM   925  C CA  . VAL A 1 130 ? 12.621  3.614   14.275  1.00 23.06 ? 127 VAL A CA  1 
ATOM   926  C C   . VAL A 1 130 ? 11.983  2.956   15.483  1.00 25.30 ? 127 VAL A C   1 
ATOM   927  O O   . VAL A 1 130 ? 11.271  3.606   16.227  1.00 24.87 ? 127 VAL A O   1 
ATOM   928  C CB  . VAL A 1 130 ? 13.632  4.651   14.779  1.00 27.30 ? 127 VAL A CB  1 
ATOM   929  C CG1 . VAL A 1 130 ? 14.648  3.993   15.704  1.00 29.72 ? 127 VAL A CG1 1 
ATOM   930  C CG2 . VAL A 1 130 ? 14.331  5.312   13.594  1.00 29.52 ? 127 VAL A CG2 1 
ATOM   931  N N   . ASP A 1 131 ? 12.244  1.670   15.671  1.00 27.16 ? 128 ASP A N   1 
ATOM   932  C CA  . ASP A 1 131 ? 11.697  0.937   16.810  1.00 28.38 ? 128 ASP A CA  1 
ATOM   933  C C   . ASP A 1 131 ? 12.838  0.203   17.500  1.00 33.20 ? 128 ASP A C   1 
ATOM   934  O O   . ASP A 1 131 ? 13.978  0.288   17.053  1.00 33.43 ? 128 ASP A O   1 
ATOM   935  C CB  . ASP A 1 131 ? 10.650  -0.052  16.298  1.00 33.80 ? 128 ASP A CB  1 
ATOM   936  C CG  . ASP A 1 131 ? 9.978   -0.842  17.406  1.00 34.51 ? 128 ASP A CG  1 
ATOM   937  O OD1 . ASP A 1 131 ? 9.849   -0.323  18.535  1.00 37.90 ? 128 ASP A OD1 1 
ATOM   938  O OD2 . ASP A 1 131 ? 9.573   -1.989  17.127  1.00 39.04 ? 128 ASP A OD2 1 
ATOM   939  N N   . THR A 1 132 ? 12.531  -0.471  18.610  1.00 33.32 ? 129 THR A N   1 
ATOM   940  C CA  . THR A 1 132 ? 13.429  -1.452  19.253  1.00 41.96 ? 129 THR A CA  1 
ATOM   941  C C   . THR A 1 132 ? 13.567  -1.235  20.760  1.00 40.35 ? 129 THR A C   1 
ATOM   942  O O   . THR A 1 132 ? 12.764  -0.528  21.373  1.00 42.11 ? 129 THR A O   1 
ATOM   943  C CB  . THR A 1 132 ? 14.837  -1.549  18.591  1.00 46.12 ? 129 THR A CB  1 
ATOM   944  O OG1 . THR A 1 132 ? 15.293  -2.907  18.620  1.00 51.34 ? 129 THR A OG1 1 
ATOM   945  C CG2 . THR A 1 132 ? 15.854  -0.654  19.306  1.00 46.14 ? 129 THR A CG2 1 
HETATM 946  O O   . HOH B 2 .   ? -8.248  14.411  5.526   1.00 44.36 ? 141 HOH A O   1 
HETATM 947  O O   . HOH B 2 .   ? 12.808  -0.655  -4.327  1.00 27.00 ? 142 HOH A O   1 
HETATM 948  O O   . HOH B 2 .   ? 18.910  -6.202  -8.065  1.00 55.03 ? 143 HOH A O   1 
HETATM 949  O O   . HOH B 2 .   ? 12.164  8.748   -1.287  1.00 28.76 ? 144 HOH A O   1 
HETATM 950  O O   . HOH B 2 .   ? 3.491   -20.117 -4.397  1.00 41.21 ? 145 HOH A O   1 
HETATM 951  O O   . HOH B 2 .   ? -29.620 15.381  12.736  1.00 29.62 ? 146 HOH A O   1 
HETATM 952  O O   . HOH B 2 .   ? -3.047  -13.704 -8.959  1.00 37.44 ? 147 HOH A O   1 
HETATM 953  O O   . HOH B 2 .   ? -12.683 15.059  10.492  1.00 34.51 ? 148 HOH A O   1 
HETATM 954  O O   . HOH B 2 .   ? -22.141 8.828   6.817   1.00 34.95 ? 149 HOH A O   1 
HETATM 955  O O   . HOH B 2 .   ? 6.949   -17.758 -1.649  1.00 38.48 ? 150 HOH A O   1 
HETATM 956  O O   . HOH B 2 .   ? -22.582 15.980  13.338  1.00 30.61 ? 151 HOH A O   1 
HETATM 957  O O   . HOH B 2 .   ? 8.584   11.601  3.113   1.00 36.98 ? 152 HOH A O   1 
HETATM 958  O O   . HOH B 2 .   ? -25.807 14.393  7.374   1.00 30.10 ? 153 HOH A O   1 
HETATM 959  O O   . HOH B 2 .   ? 9.785   -14.458 -7.379  1.00 35.11 ? 154 HOH A O   1 
HETATM 960  O O   . HOH B 2 .   ? -3.886  0.349   -11.084 1.00 35.87 ? 155 HOH A O   1 
HETATM 961  O O   . HOH B 2 .   ? 2.246   -20.714 6.461   1.00 33.97 ? 156 HOH A O   1 
HETATM 962  O O   . HOH B 2 .   ? 1.930   6.831   -10.449 1.00 40.34 ? 157 HOH A O   1 
HETATM 963  O O   . HOH B 2 .   ? -1.909  11.268  -0.420  1.00 34.43 ? 158 HOH A O   1 
HETATM 964  O O   . HOH B 2 .   ? 5.973   8.536   -12.800 1.00 32.30 ? 159 HOH A O   1 
HETATM 965  O O   . HOH B 2 .   ? 7.440   -4.814  5.286   1.00 34.49 ? 160 HOH A O   1 
HETATM 966  O O   . HOH B 2 .   ? 18.297  -0.570  3.036   1.00 47.52 ? 161 HOH A O   1 
HETATM 967  O O   . HOH B 2 .   ? -2.480  4.414   -13.974 1.00 48.37 ? 162 HOH A O   1 
HETATM 968  O O   . HOH B 2 .   ? -28.858 0.751   3.102   1.00 50.19 ? 163 HOH A O   1 
HETATM 969  O O   . HOH B 2 .   ? -32.600 1.424   9.995   1.00 41.14 ? 164 HOH A O   1 
HETATM 970  O O   . HOH B 2 .   ? 10.336  -4.503  16.338  1.00 44.04 ? 165 HOH A O   1 
HETATM 971  O O   . HOH B 2 .   ? -26.189 6.226   6.930   1.00 37.32 ? 166 HOH A O   1 
HETATM 972  O O   . HOH B 2 .   ? -15.852 14.766  3.331   1.00 42.99 ? 167 HOH A O   1 
HETATM 973  O O   . HOH B 2 .   ? -0.414  6.408   -9.164  1.00 38.71 ? 168 HOH A O   1 
HETATM 974  O O   . HOH B 2 .   ? 15.519  5.130   10.150  1.00 38.58 ? 169 HOH A O   1 
HETATM 975  O O   . HOH B 2 .   ? -3.546  6.105   -5.596  1.00 33.44 ? 170 HOH A O   1 
HETATM 976  O O   . HOH B 2 .   ? -6.330  -7.121  -7.134  1.00 40.39 ? 171 HOH A O   1 
HETATM 977  O O   . HOH B 2 .   ? 17.651  -1.029  -11.116 1.00 45.67 ? 172 HOH A O   1 
HETATM 978  O O   . HOH B 2 .   ? -6.691  12.944  11.298  1.00 32.32 ? 173 HOH A O   1 
HETATM 979  O O   . HOH B 2 .   ? -4.583  -11.841 7.405   1.00 36.80 ? 174 HOH A O   1 
HETATM 980  O O   . HOH B 2 .   ? -2.934  11.400  -4.094  1.00 46.13 ? 175 HOH A O   1 
HETATM 981  O O   . HOH B 2 .   ? 1.247   7.603   -5.470  1.00 37.69 ? 176 HOH A O   1 
HETATM 982  O O   . HOH B 2 .   ? 13.175  -4.558  2.496   1.00 42.76 ? 177 HOH A O   1 
HETATM 983  O O   . HOH B 2 .   ? 12.372  -4.681  6.324   1.00 51.40 ? 178 HOH A O   1 
HETATM 984  O O   . HOH B 2 .   ? -5.230  -1.972  -12.569 1.00 47.10 ? 179 HOH A O   1 
HETATM 985  O O   . HOH B 2 .   ? -7.708  -2.383  -7.520  1.00 49.10 ? 180 HOH A O   1 
HETATM 986  O O   . HOH B 2 .   ? 5.706   -0.197  -13.751 1.00 36.50 ? 181 HOH A O   1 
HETATM 987  O O   . HOH B 2 .   ? -10.332 4.031   0.684   1.00 49.91 ? 182 HOH A O   1 
HETATM 988  O O   . HOH B 2 .   ? 14.127  0.895   10.848  1.00 47.65 ? 183 HOH A O   1 
HETATM 989  O O   . HOH B 2 .   ? 16.433  -15.473 -13.024 1.00 54.17 ? 184 HOH A O   1 
HETATM 990  O O   . HOH B 2 .   ? -28.057 13.775  5.493   1.00 33.24 ? 185 HOH A O   1 
HETATM 991  O O   . HOH B 2 .   ? 13.714  0.208   13.668  1.00 36.87 ? 186 HOH A O   1 
HETATM 992  O O   . HOH B 2 .   ? -5.476  12.530  -2.144  1.00 50.90 ? 187 HOH A O   1 
HETATM 993  O O   . HOH B 2 .   ? -7.665  16.802  13.568  1.00 52.40 ? 188 HOH A O   1 
HETATM 994  O O   . HOH B 2 .   ? -14.323 14.711  0.789   1.00 48.29 ? 189 HOH A O   1 
HETATM 995  O O   . HOH B 2 .   ? 14.869  -8.860  5.734   1.00 53.40 ? 190 HOH A O   1 
HETATM 996  O O   . HOH B 2 .   ? 9.375   -22.225 -1.807  1.00 41.65 ? 191 HOH A O   1 
HETATM 997  O O   . HOH B 2 .   ? 13.679  -7.674  1.903   1.00 44.55 ? 192 HOH A O   1 
HETATM 998  O O   . HOH B 2 .   ? -13.363 13.512  -1.566  1.00 45.78 ? 193 HOH A O   1 
HETATM 999  O O   . HOH B 2 .   ? -9.099  6.484   2.214   1.00 49.84 ? 194 HOH A O   1 
HETATM 1000 O O   . HOH B 2 .   ? -2.153  18.780  8.438   1.00 54.51 ? 195 HOH A O   1 
HETATM 1001 O O   . HOH B 2 .   ? 16.350  0.501   13.933  1.00 46.30 ? 196 HOH A O   1 
HETATM 1002 O O   . HOH B 2 .   ? 12.905  -7.730  8.060   1.00 59.18 ? 197 HOH A O   1 
HETATM 1003 O O   . HOH B 2 .   ? 17.118  0.651   16.839  1.00 46.43 ? 198 HOH A O   1 
HETATM 1004 O O   . HOH B 2 .   ? -10.561 -7.360  3.292   1.00 45.37 ? 199 HOH A O   1 
HETATM 1005 O O   . HOH B 2 .   ? -13.952 -5.309  4.555   1.00 51.49 ? 200 HOH A O   1 
HETATM 1006 O O   . HOH B 2 .   ? 0.258   -6.723  6.268   1.00 35.56 ? 201 HOH A O   1 
HETATM 1007 O O   . HOH B 2 .   ? 4.613   -18.067 0.226   1.00 36.40 ? 202 HOH A O   1 
HETATM 1008 O O   . HOH B 2 .   ? 7.122   -3.805  -14.716 1.00 35.28 ? 203 HOH A O   1 
HETATM 1009 O O   . HOH B 2 .   ? 11.207  10.193  7.092   1.00 37.02 ? 204 HOH A O   1 
HETATM 1010 O O   . HOH B 2 .   ? -11.721 -7.891  6.702   1.00 49.97 ? 205 HOH A O   1 
# 
